data_7Z51
#
_entry.id   7Z51
#
_cell.length_a   1.00
_cell.length_b   1.00
_cell.length_c   1.00
_cell.angle_alpha   90.00
_cell.angle_beta   90.00
_cell.angle_gamma   90.00
#
_symmetry.space_group_name_H-M   'P 1'
#
loop_
_entity.id
_entity.type
_entity.pdbx_description
1 polymer 'Envelope protein E'
2 polymer 'Small envelope protein M'
3 branched 2-acetamido-2-deoxy-beta-D-glucopyranose-(1-4)-[alpha-L-fucopyranose-(1-6)]2-acetamido-2-deoxy-beta-D-glucopyranose
4 non-polymer 1-PALMITOYL-2-LINOLEOYL-SN-GLYCERO-3-PHOSPHOCHOLINE
#
loop_
_entity_poly.entity_id
_entity_poly.type
_entity_poly.pdbx_seq_one_letter_code
_entity_poly.pdbx_strand_id
1 'polypeptide(L)'
;SRCTHLENRDFVTGTQGTTRVTLVLELGGCVTITAEGKPSMDVWLDAIYQENPAKTREYCLHAKLSDTKVAARCPTMGPA
TLAEEHQGGTVCKRDQSDRGWGNHCGLFGKGSIVACVKAACEAKKKATGHVYDANKIVYTVKVEPHTGDYVAANETHSGR
KTASFTVSSEKTILTMGEYGDVSLLCRVASGVDLAQTVILELDKTVEHLPTAWQVHRDWFNDLALPWKHEGAQNWNNAER
LVEFGAPHAVKMDVYNLGDQTGVLLKALAGVPVAHIEGTKYHLKSGHVTCEVGLEKLKMKGLTYTMCDKTKFTWKRAPTD
SGHDTVVMEVTFSGTKPCRIPVRAVAHGSPDVNVAMLITPNPTIENNGGGFIEMQLPPGDNIIYVGELSHQWFQKGSSIG
RVFQKTKKGIERLTVIGEHAWDFGSAGGFLSSIGKAVHTVLGGAFNSIFGGVGFLPKLLLGVALAWLGLNMRNPTMSMSF
LLAGGLVLAMTLGVGA
;
A,B,C
2 'polypeptide(L)' SVLIPSHAQGELTGRGHKWLEGDSLRTHLTRVEGWVWKNKLLALAMVTVVWLTLESVVTRVAVLVVLLCLAPVYA D,E,F
#
# COMPACT_ATOMS: atom_id res chain seq x y z
N SER A 1 25.06 57.37 -17.67
CA SER A 1 23.81 56.94 -16.99
C SER A 1 23.52 55.48 -17.29
N ARG A 2 23.70 54.63 -16.29
CA ARG A 2 23.47 53.20 -16.48
C ARG A 2 22.05 52.88 -16.91
N CYS A 3 21.10 53.75 -16.56
CA CYS A 3 19.70 53.43 -16.82
C CYS A 3 19.41 53.24 -18.30
N THR A 4 20.28 53.71 -19.19
CA THR A 4 20.08 53.52 -20.61
C THR A 4 20.45 52.12 -21.10
N HIS A 5 21.11 51.32 -20.27
CA HIS A 5 21.54 49.99 -20.67
C HIS A 5 20.44 48.94 -20.59
N LEU A 6 19.27 49.28 -20.06
CA LEU A 6 18.26 48.27 -19.78
C LEU A 6 16.87 48.78 -20.17
N GLU A 7 15.98 47.84 -20.45
CA GLU A 7 14.56 48.12 -20.39
C GLU A 7 14.13 48.22 -18.93
N ASN A 8 12.83 48.34 -18.70
CA ASN A 8 12.30 48.41 -17.34
C ASN A 8 12.82 49.63 -16.59
N ARG A 9 13.14 50.69 -17.34
CA ARG A 9 13.54 51.96 -16.73
C ARG A 9 12.31 52.72 -16.27
N ASP A 10 12.42 53.37 -15.11
CA ASP A 10 11.31 54.15 -14.59
C ASP A 10 11.77 55.58 -14.29
N PHE A 11 10.92 56.54 -14.61
CA PHE A 11 11.16 57.96 -14.37
C PHE A 11 10.31 58.40 -13.19
N VAL A 12 10.95 58.98 -12.17
CA VAL A 12 10.22 59.56 -11.05
C VAL A 12 10.63 61.02 -10.92
N THR A 13 9.65 61.91 -10.90
CA THR A 13 9.87 63.34 -10.88
C THR A 13 9.30 63.94 -9.60
N GLY A 14 10.13 64.72 -8.89
CA GLY A 14 9.69 65.42 -7.71
C GLY A 14 9.13 66.79 -8.04
N THR A 15 9.17 67.66 -7.03
CA THR A 15 8.74 69.04 -7.18
C THR A 15 9.52 69.87 -6.17
N GLN A 16 9.65 71.15 -6.46
CA GLN A 16 10.38 72.03 -5.55
C GLN A 16 9.78 71.94 -4.16
N GLY A 17 10.64 71.81 -3.15
CA GLY A 17 10.21 71.64 -1.79
C GLY A 17 9.98 70.20 -1.34
N THR A 18 10.06 69.23 -2.25
CA THR A 18 9.93 67.84 -1.87
C THR A 18 11.22 67.37 -1.21
N THR A 19 11.13 66.97 0.06
CA THR A 19 12.33 66.63 0.81
C THR A 19 12.94 65.31 0.37
N ARG A 20 12.12 64.28 0.21
CA ARG A 20 12.61 62.94 -0.06
C ARG A 20 11.50 62.12 -0.71
N VAL A 21 11.88 61.02 -1.35
CA VAL A 21 10.93 60.18 -2.08
C VAL A 21 11.15 58.71 -1.76
N THR A 22 10.07 57.94 -1.87
CA THR A 22 10.06 56.52 -1.59
C THR A 22 10.16 55.72 -2.89
N LEU A 23 11.03 54.72 -2.91
CA LEU A 23 11.23 53.87 -4.07
C LEU A 23 11.12 52.41 -3.65
N VAL A 24 10.62 51.58 -4.55
CA VAL A 24 10.78 50.13 -4.43
C VAL A 24 11.76 49.70 -5.50
N LEU A 25 12.93 49.27 -5.06
CA LEU A 25 14.02 48.89 -5.97
C LEU A 25 13.95 47.40 -6.20
N GLU A 26 14.01 47.02 -7.49
CA GLU A 26 13.86 45.64 -7.93
C GLU A 26 15.12 45.21 -8.66
N LEU A 27 15.47 43.94 -8.50
CA LEU A 27 16.56 43.40 -9.31
C LEU A 27 16.19 43.50 -10.78
N GLY A 28 17.18 43.84 -11.61
CA GLY A 28 16.92 44.00 -13.02
C GLY A 28 16.01 45.17 -13.34
N GLY A 29 16.21 46.30 -12.66
CA GLY A 29 15.43 47.50 -12.92
C GLY A 29 16.11 48.69 -12.29
N CYS A 30 15.71 49.88 -12.72
CA CYS A 30 16.30 51.10 -12.18
C CYS A 30 15.40 52.29 -12.43
N VAL A 31 15.60 53.33 -11.61
CA VAL A 31 14.81 54.54 -11.64
C VAL A 31 15.74 55.74 -11.80
N THR A 32 15.30 56.72 -12.59
CA THR A 32 15.96 58.01 -12.68
C THR A 32 15.12 59.02 -11.91
N ILE A 33 15.75 59.70 -10.96
CA ILE A 33 15.09 60.71 -10.15
C ILE A 33 15.40 62.07 -10.75
N THR A 34 14.36 62.83 -11.07
CA THR A 34 14.51 64.18 -11.56
C THR A 34 13.84 65.14 -10.59
N ALA A 35 14.45 66.31 -10.41
CA ALA A 35 13.95 67.31 -9.48
C ALA A 35 13.95 68.66 -10.17
N GLU A 36 13.12 69.57 -9.65
CA GLU A 36 12.88 70.83 -10.34
C GLU A 36 14.12 71.71 -10.41
N GLY A 37 15.04 71.59 -9.48
CA GLY A 37 16.22 72.44 -9.51
C GLY A 37 17.49 71.73 -9.08
N LYS A 38 17.51 70.40 -9.15
CA LYS A 38 18.62 69.63 -8.62
C LYS A 38 19.07 68.59 -9.64
N PRO A 39 20.34 68.21 -9.62
CA PRO A 39 20.84 67.25 -10.61
C PRO A 39 20.12 65.92 -10.53
N SER A 40 19.97 65.29 -11.70
CA SER A 40 19.34 63.98 -11.78
C SER A 40 20.25 62.92 -11.18
N MET A 41 19.65 61.82 -10.73
CA MET A 41 20.37 60.75 -10.07
C MET A 41 19.91 59.41 -10.63
N ASP A 42 20.83 58.43 -10.67
CA ASP A 42 20.50 57.07 -11.04
C ASP A 42 20.61 56.19 -9.81
N VAL A 43 19.55 55.44 -9.50
CA VAL A 43 19.52 54.58 -8.32
C VAL A 43 19.07 53.19 -8.73
N TRP A 44 19.80 52.17 -8.29
CA TRP A 44 19.39 50.80 -8.58
C TRP A 44 19.91 49.83 -7.53
N LEU A 45 19.33 48.64 -7.52
CA LEU A 45 19.63 47.59 -6.55
C LEU A 45 20.47 46.53 -7.24
N ASP A 46 21.67 46.26 -6.71
CA ASP A 46 22.62 45.41 -7.40
C ASP A 46 22.58 43.95 -6.92
N ALA A 47 22.45 43.71 -5.61
CA ALA A 47 22.57 42.35 -5.14
C ALA A 47 21.89 42.16 -3.79
N ILE A 48 21.33 40.96 -3.61
CA ILE A 48 20.82 40.48 -2.33
C ILE A 48 21.57 39.17 -2.06
N TYR A 49 22.37 39.14 -1.00
CA TYR A 49 23.22 37.97 -0.83
C TYR A 49 23.59 37.72 0.61
N GLN A 50 24.04 36.49 0.86
CA GLN A 50 24.56 36.08 2.17
C GLN A 50 25.80 35.24 1.98
N GLU A 51 26.70 35.26 2.95
CA GLU A 51 27.92 34.48 2.91
C GLU A 51 27.78 33.26 3.83
N ASN A 52 28.05 32.08 3.29
CA ASN A 52 27.96 30.82 4.02
C ASN A 52 26.63 30.68 4.77
N PRO A 53 25.51 30.60 4.06
CA PRO A 53 24.21 30.50 4.72
C PRO A 53 24.06 29.18 5.48
N ALA A 54 23.05 29.14 6.34
CA ALA A 54 22.75 27.94 7.12
C ALA A 54 22.11 26.88 6.25
N LYS A 55 22.39 25.61 6.56
CA LYS A 55 21.88 24.50 5.80
C LYS A 55 20.58 23.96 6.38
N THR A 56 19.90 23.16 5.57
CA THR A 56 18.69 22.44 5.94
C THR A 56 18.85 21.04 5.36
N ARG A 57 17.88 20.16 5.57
CA ARG A 57 18.07 18.75 5.30
C ARG A 57 18.33 18.49 3.82
N GLU A 58 19.28 17.60 3.57
CA GLU A 58 19.67 17.18 2.23
C GLU A 58 18.84 15.98 1.78
N TYR A 59 18.60 15.91 0.47
CA TYR A 59 17.91 14.81 -0.17
C TYR A 59 18.86 14.05 -1.09
N CYS A 60 18.67 12.74 -1.20
CA CYS A 60 19.43 11.92 -2.14
C CYS A 60 18.65 11.74 -3.44
N LEU A 61 19.37 11.56 -4.56
CA LEU A 61 18.72 11.37 -5.85
C LEU A 61 19.15 10.11 -6.60
N HIS A 62 20.17 9.38 -6.15
CA HIS A 62 20.60 8.16 -6.85
C HIS A 62 21.20 7.23 -5.82
N ALA A 63 20.43 6.21 -5.43
CA ALA A 63 20.86 5.29 -4.37
C ALA A 63 21.92 4.33 -4.86
N LYS A 64 22.90 4.06 -4.00
CA LYS A 64 23.90 3.04 -4.21
C LYS A 64 23.64 1.90 -3.24
N LEU A 65 23.60 0.67 -3.74
CA LEU A 65 23.23 -0.49 -2.96
C LEU A 65 24.39 -1.47 -2.89
N SER A 66 24.47 -2.20 -1.78
CA SER A 66 25.55 -3.16 -1.62
C SER A 66 25.17 -4.27 -0.66
N ASP A 67 25.86 -5.40 -0.80
CA ASP A 67 25.85 -6.51 0.16
C ASP A 67 24.44 -6.94 0.53
N THR A 68 23.72 -7.50 -0.45
CA THR A 68 22.40 -8.04 -0.19
C THR A 68 22.49 -9.32 0.63
N LYS A 69 21.54 -9.49 1.54
CA LYS A 69 21.43 -10.69 2.37
C LYS A 69 19.99 -11.16 2.34
N VAL A 70 19.80 -12.49 2.38
CA VAL A 70 18.47 -13.09 2.37
C VAL A 70 18.46 -14.28 3.34
N ALA A 71 17.32 -14.45 4.03
CA ALA A 71 17.12 -15.59 4.91
C ALA A 71 15.67 -16.02 4.84
N ALA A 72 15.41 -17.30 5.10
CA ALA A 72 14.05 -17.82 5.03
C ALA A 72 13.87 -18.97 5.99
N ARG A 73 12.61 -19.24 6.34
CA ARG A 73 12.25 -20.34 7.23
C ARG A 73 10.92 -20.95 6.79
N CYS A 74 10.73 -22.21 7.21
CA CYS A 74 9.66 -23.06 6.74
C CYS A 74 8.29 -22.61 7.29
N PRO A 75 7.21 -23.21 6.81
CA PRO A 75 5.86 -22.70 7.14
C PRO A 75 5.47 -22.75 8.60
N THR A 76 6.17 -23.51 9.44
CA THR A 76 5.78 -23.63 10.84
C THR A 76 6.89 -23.25 11.82
N MET A 77 8.12 -23.05 11.36
CA MET A 77 9.25 -22.79 12.23
C MET A 77 9.38 -21.32 12.60
N GLY A 78 8.32 -20.52 12.45
CA GLY A 78 8.35 -19.13 12.86
C GLY A 78 8.98 -18.20 11.85
N PRO A 79 8.95 -16.90 12.16
CA PRO A 79 9.44 -15.90 11.21
C PRO A 79 10.96 -15.90 11.08
N ALA A 80 11.43 -15.47 9.92
CA ALA A 80 12.85 -15.37 9.65
C ALA A 80 13.45 -14.17 10.38
N THR A 81 14.73 -14.30 10.73
CA THR A 81 15.45 -13.25 11.46
C THR A 81 16.85 -13.10 10.87
N LEU A 82 17.30 -11.86 10.74
CA LEU A 82 18.58 -11.55 10.10
C LEU A 82 19.26 -10.44 10.88
N ALA A 83 20.58 -10.57 11.07
CA ALA A 83 21.30 -9.67 11.97
C ALA A 83 21.24 -8.22 11.52
N GLU A 84 21.38 -7.96 10.21
CA GLU A 84 21.46 -6.59 9.74
C GLU A 84 20.16 -5.82 9.92
N GLU A 85 19.06 -6.51 10.23
CA GLU A 85 17.77 -5.85 10.30
C GLU A 85 17.69 -4.76 11.37
N HIS A 86 18.57 -4.80 12.38
CA HIS A 86 18.54 -3.83 13.47
C HIS A 86 19.62 -2.76 13.36
N GLN A 87 20.49 -2.83 12.36
CA GLN A 87 21.55 -1.86 12.20
C GLN A 87 21.04 -0.61 11.47
N GLY A 88 21.94 0.32 11.23
CA GLY A 88 21.63 1.54 10.50
C GLY A 88 22.22 1.52 9.10
N GLY A 89 21.65 2.33 8.22
CA GLY A 89 22.10 2.37 6.83
C GLY A 89 21.67 1.17 6.02
N THR A 90 20.62 0.47 6.44
CA THR A 90 20.18 -0.75 5.80
C THR A 90 18.68 -0.68 5.56
N VAL A 91 18.25 -1.21 4.40
CA VAL A 91 16.85 -1.32 4.06
C VAL A 91 16.50 -2.80 4.06
N CYS A 92 15.38 -3.14 4.70
CA CYS A 92 14.97 -4.53 4.86
C CYS A 92 13.48 -4.67 4.60
N LYS A 93 13.10 -5.83 4.06
CA LYS A 93 11.69 -6.17 3.89
C LYS A 93 11.50 -7.66 4.14
N ARG A 94 10.39 -8.00 4.80
CA ARG A 94 10.06 -9.36 5.15
C ARG A 94 8.66 -9.68 4.61
N ASP A 95 8.51 -10.89 4.07
CA ASP A 95 7.28 -11.28 3.39
C ASP A 95 7.15 -12.80 3.45
N GLN A 96 6.04 -13.28 2.90
CA GLN A 96 5.74 -14.71 2.85
C GLN A 96 5.91 -15.24 1.43
N SER A 97 6.37 -16.48 1.32
CA SER A 97 6.56 -17.12 0.03
C SER A 97 6.19 -18.60 0.13
N ASP A 98 5.86 -19.20 -1.00
CA ASP A 98 5.41 -20.58 -1.02
C ASP A 98 6.57 -21.55 -0.83
N ARG A 99 6.30 -22.63 -0.09
CA ARG A 99 7.27 -23.68 0.18
C ARG A 99 6.60 -25.03 0.00
N GLY A 100 7.43 -26.07 -0.06
CA GLY A 100 6.93 -27.44 -0.20
C GLY A 100 8.08 -28.40 -0.38
N TRP A 101 7.73 -29.68 -0.49
CA TRP A 101 8.78 -30.68 -0.63
C TRP A 101 9.66 -30.43 -1.85
N GLY A 102 9.19 -29.66 -2.84
CA GLY A 102 10.05 -29.27 -3.92
C GLY A 102 11.30 -28.58 -3.41
N ASN A 103 11.15 -27.85 -2.31
CA ASN A 103 12.26 -27.35 -1.52
C ASN A 103 12.43 -28.25 -0.30
N HIS A 104 13.56 -28.09 0.38
CA HIS A 104 13.97 -29.02 1.42
C HIS A 104 13.35 -28.63 2.76
N CYS A 105 12.03 -28.81 2.83
CA CYS A 105 11.26 -28.51 4.03
C CYS A 105 10.24 -29.60 4.28
N GLY A 106 9.56 -29.49 5.43
CA GLY A 106 8.67 -30.54 5.86
C GLY A 106 7.23 -30.44 5.39
N LEU A 107 6.75 -29.22 5.11
CA LEU A 107 5.34 -29.04 4.83
C LEU A 107 5.14 -28.11 3.63
N PHE A 108 3.91 -28.11 3.12
CA PHE A 108 3.49 -27.24 2.04
C PHE A 108 2.70 -26.07 2.61
N GLY A 109 3.12 -24.86 2.29
CA GLY A 109 2.41 -23.69 2.78
C GLY A 109 3.31 -22.46 2.73
N LYS A 110 2.78 -21.37 3.28
CA LYS A 110 3.47 -20.09 3.27
C LYS A 110 4.54 -20.05 4.37
N GLY A 111 5.79 -19.91 3.97
CA GLY A 111 6.89 -19.72 4.90
C GLY A 111 7.14 -18.25 5.15
N SER A 112 8.36 -17.95 5.60
CA SER A 112 8.77 -16.58 5.87
C SER A 112 10.11 -16.31 5.24
N ILE A 113 10.30 -15.11 4.70
CA ILE A 113 11.56 -14.72 4.06
C ILE A 113 11.82 -13.25 4.36
N VAL A 114 13.10 -12.90 4.55
CA VAL A 114 13.50 -11.53 4.82
C VAL A 114 14.75 -11.21 4.01
N ALA A 115 14.81 -9.98 3.47
CA ALA A 115 15.94 -9.52 2.66
C ALA A 115 16.38 -8.15 3.14
N CYS A 116 17.70 -7.90 3.07
CA CYS A 116 18.29 -6.64 3.51
C CYS A 116 19.41 -6.22 2.57
N VAL A 117 19.65 -4.91 2.51
CA VAL A 117 20.69 -4.35 1.65
C VAL A 117 21.22 -3.05 2.26
N LYS A 118 22.54 -2.84 2.17
CA LYS A 118 23.14 -1.59 2.62
C LYS A 118 22.91 -0.50 1.59
N ALA A 119 22.48 0.67 2.04
CA ALA A 119 22.13 1.78 1.16
C ALA A 119 22.98 3.00 1.46
N ALA A 120 23.37 3.72 0.40
CA ALA A 120 24.11 4.97 0.52
C ALA A 120 23.69 5.86 -0.65
N CYS A 121 24.25 7.07 -0.69
CA CYS A 121 23.98 8.01 -1.77
C CYS A 121 25.24 8.18 -2.60
N GLU A 122 25.08 8.14 -3.93
CA GLU A 122 26.22 8.15 -4.83
C GLU A 122 26.98 9.47 -4.70
N ALA A 123 28.22 9.48 -5.23
CA ALA A 123 29.18 10.51 -4.88
C ALA A 123 28.64 11.94 -4.99
N LYS A 124 27.99 12.28 -6.10
CA LYS A 124 27.64 13.68 -6.36
C LYS A 124 26.19 13.84 -6.78
N LYS A 125 25.29 13.06 -6.19
CA LYS A 125 23.88 13.07 -6.58
C LYS A 125 22.97 13.42 -5.40
N LYS A 126 23.32 14.47 -4.66
CA LYS A 126 22.57 14.87 -3.48
C LYS A 126 22.19 16.34 -3.58
N ALA A 127 20.88 16.61 -3.50
CA ALA A 127 20.39 17.98 -3.43
C ALA A 127 20.49 18.48 -2.00
N THR A 128 20.89 19.74 -1.83
CA THR A 128 21.09 20.32 -0.52
C THR A 128 20.46 21.70 -0.48
N GLY A 129 19.78 22.00 0.62
CA GLY A 129 19.03 23.24 0.77
C GLY A 129 19.69 24.19 1.76
N HIS A 130 19.63 25.48 1.48
CA HIS A 130 20.12 26.50 2.38
C HIS A 130 19.00 27.51 2.64
N VAL A 131 19.05 28.13 3.82
CA VAL A 131 18.05 29.12 4.24
C VAL A 131 18.77 30.36 4.74
N TYR A 132 18.17 31.52 4.50
CA TYR A 132 18.79 32.80 4.85
C TYR A 132 18.53 33.17 6.31
N ASP A 133 19.43 33.99 6.85
CA ASP A 133 19.32 34.53 8.20
C ASP A 133 19.07 36.03 8.09
N ALA A 134 18.00 36.51 8.73
CA ALA A 134 17.62 37.92 8.60
C ALA A 134 18.63 38.87 9.21
N ASN A 135 19.47 38.41 10.12
CA ASN A 135 20.44 39.27 10.78
C ASN A 135 21.78 39.33 10.06
N LYS A 136 21.92 38.62 8.95
CA LYS A 136 23.17 38.57 8.21
C LYS A 136 23.03 38.94 6.74
N ILE A 137 21.80 38.94 6.21
CA ILE A 137 21.58 39.21 4.79
C ILE A 137 22.10 40.60 4.46
N VAL A 138 22.59 40.77 3.23
CA VAL A 138 23.14 42.04 2.78
C VAL A 138 22.43 42.48 1.51
N TYR A 139 22.03 43.76 1.48
CA TYR A 139 21.50 44.39 0.28
C TYR A 139 22.52 45.41 -0.20
N THR A 140 22.78 45.46 -1.50
CA THR A 140 23.69 46.45 -2.08
C THR A 140 22.90 47.38 -3.00
N VAL A 141 22.89 48.67 -2.67
CA VAL A 141 22.27 49.68 -3.51
C VAL A 141 23.37 50.55 -4.10
N LYS A 142 23.22 50.95 -5.36
CA LYS A 142 24.20 51.80 -6.02
C LYS A 142 23.54 53.04 -6.58
N VAL A 143 24.29 54.15 -6.56
CA VAL A 143 23.79 55.44 -7.02
C VAL A 143 24.85 56.12 -7.88
N GLU A 144 24.42 56.73 -8.98
CA GLU A 144 25.30 57.34 -9.98
C GLU A 144 24.88 58.78 -10.20
N PRO A 145 25.83 59.73 -10.29
CA PRO A 145 25.46 61.15 -10.36
C PRO A 145 24.85 61.62 -11.66
N HIS A 146 24.85 60.80 -12.72
CA HIS A 146 24.25 61.20 -14.00
C HIS A 146 25.07 62.31 -14.68
N THR A 147 26.39 62.29 -14.49
CA THR A 147 27.24 63.27 -15.14
C THR A 147 27.13 63.15 -16.65
N GLY A 148 27.66 64.15 -17.36
CA GLY A 148 27.58 64.17 -18.80
C GLY A 148 28.46 63.15 -19.52
N ASP A 149 29.25 62.36 -18.80
CA ASP A 149 30.04 61.32 -19.43
C ASP A 149 29.16 60.13 -19.81
N TYR A 150 29.66 59.31 -20.74
CA TYR A 150 29.02 58.06 -21.10
C TYR A 150 30.05 56.94 -21.05
N VAL A 151 29.66 55.79 -20.50
CA VAL A 151 30.55 54.67 -20.27
C VAL A 151 29.82 53.37 -20.61
N ALA A 152 30.50 52.49 -21.34
CA ALA A 152 29.91 51.23 -21.78
C ALA A 152 29.61 50.32 -20.59
N ALA A 153 28.82 49.27 -20.86
CA ALA A 153 28.38 48.39 -19.80
C ALA A 153 29.49 47.53 -19.22
N ASN A 154 30.61 47.33 -19.92
CA ASN A 154 31.70 46.54 -19.38
C ASN A 154 32.76 47.40 -18.71
N GLU A 155 32.48 48.70 -18.55
CA GLU A 155 33.47 49.65 -18.07
C GLU A 155 32.91 50.40 -16.88
N THR A 156 33.81 50.81 -15.99
CA THR A 156 33.46 51.30 -14.67
C THR A 156 33.38 52.82 -14.65
N HIS A 157 32.24 53.34 -14.19
CA HIS A 157 32.04 54.78 -14.09
C HIS A 157 32.74 55.29 -12.84
N SER A 158 33.51 56.36 -12.97
CA SER A 158 34.35 56.83 -11.88
C SER A 158 33.56 57.50 -10.76
N GLY A 159 32.27 57.75 -10.94
CA GLY A 159 31.51 58.52 -9.96
C GLY A 159 30.47 57.79 -9.15
N ARG A 160 30.13 56.55 -9.51
CA ARG A 160 29.06 55.86 -8.81
C ARG A 160 29.53 55.34 -7.46
N LYS A 161 28.58 55.23 -6.53
CA LYS A 161 28.85 54.91 -5.14
C LYS A 161 27.94 53.79 -4.67
N THR A 162 28.38 53.12 -3.60
CA THR A 162 27.77 51.89 -3.09
C THR A 162 27.32 52.06 -1.64
N ALA A 163 26.18 51.46 -1.30
CA ALA A 163 25.66 51.42 0.07
C ALA A 163 25.26 49.99 0.38
N SER A 164 25.93 49.36 1.35
CA SER A 164 25.69 47.98 1.73
C SER A 164 24.84 47.96 3.00
N PHE A 165 23.53 47.87 2.83
CA PHE A 165 22.61 47.83 3.95
C PHE A 165 22.53 46.44 4.58
N THR A 166 22.39 46.44 5.91
CA THR A 166 22.14 45.26 6.71
C THR A 166 21.08 45.66 7.73
N VAL A 167 20.72 44.73 8.62
CA VAL A 167 19.77 45.06 9.66
C VAL A 167 20.32 46.13 10.59
N SER A 168 21.65 46.20 10.72
CA SER A 168 22.31 47.12 11.63
C SER A 168 22.72 48.44 10.98
N SER A 169 22.07 48.83 9.87
CA SER A 169 22.49 49.98 9.09
C SER A 169 21.58 51.17 9.34
N GLU A 170 22.18 52.33 9.61
CA GLU A 170 21.45 53.57 9.80
C GLU A 170 21.16 54.23 8.44
N LYS A 171 20.52 55.40 8.50
CA LYS A 171 20.49 56.27 7.34
C LYS A 171 21.91 56.68 6.98
N THR A 172 22.26 56.55 5.69
CA THR A 172 23.64 56.75 5.26
C THR A 172 23.71 57.80 4.16
N ILE A 173 24.84 58.52 4.13
CA ILE A 173 25.05 59.64 3.23
C ILE A 173 26.22 59.35 2.31
N LEU A 174 26.05 59.66 1.02
CA LEU A 174 27.07 59.45 0.00
C LEU A 174 27.46 60.81 -0.58
N THR A 175 28.77 61.07 -0.67
CA THR A 175 29.27 62.41 -0.93
C THR A 175 29.25 62.77 -2.42
N MET A 176 29.91 61.95 -3.24
CA MET A 176 29.96 62.14 -4.70
C MET A 176 30.32 63.57 -5.11
N GLY A 177 31.34 64.12 -4.48
CA GLY A 177 32.01 65.31 -5.01
C GLY A 177 31.14 66.56 -5.08
N GLU A 178 31.35 67.33 -6.14
CA GLU A 178 30.78 68.67 -6.24
C GLU A 178 29.27 68.68 -6.20
N TYR A 179 28.62 67.61 -6.66
CA TYR A 179 27.16 67.59 -6.66
C TYR A 179 26.57 67.55 -5.25
N GLY A 180 27.38 67.28 -4.24
CA GLY A 180 26.90 67.26 -2.87
C GLY A 180 26.34 65.91 -2.45
N ASP A 181 25.97 65.85 -1.16
CA ASP A 181 25.57 64.60 -0.54
C ASP A 181 24.16 64.18 -0.93
N VAL A 182 23.94 62.87 -0.97
CA VAL A 182 22.63 62.25 -1.13
C VAL A 182 22.44 61.26 0.01
N SER A 183 21.19 61.08 0.47
CA SER A 183 20.95 60.21 1.62
C SER A 183 20.06 59.03 1.25
N LEU A 184 20.31 57.90 1.91
CA LEU A 184 19.55 56.67 1.68
C LEU A 184 19.19 56.00 2.99
N LEU A 185 17.96 55.50 3.08
CA LEU A 185 17.52 54.69 4.21
C LEU A 185 16.67 53.55 3.67
N CYS A 186 17.22 52.33 3.69
CA CYS A 186 16.53 51.15 3.16
C CYS A 186 16.07 50.27 4.31
N ARG A 187 14.79 49.91 4.29
CA ARG A 187 14.17 49.12 5.34
C ARG A 187 14.35 47.64 5.04
N VAL A 188 15.38 47.02 5.64
CA VAL A 188 15.49 45.57 5.57
C VAL A 188 14.23 44.97 6.17
N ALA A 189 13.91 43.76 5.74
CA ALA A 189 12.70 43.04 6.15
C ALA A 189 11.44 43.66 5.56
N SER A 190 11.56 44.73 4.79
CA SER A 190 10.44 45.19 3.98
C SER A 190 10.38 44.45 2.64
N GLY A 191 11.45 43.74 2.28
CA GLY A 191 11.54 43.05 1.01
C GLY A 191 11.19 41.58 1.04
N VAL A 192 12.10 40.76 0.49
CA VAL A 192 11.84 39.34 0.31
C VAL A 192 11.47 38.71 1.64
N ASP A 193 10.42 37.88 1.63
CA ASP A 193 9.96 37.16 2.82
C ASP A 193 10.86 35.95 3.03
N LEU A 194 11.90 36.16 3.83
CA LEU A 194 12.92 35.14 4.02
C LEU A 194 12.40 33.90 4.76
N ALA A 195 11.20 33.98 5.36
CA ALA A 195 10.67 32.85 6.11
C ALA A 195 10.17 31.72 5.22
N GLN A 196 10.05 31.95 3.90
CA GLN A 196 9.50 30.94 3.02
C GLN A 196 10.29 30.79 1.72
N THR A 197 11.58 31.10 1.73
CA THR A 197 12.45 30.92 0.57
C THR A 197 13.58 29.96 0.92
N VAL A 198 13.88 29.04 0.02
CA VAL A 198 14.98 28.09 0.17
C VAL A 198 15.81 28.10 -1.09
N ILE A 199 17.13 28.11 -0.92
CA ILE A 199 18.07 28.05 -2.05
C ILE A 199 18.50 26.60 -2.22
N LEU A 200 18.21 26.04 -3.39
CA LEU A 200 18.44 24.63 -3.65
C LEU A 200 19.69 24.49 -4.50
N GLU A 201 20.68 23.76 -3.99
CA GLU A 201 21.93 23.50 -4.68
C GLU A 201 21.95 22.04 -5.07
N LEU A 202 22.28 21.77 -6.33
CA LEU A 202 22.23 20.42 -6.88
C LEU A 202 23.64 19.90 -7.17
N ASP A 203 24.41 20.63 -7.95
CA ASP A 203 25.84 20.35 -8.10
C ASP A 203 26.42 21.51 -8.90
N LYS A 204 27.13 22.40 -8.22
CA LYS A 204 27.68 23.59 -8.85
C LYS A 204 28.83 23.30 -9.79
N THR A 205 29.19 22.02 -9.99
CA THR A 205 30.32 21.68 -10.84
C THR A 205 29.96 21.46 -12.30
N VAL A 206 28.74 20.99 -12.59
CA VAL A 206 28.38 20.64 -13.95
C VAL A 206 28.32 21.89 -14.83
N GLU A 207 28.58 21.71 -16.12
CA GLU A 207 28.83 22.84 -17.01
C GLU A 207 27.54 23.51 -17.50
N HIS A 208 26.57 22.72 -17.94
CA HIS A 208 25.43 23.22 -18.71
C HIS A 208 24.13 23.23 -17.91
N LEU A 209 24.22 23.64 -16.65
CA LEU A 209 23.06 23.66 -15.79
C LEU A 209 23.20 24.83 -14.82
N PRO A 210 22.13 25.58 -14.55
CA PRO A 210 22.27 26.72 -13.63
C PRO A 210 22.66 26.25 -12.24
N THR A 211 23.37 27.12 -11.53
CA THR A 211 24.05 26.74 -10.31
C THR A 211 23.17 26.74 -9.07
N ALA A 212 21.92 27.22 -9.15
CA ALA A 212 21.05 27.16 -7.98
C ALA A 212 19.63 27.54 -8.38
N TRP A 213 18.68 27.17 -7.52
CA TRP A 213 17.26 27.50 -7.69
C TRP A 213 16.68 28.04 -6.40
N GLN A 214 15.64 28.86 -6.53
CA GLN A 214 14.93 29.45 -5.40
C GLN A 214 13.56 28.81 -5.25
N VAL A 215 13.51 27.68 -4.53
CA VAL A 215 12.29 26.90 -4.38
C VAL A 215 11.51 27.36 -3.14
N HIS A 216 10.21 27.03 -3.13
CA HIS A 216 9.34 27.39 -2.01
C HIS A 216 9.49 26.40 -0.87
N ARG A 217 9.41 26.91 0.37
CA ARG A 217 9.67 26.07 1.54
C ARG A 217 8.58 25.03 1.76
N ASP A 218 7.31 25.42 1.56
CA ASP A 218 6.22 24.47 1.72
C ASP A 218 6.30 23.33 0.71
N TRP A 219 7.01 23.53 -0.39
CA TRP A 219 7.23 22.49 -1.39
C TRP A 219 8.49 21.69 -1.07
N PHE A 220 9.49 22.34 -0.47
CA PHE A 220 10.73 21.65 -0.15
C PHE A 220 10.59 20.72 1.04
N ASN A 221 9.72 21.05 2.00
CA ASN A 221 9.65 20.23 3.21
C ASN A 221 8.86 18.94 3.03
N ASP A 222 8.10 18.78 1.95
CA ASP A 222 7.43 17.52 1.65
C ASP A 222 7.92 17.08 0.28
N LEU A 223 8.74 16.03 0.27
CA LEU A 223 9.38 15.57 -0.95
C LEU A 223 9.78 14.12 -0.74
N ALA A 224 9.23 13.23 -1.57
CA ALA A 224 9.40 11.79 -1.39
C ALA A 224 10.81 11.36 -1.83
N LEU A 225 11.77 11.60 -0.95
CA LEU A 225 13.15 11.21 -1.22
C LEU A 225 13.86 10.95 0.09
N PRO A 226 14.91 10.12 0.09
CA PRO A 226 15.71 9.94 1.31
C PRO A 226 16.35 11.26 1.74
N TRP A 227 16.44 11.47 3.05
CA TRP A 227 16.92 12.75 3.55
C TRP A 227 17.66 12.59 4.87
N LYS A 228 18.59 13.50 5.10
CA LYS A 228 19.35 13.56 6.35
C LYS A 228 19.91 14.96 6.51
N HIS A 229 20.34 15.28 7.73
CA HIS A 229 21.01 16.55 7.97
C HIS A 229 22.53 16.40 7.90
N GLU A 230 23.20 17.55 7.89
CA GLU A 230 24.61 17.59 7.51
C GLU A 230 25.47 16.61 8.30
N GLY A 231 25.32 16.58 9.62
CA GLY A 231 26.24 15.80 10.43
C GLY A 231 25.93 14.32 10.51
N ALA A 232 24.72 13.91 10.17
CA ALA A 232 24.34 12.51 10.31
C ALA A 232 25.08 11.64 9.31
N GLN A 233 25.31 10.39 9.68
CA GLN A 233 26.05 9.44 8.85
C GLN A 233 25.16 8.48 8.07
N ASN A 234 23.90 8.29 8.48
CA ASN A 234 23.02 7.31 7.89
C ASN A 234 21.71 7.95 7.42
N TRP A 235 21.23 7.48 6.28
CA TRP A 235 20.06 8.06 5.63
C TRP A 235 18.76 7.53 6.22
N ASN A 236 17.75 8.38 6.26
CA ASN A 236 16.40 7.98 6.64
C ASN A 236 15.57 7.69 5.40
N ASN A 237 14.62 6.78 5.55
CA ASN A 237 13.65 6.49 4.49
C ASN A 237 14.33 6.13 3.18
N ALA A 238 15.40 5.35 3.26
CA ALA A 238 16.03 4.84 2.03
C ALA A 238 15.09 3.92 1.27
N GLU A 239 14.01 3.47 1.90
CA GLU A 239 13.04 2.59 1.25
C GLU A 239 12.33 3.25 0.08
N ARG A 240 12.49 4.55 -0.12
CA ARG A 240 11.78 5.25 -1.19
C ARG A 240 12.45 5.07 -2.55
N LEU A 241 13.69 4.60 -2.59
CA LEU A 241 14.37 4.33 -3.86
C LEU A 241 14.58 2.85 -4.14
N VAL A 242 14.50 1.98 -3.14
CA VAL A 242 14.64 0.55 -3.36
C VAL A 242 13.26 -0.08 -3.48
N GLU A 243 13.17 -1.11 -4.32
CA GLU A 243 11.95 -1.89 -4.51
C GLU A 243 12.31 -3.36 -4.45
N PHE A 244 11.32 -4.18 -4.08
CA PHE A 244 11.55 -5.61 -3.88
C PHE A 244 10.58 -6.42 -4.74
N GLY A 245 11.11 -7.40 -5.44
CA GLY A 245 10.29 -8.26 -6.26
C GLY A 245 9.56 -9.31 -5.45
N ALA A 246 8.55 -9.90 -6.07
CA ALA A 246 7.81 -10.98 -5.43
C ALA A 246 8.75 -12.12 -5.12
N PRO A 247 8.67 -12.74 -3.95
CA PRO A 247 9.69 -13.72 -3.56
C PRO A 247 9.50 -15.06 -4.25
N HIS A 248 10.63 -15.74 -4.49
CA HIS A 248 10.62 -17.14 -4.84
C HIS A 248 10.60 -17.94 -3.54
N ALA A 249 10.86 -19.25 -3.63
CA ALA A 249 10.85 -20.06 -2.42
C ALA A 249 11.96 -19.66 -1.46
N VAL A 250 13.17 -19.42 -1.96
CA VAL A 250 14.30 -19.14 -1.08
C VAL A 250 15.08 -17.90 -1.53
N LYS A 251 14.51 -17.14 -2.46
CA LYS A 251 15.18 -15.93 -2.95
C LYS A 251 14.17 -14.86 -3.30
N MET A 252 14.60 -13.60 -3.20
CA MET A 252 13.87 -12.46 -3.74
C MET A 252 14.88 -11.42 -4.17
N ASP A 253 14.47 -10.59 -5.14
CA ASP A 253 15.37 -9.66 -5.81
C ASP A 253 15.23 -8.24 -5.29
N VAL A 254 16.33 -7.50 -5.30
CA VAL A 254 16.37 -6.11 -4.86
C VAL A 254 16.56 -5.23 -6.09
N TYR A 255 15.67 -4.25 -6.27
CA TYR A 255 15.69 -3.38 -7.44
C TYR A 255 15.93 -1.93 -7.05
N ASN A 256 16.56 -1.21 -7.97
CA ASN A 256 16.95 0.19 -7.78
C ASN A 256 16.23 1.04 -8.82
N LEU A 257 15.54 2.08 -8.38
CA LEU A 257 14.75 2.92 -9.28
C LEU A 257 15.55 4.00 -9.98
N GLY A 258 16.85 4.07 -9.78
CA GLY A 258 17.70 4.92 -10.60
C GLY A 258 17.67 6.40 -10.24
N ASP A 259 18.39 7.16 -11.07
CA ASP A 259 18.63 8.59 -10.83
C ASP A 259 17.37 9.40 -11.09
N GLN A 260 17.03 10.29 -10.15
CA GLN A 260 15.83 11.10 -10.20
C GLN A 260 16.07 12.53 -10.70
N THR A 261 17.29 12.86 -11.11
CA THR A 261 17.61 14.24 -11.48
C THR A 261 16.66 14.76 -12.55
N GLY A 262 16.33 13.92 -13.53
CA GLY A 262 15.49 14.35 -14.63
C GLY A 262 14.05 14.62 -14.24
N VAL A 263 13.54 13.93 -13.22
CA VAL A 263 12.19 14.23 -12.78
C VAL A 263 12.20 15.45 -11.88
N LEU A 264 13.26 15.63 -11.08
CA LEU A 264 13.35 16.83 -10.26
C LEU A 264 13.37 18.08 -11.12
N LEU A 265 14.26 18.12 -12.12
CA LEU A 265 14.35 19.30 -12.97
C LEU A 265 13.07 19.55 -13.74
N LYS A 266 12.28 18.50 -14.00
CA LYS A 266 10.97 18.68 -14.62
C LYS A 266 9.99 19.34 -13.65
N ALA A 267 10.05 18.95 -12.37
CA ALA A 267 9.16 19.56 -11.39
C ALA A 267 9.49 21.03 -11.17
N LEU A 268 10.78 21.38 -11.16
CA LEU A 268 11.19 22.76 -10.86
C LEU A 268 10.81 23.78 -11.95
N ALA A 269 10.04 23.38 -12.96
CA ALA A 269 9.88 24.18 -14.17
C ALA A 269 9.82 25.68 -13.91
N GLY A 270 8.80 26.14 -13.17
CA GLY A 270 8.54 27.57 -13.05
C GLY A 270 9.41 28.33 -12.07
N VAL A 271 10.36 27.68 -11.40
CA VAL A 271 11.07 28.32 -10.30
C VAL A 271 12.07 29.36 -10.83
N PRO A 272 12.25 30.50 -10.15
CA PRO A 272 13.32 31.42 -10.55
C PRO A 272 14.71 30.87 -10.25
N VAL A 273 15.71 31.39 -10.96
CA VAL A 273 17.10 30.98 -10.81
C VAL A 273 17.76 31.80 -9.71
N ALA A 274 18.82 31.24 -9.11
CA ALA A 274 19.66 31.91 -8.12
C ALA A 274 21.11 31.83 -8.58
N HIS A 275 22.06 32.18 -7.72
CA HIS A 275 23.46 32.11 -8.15
C HIS A 275 24.40 31.87 -6.96
N ILE A 276 25.58 31.35 -7.28
CA ILE A 276 26.63 31.04 -6.33
C ILE A 276 27.93 31.66 -6.82
N GLU A 277 28.69 32.25 -5.91
CA GLU A 277 30.03 32.78 -6.23
C GLU A 277 30.92 32.52 -5.02
N GLY A 278 31.69 31.44 -5.08
CA GLY A 278 32.55 31.09 -3.96
C GLY A 278 31.76 30.85 -2.69
N THR A 279 31.92 31.73 -1.71
CA THR A 279 31.21 31.63 -0.44
C THR A 279 29.88 32.39 -0.44
N LYS A 280 29.57 33.11 -1.50
CA LYS A 280 28.42 34.00 -1.54
C LYS A 280 27.25 33.37 -2.27
N TYR A 281 26.06 33.48 -1.69
CA TYR A 281 24.82 32.99 -2.28
C TYR A 281 23.98 34.21 -2.62
N HIS A 282 23.63 34.34 -3.91
CA HIS A 282 22.92 35.49 -4.44
C HIS A 282 21.51 35.11 -4.88
N LEU A 283 20.53 35.92 -4.50
CA LEU A 283 19.27 35.89 -5.22
C LEU A 283 19.39 36.72 -6.49
N LYS A 284 18.61 36.37 -7.50
CA LYS A 284 18.50 37.15 -8.72
C LYS A 284 17.07 37.65 -8.92
N SER A 285 16.34 37.80 -7.82
CA SER A 285 15.01 38.36 -7.84
C SER A 285 14.69 38.87 -6.43
N GLY A 286 13.69 39.72 -6.34
CA GLY A 286 13.32 40.35 -5.10
C GLY A 286 13.37 41.86 -5.20
N HIS A 287 13.01 42.50 -4.09
CA HIS A 287 12.88 43.95 -4.06
C HIS A 287 13.05 44.43 -2.63
N VAL A 288 13.29 45.73 -2.50
CA VAL A 288 13.36 46.38 -1.19
C VAL A 288 12.84 47.80 -1.29
N THR A 289 12.20 48.27 -0.22
CA THR A 289 11.69 49.63 -0.16
C THR A 289 12.72 50.53 0.51
N CYS A 290 13.00 51.68 -0.10
CA CYS A 290 14.04 52.56 0.39
C CYS A 290 13.65 54.01 0.14
N GLU A 291 13.99 54.88 1.09
CA GLU A 291 13.72 56.31 1.00
C GLU A 291 15.01 57.04 0.65
N VAL A 292 14.96 57.88 -0.39
CA VAL A 292 16.11 58.63 -0.85
C VAL A 292 15.86 60.10 -0.57
N GLY A 293 16.85 60.74 0.06
CA GLY A 293 16.84 62.14 0.43
C GLY A 293 17.72 63.00 -0.45
N LEU A 294 17.07 63.93 -1.15
CA LEU A 294 17.64 64.83 -2.15
C LEU A 294 18.12 66.15 -1.56
N GLU A 295 18.03 66.33 -0.24
CA GLU A 295 18.13 67.66 0.35
C GLU A 295 19.39 68.41 -0.09
N LYS A 296 20.55 67.78 0.06
CA LYS A 296 21.83 68.48 -0.05
C LYS A 296 22.48 68.38 -1.43
N LEU A 297 21.69 68.20 -2.48
CA LEU A 297 22.22 68.17 -3.84
C LEU A 297 22.42 69.58 -4.38
N LYS A 298 23.47 69.75 -5.19
CA LYS A 298 23.82 71.02 -5.79
C LYS A 298 24.10 70.83 -7.28
N MET A 299 23.82 71.86 -8.08
CA MET A 299 24.13 71.81 -9.49
C MET A 299 25.57 72.26 -9.75
N LYS A 300 26.24 71.58 -10.67
CA LYS A 300 27.62 71.86 -10.99
C LYS A 300 27.72 72.96 -12.03
N GLY A 301 28.83 73.70 -11.98
CA GLY A 301 29.13 74.66 -13.02
C GLY A 301 28.11 75.75 -13.21
N LEU A 302 27.32 76.05 -12.18
CA LEU A 302 26.31 77.10 -12.32
C LEU A 302 26.95 78.45 -12.59
N THR A 303 28.16 78.67 -12.10
CA THR A 303 28.86 79.93 -12.29
C THR A 303 29.76 79.94 -13.53
N TYR A 304 29.76 78.87 -14.32
CA TYR A 304 30.59 78.84 -15.52
C TYR A 304 30.01 79.73 -16.62
N THR A 305 30.90 80.18 -17.50
CA THR A 305 30.51 80.98 -18.65
C THR A 305 29.83 80.10 -19.70
N MET A 306 29.06 80.75 -20.57
CA MET A 306 28.42 80.06 -21.68
C MET A 306 29.44 79.73 -22.76
N CYS A 307 29.27 78.57 -23.39
CA CYS A 307 30.16 78.17 -24.46
C CYS A 307 29.90 79.01 -25.70
N ASP A 308 30.88 79.04 -26.60
CA ASP A 308 30.69 79.70 -27.88
C ASP A 308 29.60 79.01 -28.68
N LYS A 309 28.83 79.81 -29.42
CA LYS A 309 27.80 79.22 -30.26
C LYS A 309 28.41 78.36 -31.35
N THR A 310 29.61 78.69 -31.82
CA THR A 310 30.32 77.90 -32.79
C THR A 310 31.32 76.99 -32.08
N LYS A 311 32.15 76.28 -32.85
CA LYS A 311 33.22 75.41 -32.37
C LYS A 311 32.70 74.12 -31.74
N PHE A 312 31.40 73.82 -31.87
CA PHE A 312 30.86 72.50 -31.59
C PHE A 312 30.90 71.62 -32.83
N THR A 313 30.93 70.31 -32.59
CA THR A 313 30.78 69.30 -33.63
C THR A 313 30.10 68.08 -33.02
N TRP A 314 29.50 67.26 -33.87
CA TRP A 314 28.91 66.02 -33.40
C TRP A 314 29.99 64.98 -33.12
N LYS A 315 29.67 64.04 -32.24
CA LYS A 315 30.45 62.81 -32.11
C LYS A 315 29.60 61.58 -32.35
N ARG A 316 28.34 61.61 -31.94
CA ARG A 316 27.32 60.68 -32.41
C ARG A 316 26.04 61.49 -32.64
N ALA A 317 25.46 61.35 -33.83
CA ALA A 317 24.29 62.13 -34.18
C ALA A 317 23.10 61.70 -33.31
N PRO A 318 22.09 62.54 -33.20
CA PRO A 318 20.94 62.19 -32.36
C PRO A 318 20.32 60.86 -32.79
N THR A 319 20.02 60.02 -31.80
CA THR A 319 19.40 58.74 -32.09
C THR A 319 18.31 58.44 -31.07
N ASP A 320 17.41 57.55 -31.47
CA ASP A 320 16.26 57.19 -30.66
C ASP A 320 16.67 56.22 -29.56
N SER A 321 16.19 56.47 -28.35
CA SER A 321 16.43 55.60 -27.21
C SER A 321 15.34 54.53 -27.12
N GLY A 322 15.56 53.59 -26.20
CA GLY A 322 14.56 52.56 -25.98
C GLY A 322 13.32 53.03 -25.24
N HIS A 323 13.36 54.23 -24.66
CA HIS A 323 12.32 54.69 -23.74
C HIS A 323 11.60 55.94 -24.24
N ASP A 324 11.59 56.18 -25.56
CA ASP A 324 10.97 57.37 -26.13
C ASP A 324 11.69 58.65 -25.68
N THR A 325 13.01 58.64 -25.89
CA THR A 325 13.85 59.80 -25.67
C THR A 325 14.87 59.87 -26.79
N VAL A 326 15.60 60.97 -26.85
CA VAL A 326 16.64 61.19 -27.85
C VAL A 326 17.98 61.34 -27.14
N VAL A 327 19.01 60.68 -27.66
CA VAL A 327 20.33 60.69 -27.04
C VAL A 327 21.35 61.17 -28.06
N MET A 328 22.32 61.96 -27.59
CA MET A 328 23.28 62.57 -28.49
C MET A 328 24.55 62.91 -27.71
N GLU A 329 25.64 63.12 -28.46
CA GLU A 329 26.93 63.45 -27.86
C GLU A 329 27.67 64.47 -28.72
N VAL A 330 28.19 65.51 -28.08
CA VAL A 330 28.82 66.61 -28.79
C VAL A 330 30.25 66.81 -28.30
N THR A 331 31.08 67.38 -29.16
CA THR A 331 32.45 67.73 -28.87
C THR A 331 32.64 69.23 -29.07
N PHE A 332 33.55 69.82 -28.31
CA PHE A 332 33.76 71.26 -28.27
C PHE A 332 35.24 71.57 -28.36
N SER A 333 35.59 72.61 -29.10
CA SER A 333 36.98 73.07 -29.17
C SER A 333 37.08 74.49 -28.65
N GLY A 334 37.82 74.68 -27.57
CA GLY A 334 38.00 75.99 -26.99
C GLY A 334 38.37 75.89 -25.52
N THR A 335 38.27 77.03 -24.84
CA THR A 335 38.50 77.06 -23.40
C THR A 335 37.43 76.19 -22.74
N LYS A 336 37.87 75.12 -22.09
CA LYS A 336 36.99 73.97 -21.87
C LYS A 336 35.81 74.25 -20.94
N PRO A 337 36.00 74.74 -19.71
CA PRO A 337 34.87 74.76 -18.77
C PRO A 337 33.75 75.70 -19.18
N CYS A 338 32.60 75.15 -19.57
CA CYS A 338 31.49 76.02 -19.97
C CYS A 338 30.19 75.22 -20.05
N ARG A 339 29.08 75.95 -20.18
CA ARG A 339 27.74 75.39 -20.25
C ARG A 339 27.28 75.28 -21.70
N ILE A 340 26.67 74.16 -22.04
CA ILE A 340 26.21 73.94 -23.41
C ILE A 340 24.85 74.61 -23.60
N PRO A 341 24.68 75.50 -24.58
CA PRO A 341 23.34 75.99 -24.93
C PRO A 341 22.62 74.98 -25.80
N VAL A 342 21.58 74.35 -25.25
CA VAL A 342 20.86 73.27 -25.92
C VAL A 342 19.38 73.65 -25.97
N ARG A 343 18.76 73.49 -27.13
CA ARG A 343 17.34 73.79 -27.24
C ARG A 343 16.75 73.04 -28.42
N ALA A 344 15.42 73.00 -28.47
CA ALA A 344 14.71 72.33 -29.55
C ALA A 344 13.39 73.04 -29.80
N VAL A 345 13.01 73.11 -31.07
CA VAL A 345 11.83 73.87 -31.48
C VAL A 345 11.00 73.06 -32.44
N ALA A 346 9.68 73.17 -32.31
CA ALA A 346 8.78 72.56 -33.28
C ALA A 346 8.96 73.22 -34.64
N HIS A 347 8.81 72.44 -35.69
CA HIS A 347 9.07 72.94 -37.04
C HIS A 347 8.03 73.99 -37.39
N GLY A 348 8.48 75.23 -37.61
CA GLY A 348 7.58 76.31 -37.93
C GLY A 348 7.07 77.10 -36.74
N SER A 349 7.82 77.15 -35.66
CA SER A 349 7.45 77.92 -34.47
C SER A 349 8.68 78.14 -33.61
N PRO A 350 9.67 78.90 -34.10
CA PRO A 350 10.95 79.01 -33.38
C PRO A 350 10.88 79.79 -32.07
N ASP A 351 9.72 80.35 -31.72
CA ASP A 351 9.62 81.14 -30.50
C ASP A 351 9.51 80.30 -29.24
N VAL A 352 9.09 79.05 -29.34
CA VAL A 352 8.77 78.20 -28.18
C VAL A 352 9.80 77.08 -28.09
N ASN A 353 10.34 76.87 -26.89
CA ASN A 353 11.24 75.76 -26.62
C ASN A 353 10.44 74.59 -26.04
N VAL A 354 10.58 73.41 -26.64
CA VAL A 354 9.78 72.24 -26.29
C VAL A 354 10.61 71.13 -25.66
N ALA A 355 11.93 71.29 -25.57
CA ALA A 355 12.77 70.25 -24.99
C ALA A 355 12.53 70.10 -23.49
N MET A 356 12.48 68.85 -23.03
CA MET A 356 12.56 68.55 -21.60
C MET A 356 13.78 67.68 -21.39
N LEU A 357 14.82 68.24 -20.76
CA LEU A 357 16.08 67.55 -20.61
C LEU A 357 16.03 66.61 -19.43
N ILE A 358 16.62 65.42 -19.58
CA ILE A 358 16.82 64.54 -18.44
C ILE A 358 18.10 64.92 -17.70
N THR A 359 18.98 65.71 -18.33
CA THR A 359 20.24 66.15 -17.75
C THR A 359 20.20 67.67 -17.63
N PRO A 360 19.78 68.21 -16.49
CA PRO A 360 19.73 69.68 -16.36
C PRO A 360 21.12 70.30 -16.40
N ASN A 361 21.18 71.51 -16.96
CA ASN A 361 22.40 72.30 -17.01
C ASN A 361 23.60 71.52 -17.55
N PRO A 362 23.54 71.06 -18.80
CA PRO A 362 24.67 70.33 -19.38
C PRO A 362 25.94 71.18 -19.45
N THR A 363 27.07 70.55 -19.14
CA THR A 363 28.35 71.24 -19.09
C THR A 363 29.41 70.44 -19.83
N ILE A 364 30.45 71.16 -20.25
CA ILE A 364 31.68 70.57 -20.77
C ILE A 364 32.81 71.01 -19.86
N GLU A 365 33.70 70.09 -19.54
CA GLU A 365 34.68 70.28 -18.49
C GLU A 365 36.05 69.82 -18.97
N ASN A 366 37.06 70.12 -18.16
CA ASN A 366 38.44 70.00 -18.60
C ASN A 366 38.75 68.59 -19.13
N ASN A 367 38.10 67.57 -18.59
CA ASN A 367 38.26 66.21 -19.08
C ASN A 367 36.95 65.45 -19.19
N GLY A 368 35.81 66.14 -19.18
CA GLY A 368 34.51 65.51 -19.26
C GLY A 368 34.02 65.37 -20.69
N GLY A 369 32.70 65.41 -20.85
CA GLY A 369 32.13 65.18 -22.17
C GLY A 369 30.72 65.71 -22.27
N GLY A 370 30.15 65.55 -23.47
CA GLY A 370 28.91 66.19 -23.85
C GLY A 370 27.75 65.28 -24.20
N PHE A 371 27.48 64.27 -23.37
CA PHE A 371 26.30 63.42 -23.54
C PHE A 371 25.05 64.18 -23.11
N ILE A 372 23.98 64.05 -23.89
CA ILE A 372 22.71 64.73 -23.63
C ILE A 372 21.56 63.77 -23.92
N GLU A 373 20.52 63.84 -23.09
CA GLU A 373 19.29 63.07 -23.29
C GLU A 373 18.08 63.99 -23.13
N MET A 374 17.17 63.92 -24.08
CA MET A 374 16.04 64.84 -24.16
C MET A 374 14.75 64.07 -24.39
N GLN A 375 13.64 64.70 -24.02
CA GLN A 375 12.32 64.29 -24.45
C GLN A 375 11.68 65.42 -25.25
N LEU A 376 11.11 65.07 -26.39
CA LEU A 376 10.51 65.98 -27.34
C LEU A 376 9.09 65.55 -27.67
N PRO A 377 8.21 66.47 -28.03
CA PRO A 377 6.83 66.12 -28.35
C PRO A 377 6.76 65.39 -29.68
N PRO A 378 5.65 64.71 -29.97
CA PRO A 378 5.52 63.99 -31.24
C PRO A 378 5.59 64.93 -32.43
N GLY A 379 6.06 64.40 -33.55
CA GLY A 379 6.05 65.17 -34.79
C GLY A 379 7.41 65.64 -35.29
N ASP A 380 7.43 66.71 -36.06
CA ASP A 380 8.66 67.18 -36.71
C ASP A 380 9.29 68.30 -35.87
N ASN A 381 10.58 68.16 -35.58
CA ASN A 381 11.28 69.05 -34.67
C ASN A 381 12.67 69.36 -35.20
N ILE A 382 13.25 70.44 -34.68
CA ILE A 382 14.65 70.78 -34.90
C ILE A 382 15.36 70.83 -33.56
N ILE A 383 16.58 70.30 -33.52
CA ILE A 383 17.44 70.32 -32.35
C ILE A 383 18.60 71.24 -32.63
N TYR A 384 18.85 72.19 -31.73
CA TYR A 384 19.95 73.13 -31.81
C TYR A 384 20.90 72.93 -30.66
N VAL A 385 22.19 72.86 -30.98
CA VAL A 385 23.28 72.91 -30.01
C VAL A 385 24.21 73.99 -30.53
N GLY A 386 24.18 75.16 -29.90
CA GLY A 386 24.90 76.29 -30.47
C GLY A 386 24.31 76.60 -31.82
N GLU A 387 25.16 76.58 -32.86
CA GLU A 387 24.68 76.73 -34.22
C GLU A 387 24.55 75.41 -34.96
N LEU A 388 24.97 74.30 -34.35
CA LEU A 388 24.69 72.99 -34.93
C LEU A 388 23.18 72.74 -34.91
N SER A 389 22.68 72.20 -36.02
CA SER A 389 21.25 71.98 -36.19
C SER A 389 21.02 70.59 -36.74
N HIS A 390 19.91 69.99 -36.35
CA HIS A 390 19.55 68.67 -36.85
C HIS A 390 18.05 68.46 -36.81
N GLN A 391 17.48 67.93 -37.89
CA GLN A 391 16.06 67.66 -37.93
C GLN A 391 15.76 66.31 -37.28
N TRP A 392 14.53 66.15 -36.80
CA TRP A 392 14.17 64.93 -36.08
C TRP A 392 12.66 64.70 -36.13
N PHE A 393 12.26 63.53 -36.61
CA PHE A 393 10.87 63.09 -36.54
C PHE A 393 10.70 62.21 -35.32
N GLN A 394 9.88 62.67 -34.37
CA GLN A 394 9.59 61.93 -33.15
C GLN A 394 8.32 61.11 -33.36
N LYS A 395 8.49 59.79 -33.46
CA LYS A 395 7.41 58.84 -33.61
C LYS A 395 6.66 58.63 -32.30
N GLY A 396 5.44 58.12 -32.41
CA GLY A 396 4.57 57.89 -31.28
C GLY A 396 3.47 58.92 -31.17
N SER A 397 2.77 58.90 -30.04
CA SER A 397 1.67 59.82 -29.80
C SER A 397 1.43 59.92 -28.30
N SER A 398 0.73 60.99 -27.90
CA SER A 398 0.46 61.22 -26.50
C SER A 398 -0.40 60.09 -25.92
N ILE A 399 -1.40 59.66 -26.67
CA ILE A 399 -2.22 58.54 -26.22
C ILE A 399 -1.35 57.30 -26.04
N GLY A 400 -0.40 57.10 -26.96
CA GLY A 400 0.50 55.97 -26.84
C GLY A 400 1.34 56.03 -25.59
N ARG A 401 1.84 57.22 -25.25
CA ARG A 401 2.65 57.34 -24.03
C ARG A 401 1.82 57.07 -22.79
N VAL A 402 0.60 57.61 -22.74
CA VAL A 402 -0.27 57.32 -21.60
C VAL A 402 -0.51 55.83 -21.49
N PHE A 403 -0.75 55.17 -22.62
CA PHE A 403 -1.00 53.74 -22.63
C PHE A 403 0.21 52.97 -22.12
N GLN A 404 1.41 53.36 -22.56
CA GLN A 404 2.63 52.69 -22.10
C GLN A 404 2.76 52.80 -20.59
N LYS A 405 2.56 53.99 -20.05
CA LYS A 405 2.71 54.18 -18.61
C LYS A 405 1.67 53.36 -17.84
N THR A 406 0.44 53.33 -18.33
CA THR A 406 -0.60 52.53 -17.67
C THR A 406 -0.24 51.04 -17.69
N LYS A 407 0.22 50.55 -18.85
CA LYS A 407 0.61 49.15 -18.96
C LYS A 407 1.72 48.80 -17.99
N LYS A 408 2.72 49.66 -17.88
CA LYS A 408 3.81 49.39 -16.95
C LYS A 408 3.33 49.41 -15.50
N GLY A 409 2.36 50.28 -15.19
CA GLY A 409 1.79 50.25 -13.85
C GLY A 409 1.11 48.93 -13.56
N ILE A 410 0.33 48.42 -14.52
CA ILE A 410 -0.30 47.12 -14.34
C ILE A 410 0.75 46.05 -14.10
N GLU A 411 1.83 46.07 -14.88
CA GLU A 411 2.85 45.04 -14.72
C GLU A 411 3.50 45.11 -13.34
N ARG A 412 3.79 46.32 -12.84
CA ARG A 412 4.38 46.40 -11.51
C ARG A 412 3.43 45.88 -10.45
N LEU A 413 2.13 46.19 -10.56
CA LEU A 413 1.19 45.58 -9.63
C LEU A 413 1.27 44.07 -9.69
N THR A 414 1.31 43.51 -10.90
CA THR A 414 1.33 42.06 -11.02
C THR A 414 2.59 41.47 -10.38
N VAL A 415 3.72 42.17 -10.51
CA VAL A 415 4.98 41.57 -10.10
C VAL A 415 5.24 41.72 -8.60
N ILE A 416 4.93 42.87 -7.99
CA ILE A 416 5.27 43.08 -6.58
C ILE A 416 4.06 43.32 -5.69
N GLY A 417 2.85 43.12 -6.19
CA GLY A 417 1.69 43.14 -5.31
C GLY A 417 1.47 44.48 -4.64
N GLU A 418 1.04 44.44 -3.38
CA GLU A 418 0.61 45.63 -2.67
C GLU A 418 1.74 46.64 -2.46
N HIS A 419 3.01 46.23 -2.54
CA HIS A 419 4.09 47.19 -2.38
C HIS A 419 4.07 48.25 -3.48
N ALA A 420 3.39 47.98 -4.60
CA ALA A 420 3.37 48.93 -5.70
C ALA A 420 2.79 50.27 -5.29
N TRP A 421 1.89 50.28 -4.30
CA TRP A 421 1.26 51.53 -3.90
C TRP A 421 2.21 52.48 -3.20
N ASP A 422 3.46 52.07 -2.95
CA ASP A 422 4.43 52.95 -2.34
C ASP A 422 5.35 53.62 -3.34
N PHE A 423 5.33 53.22 -4.60
CA PHE A 423 6.29 53.70 -5.59
C PHE A 423 6.04 55.17 -5.91
N GLY A 424 7.05 56.02 -5.62
CA GLY A 424 7.00 57.41 -5.98
C GLY A 424 5.90 58.22 -5.34
N SER A 425 5.24 57.67 -4.32
CA SER A 425 4.13 58.37 -3.70
C SER A 425 4.62 59.37 -2.66
N ALA A 426 3.95 60.52 -2.62
CA ALA A 426 4.16 61.50 -1.57
C ALA A 426 3.35 61.19 -0.33
N GLY A 427 2.59 60.09 -0.34
CA GLY A 427 1.69 59.78 0.74
C GLY A 427 0.29 60.26 0.44
N GLY A 428 -0.57 60.11 1.42
CA GLY A 428 -1.95 60.55 1.29
C GLY A 428 -2.95 59.43 1.08
N PHE A 429 -4.19 59.88 0.83
CA PHE A 429 -5.32 58.97 0.82
C PHE A 429 -5.26 57.96 -0.32
N LEU A 430 -4.82 58.38 -1.51
CA LEU A 430 -4.77 57.43 -2.61
C LEU A 430 -3.92 56.23 -2.23
N SER A 431 -2.69 56.48 -1.78
CA SER A 431 -1.80 55.39 -1.42
C SER A 431 -2.34 54.60 -0.24
N SER A 432 -2.84 55.29 0.79
CA SER A 432 -3.29 54.58 1.98
C SER A 432 -4.46 53.66 1.68
N ILE A 433 -5.49 54.19 1.02
CA ILE A 433 -6.68 53.39 0.72
C ILE A 433 -6.32 52.26 -0.24
N GLY A 434 -5.53 52.55 -1.27
CA GLY A 434 -5.15 51.49 -2.19
C GLY A 434 -4.45 50.36 -1.48
N LYS A 435 -3.47 50.68 -0.64
CA LYS A 435 -2.72 49.61 0.02
C LYS A 435 -3.59 48.83 0.98
N ALA A 436 -4.46 49.50 1.73
CA ALA A 436 -5.33 48.76 2.65
C ALA A 436 -6.26 47.81 1.90
N VAL A 437 -6.95 48.32 0.89
CA VAL A 437 -7.90 47.49 0.16
C VAL A 437 -7.16 46.33 -0.50
N HIS A 438 -6.02 46.61 -1.12
CA HIS A 438 -5.26 45.56 -1.79
C HIS A 438 -4.80 44.50 -0.81
N THR A 439 -4.26 44.92 0.33
CA THR A 439 -3.73 43.92 1.25
C THR A 439 -4.85 43.01 1.76
N VAL A 440 -6.00 43.59 2.11
CA VAL A 440 -7.05 42.73 2.65
C VAL A 440 -7.59 41.79 1.57
N LEU A 441 -7.88 42.32 0.39
CA LEU A 441 -8.46 41.48 -0.65
C LEU A 441 -7.48 40.40 -1.09
N GLY A 442 -6.21 40.76 -1.29
CA GLY A 442 -5.22 39.78 -1.68
C GLY A 442 -5.00 38.73 -0.61
N GLY A 443 -5.01 39.13 0.66
CA GLY A 443 -4.89 38.14 1.72
C GLY A 443 -6.00 37.11 1.67
N ALA A 444 -7.24 37.58 1.53
CA ALA A 444 -8.36 36.64 1.46
C ALA A 444 -8.24 35.71 0.25
N PHE A 445 -7.96 36.28 -0.92
CA PHE A 445 -7.89 35.45 -2.12
C PHE A 445 -6.77 34.44 -2.01
N ASN A 446 -5.60 34.86 -1.51
CA ASN A 446 -4.50 33.93 -1.32
C ASN A 446 -4.84 32.85 -0.30
N SER A 447 -5.61 33.21 0.73
CA SER A 447 -6.00 32.22 1.72
C SER A 447 -6.86 31.13 1.09
N ILE A 448 -7.74 31.49 0.16
CA ILE A 448 -8.63 30.48 -0.38
C ILE A 448 -7.96 29.71 -1.53
N PHE A 449 -7.34 30.41 -2.48
CA PHE A 449 -6.82 29.78 -3.70
C PHE A 449 -5.30 29.78 -3.80
N GLY A 450 -4.58 29.89 -2.68
CA GLY A 450 -3.14 30.06 -2.75
C GLY A 450 -2.43 29.09 -3.69
N GLY A 451 -2.49 27.80 -3.37
CA GLY A 451 -1.73 26.79 -4.08
C GLY A 451 -2.48 25.94 -5.09
N VAL A 452 -3.62 26.40 -5.61
CA VAL A 452 -4.49 25.51 -6.39
C VAL A 452 -4.09 25.39 -7.87
N GLY A 453 -3.34 26.34 -8.43
CA GLY A 453 -2.90 26.24 -9.81
C GLY A 453 -3.82 26.85 -10.85
N PHE A 454 -3.25 27.25 -11.99
CA PHE A 454 -3.99 28.05 -12.98
C PHE A 454 -5.24 27.34 -13.47
N LEU A 455 -5.10 26.14 -14.03
CA LEU A 455 -6.25 25.52 -14.70
C LEU A 455 -7.29 25.06 -13.70
N PRO A 456 -6.91 24.45 -12.57
CA PRO A 456 -7.92 24.16 -11.55
C PRO A 456 -8.63 25.40 -11.04
N LYS A 457 -7.90 26.51 -10.87
CA LYS A 457 -8.53 27.75 -10.44
C LYS A 457 -9.52 28.26 -11.48
N LEU A 458 -9.14 28.19 -12.76
CA LEU A 458 -10.03 28.61 -13.84
C LEU A 458 -11.26 27.71 -13.88
N LEU A 459 -11.07 26.40 -13.70
CA LEU A 459 -12.20 25.48 -13.71
C LEU A 459 -13.16 25.78 -12.57
N LEU A 460 -12.62 26.08 -11.39
CA LEU A 460 -13.49 26.45 -10.27
C LEU A 460 -14.19 27.77 -10.54
N GLY A 461 -13.54 28.70 -11.23
CA GLY A 461 -14.22 29.92 -11.64
C GLY A 461 -15.39 29.63 -12.55
N VAL A 462 -15.20 28.73 -13.52
CA VAL A 462 -16.30 28.34 -14.40
C VAL A 462 -17.42 27.71 -13.59
N ALA A 463 -17.05 26.85 -12.63
CA ALA A 463 -18.05 26.21 -11.79
C ALA A 463 -18.84 27.24 -10.99
N LEU A 464 -18.15 28.25 -10.46
CA LEU A 464 -18.83 29.30 -9.70
C LEU A 464 -19.78 30.09 -10.58
N ALA A 465 -19.35 30.42 -11.80
CA ALA A 465 -20.23 31.12 -12.72
C ALA A 465 -21.47 30.28 -13.04
N TRP A 466 -21.26 28.97 -13.26
CA TRP A 466 -22.38 28.08 -13.53
C TRP A 466 -23.32 28.02 -12.34
N LEU A 467 -22.78 27.98 -11.12
CA LEU A 467 -23.63 27.98 -9.94
C LEU A 467 -24.44 29.27 -9.84
N GLY A 468 -23.81 30.41 -10.14
CA GLY A 468 -24.55 31.66 -10.15
C GLY A 468 -25.67 31.63 -11.17
N LEU A 469 -25.42 31.03 -12.33
CA LEU A 469 -26.48 30.86 -13.32
C LEU A 469 -27.59 29.96 -12.77
N ASN A 470 -27.21 28.89 -12.07
CA ASN A 470 -28.17 27.88 -11.65
C ASN A 470 -29.04 28.36 -10.50
N MET A 471 -28.51 29.23 -9.64
CA MET A 471 -29.27 29.71 -8.48
C MET A 471 -30.51 30.44 -8.97
N ARG A 472 -31.66 30.11 -8.37
CA ARG A 472 -32.94 30.50 -8.96
C ARG A 472 -33.26 31.99 -8.86
N ASN A 473 -32.88 32.68 -7.78
CA ASN A 473 -33.36 34.05 -7.65
C ASN A 473 -32.44 35.02 -8.40
N PRO A 474 -33.00 35.95 -9.19
CA PRO A 474 -32.15 36.72 -10.13
C PRO A 474 -31.06 37.57 -9.49
N THR A 475 -31.32 38.23 -8.37
CA THR A 475 -30.37 39.25 -7.92
C THR A 475 -29.07 38.61 -7.43
N MET A 476 -29.15 37.60 -6.54
CA MET A 476 -27.91 36.95 -6.15
C MET A 476 -27.41 36.04 -7.25
N SER A 477 -28.30 35.57 -8.13
CA SER A 477 -27.81 34.90 -9.34
C SER A 477 -26.80 35.78 -10.07
N MET A 478 -27.18 37.03 -10.33
CA MET A 478 -26.30 37.95 -11.03
C MET A 478 -25.06 38.30 -10.19
N SER A 479 -25.24 38.49 -8.89
CA SER A 479 -24.10 38.82 -8.04
C SER A 479 -23.07 37.70 -8.05
N PHE A 480 -23.54 36.46 -7.96
CA PHE A 480 -22.63 35.30 -7.96
C PHE A 480 -22.03 35.09 -9.34
N LEU A 481 -22.77 35.39 -10.39
CA LEU A 481 -22.21 35.37 -11.73
C LEU A 481 -21.06 36.37 -11.85
N LEU A 482 -21.25 37.56 -11.29
CA LEU A 482 -20.19 38.57 -11.30
C LEU A 482 -18.98 38.09 -10.51
N ALA A 483 -19.22 37.45 -9.36
CA ALA A 483 -18.11 36.91 -8.57
C ALA A 483 -17.32 35.88 -9.37
N GLY A 484 -18.03 34.97 -10.04
CA GLY A 484 -17.35 33.98 -10.88
C GLY A 484 -16.57 34.62 -12.00
N GLY A 485 -17.18 35.61 -12.67
CA GLY A 485 -16.48 36.31 -13.72
C GLY A 485 -15.23 37.01 -13.21
N LEU A 486 -15.31 37.59 -12.02
CA LEU A 486 -14.15 38.28 -11.45
C LEU A 486 -13.03 37.30 -11.14
N VAL A 487 -13.35 36.16 -10.55
CA VAL A 487 -12.30 35.19 -10.24
C VAL A 487 -11.69 34.66 -11.53
N LEU A 488 -12.52 34.41 -12.55
CA LEU A 488 -12.00 33.97 -13.84
C LEU A 488 -11.05 35.01 -14.43
N ALA A 489 -11.49 36.27 -14.44
CA ALA A 489 -10.67 37.34 -15.03
C ALA A 489 -9.35 37.47 -14.30
N MET A 490 -9.37 37.44 -12.96
CA MET A 490 -8.14 37.64 -12.21
C MET A 490 -7.19 36.46 -12.36
N THR A 491 -7.72 35.23 -12.27
CA THR A 491 -6.85 34.06 -12.42
C THR A 491 -6.32 33.95 -13.84
N LEU A 492 -7.00 34.52 -14.83
CA LEU A 492 -6.46 34.55 -16.17
C LEU A 492 -5.42 35.66 -16.34
N GLY A 493 -5.66 36.81 -15.70
CA GLY A 493 -4.74 37.92 -15.84
C GLY A 493 -3.41 37.69 -15.16
N VAL A 494 -3.45 37.16 -13.93
CA VAL A 494 -2.21 36.95 -13.18
C VAL A 494 -1.35 35.91 -13.87
N SER B 1 6.52 -35.86 -8.83
CA SER B 1 6.73 -35.22 -10.16
C SER B 1 6.98 -33.73 -10.01
N ARG B 2 7.44 -33.11 -11.11
CA ARG B 2 7.87 -31.72 -11.06
C ARG B 2 6.74 -30.78 -10.69
N CYS B 3 5.55 -30.97 -11.27
CA CYS B 3 4.51 -29.98 -11.15
C CYS B 3 3.85 -29.93 -9.78
N THR B 4 4.35 -30.66 -8.78
CA THR B 4 3.96 -30.39 -7.41
C THR B 4 4.69 -29.19 -6.82
N HIS B 5 5.72 -28.70 -7.51
CA HIS B 5 6.54 -27.61 -6.98
C HIS B 5 5.86 -26.25 -7.10
N LEU B 6 5.08 -26.03 -8.15
CA LEU B 6 4.54 -24.71 -8.45
C LEU B 6 3.26 -24.43 -7.68
N GLU B 7 3.02 -23.14 -7.44
CA GLU B 7 1.75 -22.69 -6.91
C GLU B 7 0.62 -22.94 -7.90
N ASN B 8 0.92 -22.96 -9.20
CA ASN B 8 -0.07 -23.03 -10.25
C ASN B 8 -0.01 -24.40 -10.93
N ARG B 9 -1.15 -25.09 -10.95
CA ARG B 9 -1.23 -26.45 -11.48
C ARG B 9 -2.65 -26.68 -11.97
N ASP B 10 -2.80 -27.59 -12.92
CA ASP B 10 -4.12 -27.96 -13.43
C ASP B 10 -4.15 -29.46 -13.72
N PHE B 11 -5.35 -30.02 -13.73
CA PHE B 11 -5.56 -31.43 -14.03
C PHE B 11 -6.53 -31.55 -15.19
N VAL B 12 -6.27 -32.47 -16.11
CA VAL B 12 -7.23 -32.77 -17.19
C VAL B 12 -7.28 -34.28 -17.38
N THR B 13 -8.48 -34.81 -17.57
CA THR B 13 -8.73 -36.23 -17.70
C THR B 13 -9.31 -36.55 -19.08
N GLY B 14 -8.70 -37.51 -19.77
CA GLY B 14 -9.26 -37.98 -21.02
C GLY B 14 -10.48 -38.85 -20.76
N THR B 15 -11.61 -38.49 -21.38
CA THR B 15 -12.82 -39.26 -21.19
C THR B 15 -12.64 -40.65 -21.77
N GLN B 16 -13.60 -41.53 -21.45
CA GLN B 16 -13.51 -42.94 -21.76
C GLN B 16 -13.05 -43.19 -23.19
N GLY B 17 -11.87 -43.83 -23.33
CA GLY B 17 -11.36 -44.27 -24.61
C GLY B 17 -10.82 -43.19 -25.53
N THR B 18 -10.74 -41.94 -25.07
CA THR B 18 -10.22 -40.88 -25.93
C THR B 18 -8.74 -41.09 -26.18
N THR B 19 -8.31 -40.83 -27.42
CA THR B 19 -6.93 -41.08 -27.83
C THR B 19 -6.00 -39.88 -27.62
N ARG B 20 -6.50 -38.66 -27.79
CA ARG B 20 -5.65 -37.48 -27.71
C ARG B 20 -6.39 -36.36 -26.99
N VAL B 21 -5.61 -35.42 -26.45
CA VAL B 21 -6.17 -34.28 -25.72
C VAL B 21 -5.41 -33.02 -26.09
N THR B 22 -6.14 -31.90 -26.15
CA THR B 22 -5.55 -30.61 -26.54
C THR B 22 -5.40 -29.70 -25.33
N LEU B 23 -4.32 -28.94 -25.32
CA LEU B 23 -3.91 -28.12 -24.20
C LEU B 23 -3.51 -26.74 -24.67
N VAL B 24 -3.60 -25.76 -23.77
CA VAL B 24 -2.89 -24.50 -23.91
C VAL B 24 -1.90 -24.43 -22.75
N LEU B 25 -0.62 -24.47 -23.07
CA LEU B 25 0.44 -24.40 -22.06
C LEU B 25 0.76 -22.94 -21.80
N GLU B 26 0.73 -22.56 -20.52
CA GLU B 26 1.03 -21.21 -20.08
C GLU B 26 2.40 -21.23 -19.41
N LEU B 27 3.30 -20.38 -19.89
CA LEU B 27 4.63 -20.33 -19.30
C LEU B 27 4.51 -19.98 -17.83
N GLY B 28 5.19 -20.76 -16.98
CA GLY B 28 4.98 -20.66 -15.55
C GLY B 28 3.69 -21.33 -15.14
N GLY B 29 3.54 -22.59 -15.51
CA GLY B 29 2.34 -23.35 -15.22
C GLY B 29 2.59 -24.84 -15.38
N CYS B 30 1.52 -25.61 -15.21
CA CYS B 30 1.58 -27.07 -15.33
C CYS B 30 0.20 -27.66 -15.55
N VAL B 31 0.20 -28.76 -16.29
CA VAL B 31 -0.99 -29.61 -16.44
C VAL B 31 -0.56 -31.05 -16.20
N THR B 32 -1.38 -31.77 -15.45
CA THR B 32 -1.24 -33.22 -15.33
C THR B 32 -2.39 -33.84 -16.11
N ILE B 33 -2.04 -34.65 -17.09
CA ILE B 33 -3.00 -35.27 -18.00
C ILE B 33 -3.09 -36.73 -17.62
N THR B 34 -4.32 -37.23 -17.43
CA THR B 34 -4.49 -38.61 -17.01
C THR B 34 -5.64 -39.27 -17.74
N ALA B 35 -5.52 -40.58 -17.92
CA ALA B 35 -6.58 -41.38 -18.53
C ALA B 35 -6.50 -42.78 -17.97
N GLU B 36 -7.63 -43.47 -17.96
CA GLU B 36 -7.70 -44.79 -17.37
C GLU B 36 -6.70 -45.72 -18.05
N GLY B 37 -5.92 -46.43 -17.24
CA GLY B 37 -4.97 -47.39 -17.73
C GLY B 37 -3.80 -46.81 -18.49
N LYS B 38 -3.61 -45.49 -18.46
CA LYS B 38 -2.48 -44.86 -19.11
C LYS B 38 -1.60 -44.17 -18.07
N PRO B 39 -0.28 -44.30 -18.15
CA PRO B 39 0.57 -43.64 -17.17
C PRO B 39 0.41 -42.13 -17.22
N SER B 40 0.40 -41.51 -16.04
CA SER B 40 0.16 -40.08 -15.94
C SER B 40 1.39 -39.29 -16.35
N MET B 41 1.17 -38.20 -17.09
CA MET B 41 2.24 -37.34 -17.59
C MET B 41 2.11 -35.92 -17.05
N ASP B 42 3.25 -35.29 -16.81
CA ASP B 42 3.33 -33.86 -16.56
C ASP B 42 3.93 -33.17 -17.79
N VAL B 43 3.24 -32.16 -18.30
CA VAL B 43 3.63 -31.48 -19.53
C VAL B 43 3.69 -29.98 -19.26
N TRP B 44 4.78 -29.33 -19.67
CA TRP B 44 4.83 -27.88 -19.47
C TRP B 44 5.73 -27.20 -20.49
N LEU B 45 5.53 -25.89 -20.62
CA LEU B 45 6.29 -25.03 -21.51
C LEU B 45 7.40 -24.35 -20.72
N ASP B 46 8.65 -24.54 -21.15
CA ASP B 46 9.79 -24.09 -20.37
C ASP B 46 10.42 -22.79 -20.87
N ALA B 47 10.40 -22.52 -22.18
CA ALA B 47 11.09 -21.33 -22.65
C ALA B 47 10.56 -20.90 -24.02
N ILE B 48 10.60 -19.59 -24.25
CA ILE B 48 10.31 -18.96 -25.53
C ILE B 48 11.43 -17.98 -25.80
N TYR B 49 12.18 -18.18 -26.88
CA TYR B 49 13.37 -17.37 -27.05
C TYR B 49 13.84 -17.34 -28.50
N GLN B 50 14.75 -16.39 -28.76
CA GLN B 50 15.39 -16.23 -30.06
C GLN B 50 16.82 -15.78 -29.85
N GLU B 51 17.66 -16.04 -30.85
CA GLU B 51 19.05 -15.62 -30.83
C GLU B 51 19.24 -14.38 -31.70
N ASN B 52 19.83 -13.34 -31.13
CA ASN B 52 20.13 -12.10 -31.83
C ASN B 52 18.94 -11.61 -32.65
N PRO B 53 17.87 -11.14 -32.01
CA PRO B 53 16.70 -10.67 -32.75
C PRO B 53 17.01 -9.43 -33.58
N ALA B 54 16.00 -8.95 -34.30
CA ALA B 54 16.19 -7.78 -35.14
C ALA B 54 16.07 -6.51 -34.30
N LYS B 55 16.82 -5.48 -34.66
CA LYS B 55 16.75 -4.22 -33.91
C LYS B 55 15.71 -3.27 -34.49
N THR B 56 15.36 -2.27 -33.69
CA THR B 56 14.40 -1.25 -34.04
C THR B 56 14.96 0.07 -33.51
N ARG B 57 14.22 1.16 -33.68
CA ARG B 57 14.78 2.48 -33.42
C ARG B 57 15.25 2.61 -31.98
N GLU B 58 16.44 3.18 -31.82
CA GLU B 58 17.18 3.22 -30.57
C GLU B 58 17.11 4.64 -29.99
N TYR B 59 16.65 4.76 -28.74
CA TYR B 59 16.51 6.05 -28.08
C TYR B 59 17.72 6.40 -27.21
N CYS B 60 17.78 7.68 -26.82
CA CYS B 60 18.82 8.21 -25.95
C CYS B 60 18.20 8.75 -24.67
N LEU B 61 18.92 8.63 -23.54
CA LEU B 61 18.38 9.08 -22.27
C LEU B 61 19.19 10.16 -21.57
N HIS B 62 20.42 10.43 -21.99
CA HIS B 62 21.25 11.42 -21.30
C HIS B 62 22.23 12.02 -22.32
N ALA B 63 21.95 13.25 -22.74
CA ALA B 63 22.73 13.91 -23.77
C ALA B 63 24.02 14.50 -23.22
N LYS B 64 25.04 14.49 -24.06
CA LYS B 64 26.35 15.08 -23.79
C LYS B 64 26.57 16.20 -24.81
N LEU B 65 26.88 17.39 -24.31
CA LEU B 65 26.91 18.61 -25.11
C LEU B 65 28.33 19.15 -25.19
N SER B 66 28.69 19.68 -26.36
CA SER B 66 30.04 20.22 -26.53
C SER B 66 30.06 21.34 -27.55
N ASP B 67 31.17 22.07 -27.57
CA ASP B 67 31.44 23.11 -28.55
C ASP B 67 30.28 24.10 -28.68
N THR B 68 29.89 24.69 -27.56
CA THR B 68 28.88 25.73 -27.58
C THR B 68 29.43 26.98 -28.27
N LYS B 69 28.68 27.52 -29.22
CA LYS B 69 29.09 28.69 -29.96
C LYS B 69 27.91 29.63 -30.14
N VAL B 70 28.20 30.92 -30.30
CA VAL B 70 27.16 31.93 -30.41
C VAL B 70 27.66 33.07 -31.28
N ALA B 71 26.73 33.73 -31.97
CA ALA B 71 27.05 34.91 -32.77
C ALA B 71 25.85 35.85 -32.77
N ALA B 72 26.13 37.15 -32.87
CA ALA B 72 25.05 38.13 -32.84
C ALA B 72 25.43 39.34 -33.67
N ARG B 73 24.40 40.08 -34.09
CA ARG B 73 24.60 41.30 -34.88
C ARG B 73 23.56 42.35 -34.52
N CYS B 74 23.89 43.59 -34.88
CA CYS B 74 23.25 44.79 -34.35
C CYS B 74 21.82 44.96 -34.86
N PRO B 75 21.08 45.95 -34.31
CA PRO B 75 19.62 46.00 -34.53
C PRO B 75 19.15 46.42 -35.92
N THR B 76 20.05 46.68 -36.86
CA THR B 76 19.60 47.04 -38.20
C THR B 76 20.31 46.30 -39.30
N MET B 77 21.18 45.34 -38.98
CA MET B 77 21.92 44.57 -39.95
C MET B 77 21.28 43.21 -40.14
N GLY B 78 21.86 42.43 -41.04
CA GLY B 78 21.33 41.13 -41.40
C GLY B 78 21.41 40.12 -40.27
N PRO B 79 20.57 39.08 -40.35
CA PRO B 79 20.58 38.05 -39.30
C PRO B 79 21.94 37.35 -39.23
N ALA B 80 22.26 36.88 -38.02
CA ALA B 80 23.53 36.20 -37.77
C ALA B 80 23.50 34.79 -38.33
N THR B 81 24.69 34.26 -38.58
CA THR B 81 24.83 32.91 -39.12
C THR B 81 26.08 32.23 -38.56
N LEU B 82 25.99 30.91 -38.43
CA LEU B 82 27.12 30.08 -38.02
C LEU B 82 27.19 28.86 -38.93
N ALA B 83 28.41 28.42 -39.24
CA ALA B 83 28.58 27.27 -40.10
C ALA B 83 27.97 26.01 -39.50
N GLU B 84 28.09 25.85 -38.19
CA GLU B 84 27.55 24.67 -37.53
C GLU B 84 26.04 24.54 -37.72
N GLU B 85 25.36 25.62 -38.10
CA GLU B 85 23.92 25.56 -38.27
C GLU B 85 23.50 24.63 -39.39
N HIS B 86 24.36 24.38 -40.38
CA HIS B 86 24.02 23.54 -41.51
C HIS B 86 24.56 22.11 -41.38
N GLN B 87 25.50 21.87 -40.47
CA GLN B 87 26.08 20.56 -40.28
C GLN B 87 25.08 19.62 -39.59
N GLY B 88 25.53 18.38 -39.38
CA GLY B 88 24.77 17.40 -38.64
C GLY B 88 25.29 17.21 -37.23
N GLY B 89 24.43 16.68 -36.37
CA GLY B 89 24.79 16.45 -34.98
C GLY B 89 24.81 17.70 -34.12
N THR B 90 24.22 18.79 -34.61
CA THR B 90 24.19 20.05 -33.90
C THR B 90 22.75 20.51 -33.72
N VAL B 91 22.51 21.22 -32.62
CA VAL B 91 21.22 21.82 -32.34
C VAL B 91 21.44 23.31 -32.13
N CYS B 92 20.57 24.13 -32.71
CA CYS B 92 20.75 25.57 -32.74
C CYS B 92 19.42 26.27 -32.52
N LYS B 93 19.49 27.49 -32.01
CA LYS B 93 18.31 28.34 -31.85
C LYS B 93 18.62 29.77 -32.27
N ARG B 94 17.60 30.42 -32.83
CA ARG B 94 17.69 31.76 -33.41
C ARG B 94 16.72 32.66 -32.67
N ASP B 95 17.20 33.80 -32.17
CA ASP B 95 16.36 34.66 -31.35
C ASP B 95 16.82 36.11 -31.46
N GLN B 96 16.03 37.00 -30.85
CA GLN B 96 16.27 38.44 -30.85
C GLN B 96 16.64 38.92 -29.45
N SER B 97 17.60 39.84 -29.37
CA SER B 97 18.06 40.41 -28.11
C SER B 97 18.01 41.93 -28.16
N ASP B 98 17.95 42.54 -26.98
CA ASP B 98 17.97 44.00 -26.86
C ASP B 98 19.39 44.52 -26.80
N ARG B 99 19.70 45.53 -27.60
CA ARG B 99 21.05 46.08 -27.65
C ARG B 99 20.98 47.60 -27.78
N GLY B 100 22.13 48.23 -27.57
CA GLY B 100 22.22 49.68 -27.66
C GLY B 100 23.66 50.12 -27.51
N TRP B 101 23.86 51.42 -27.29
CA TRP B 101 25.23 51.91 -27.11
C TRP B 101 25.92 51.26 -25.93
N GLY B 102 25.15 50.75 -24.95
CA GLY B 102 25.76 50.16 -23.78
C GLY B 102 26.67 48.99 -24.11
N ASN B 103 26.46 48.34 -25.24
CA ASN B 103 27.27 47.20 -25.66
C ASN B 103 27.72 47.37 -27.10
N HIS B 104 27.95 48.61 -27.52
CA HIS B 104 28.67 48.95 -28.75
C HIS B 104 27.87 48.75 -30.03
N CYS B 105 26.53 48.82 -29.97
CA CYS B 105 25.76 48.95 -31.19
C CYS B 105 25.57 50.43 -31.52
N GLY B 106 25.30 50.71 -32.79
CA GLY B 106 25.10 52.06 -33.26
C GLY B 106 23.68 52.56 -33.08
N LEU B 107 22.74 51.64 -32.90
CA LEU B 107 21.34 51.98 -32.73
C LEU B 107 20.74 51.15 -31.61
N PHE B 108 19.62 51.63 -31.08
CA PHE B 108 18.90 50.96 -30.00
C PHE B 108 17.73 50.18 -30.59
N GLY B 109 17.64 48.90 -30.25
CA GLY B 109 16.53 48.10 -30.72
C GLY B 109 16.88 46.61 -30.70
N LYS B 110 16.04 45.84 -31.42
CA LYS B 110 16.15 44.39 -31.45
C LYS B 110 17.25 43.95 -32.42
N GLY B 111 18.38 43.53 -31.89
CA GLY B 111 19.38 42.84 -32.68
C GLY B 111 19.10 41.35 -32.71
N SER B 112 19.95 40.62 -33.43
CA SER B 112 19.72 39.20 -33.68
C SER B 112 20.87 38.38 -33.12
N ILE B 113 20.55 37.18 -32.64
CA ILE B 113 21.52 36.28 -32.04
C ILE B 113 21.17 34.84 -32.41
N VAL B 114 22.20 34.01 -32.57
CA VAL B 114 22.02 32.59 -32.88
C VAL B 114 23.04 31.79 -32.09
N ALA B 115 22.61 30.64 -31.55
CA ALA B 115 23.47 29.79 -30.74
C ALA B 115 23.39 28.35 -31.22
N CYS B 116 24.51 27.63 -31.11
CA CYS B 116 24.62 26.26 -31.57
C CYS B 116 25.45 25.44 -30.59
N VAL B 117 25.18 24.13 -30.58
CA VAL B 117 25.93 23.18 -29.75
C VAL B 117 25.93 21.82 -30.45
N LYS B 118 26.84 20.94 -30.05
CA LYS B 118 26.98 19.60 -30.61
C LYS B 118 26.48 18.59 -29.59
N ALA B 119 25.65 17.65 -30.04
CA ALA B 119 24.97 16.73 -29.13
C ALA B 119 25.30 15.28 -29.48
N ALA B 120 25.68 14.50 -28.48
CA ALA B 120 25.89 13.07 -28.64
C ALA B 120 25.44 12.36 -27.38
N CYS B 121 24.88 11.17 -27.54
CA CYS B 121 24.38 10.44 -26.39
C CYS B 121 25.53 9.93 -25.52
N GLU B 122 25.27 9.88 -24.21
CA GLU B 122 26.29 9.48 -23.26
C GLU B 122 26.61 8.00 -23.44
N ALA B 123 27.75 7.58 -22.90
CA ALA B 123 28.32 6.27 -23.22
C ALA B 123 27.33 5.13 -23.06
N LYS B 124 26.64 5.04 -21.92
CA LYS B 124 25.83 3.87 -21.59
C LYS B 124 24.38 4.19 -21.32
N LYS B 125 23.84 5.26 -21.90
CA LYS B 125 22.48 5.69 -21.59
C LYS B 125 21.53 5.52 -22.78
N LYS B 126 21.79 4.51 -23.61
CA LYS B 126 20.93 4.22 -24.74
C LYS B 126 19.81 3.26 -24.33
N ALA B 127 18.74 3.27 -25.12
CA ALA B 127 17.58 2.39 -24.94
C ALA B 127 17.35 1.68 -26.27
N THR B 128 17.87 0.45 -26.38
CA THR B 128 17.70 -0.32 -27.59
C THR B 128 16.41 -1.15 -27.53
N GLY B 129 15.77 -1.28 -28.68
CA GLY B 129 14.56 -2.10 -28.82
C GLY B 129 14.77 -3.19 -29.85
N HIS B 130 14.22 -4.37 -29.57
CA HIS B 130 14.36 -5.52 -30.45
C HIS B 130 12.99 -6.12 -30.75
N VAL B 131 12.90 -6.77 -31.91
CA VAL B 131 11.69 -7.45 -32.34
C VAL B 131 12.06 -8.88 -32.76
N TYR B 132 11.13 -9.80 -32.51
CA TYR B 132 11.28 -11.21 -32.85
C TYR B 132 10.90 -11.46 -34.30
N ASP B 133 11.49 -12.51 -34.88
CA ASP B 133 11.14 -12.97 -36.21
C ASP B 133 10.40 -14.31 -36.09
N ALA B 134 9.18 -14.37 -36.63
CA ALA B 134 8.39 -15.58 -36.51
C ALA B 134 9.07 -16.79 -37.12
N ASN B 135 9.99 -16.58 -38.05
CA ASN B 135 10.69 -17.68 -38.72
C ASN B 135 11.78 -18.30 -37.86
N LYS B 136 12.12 -17.70 -36.72
CA LYS B 136 13.26 -18.13 -35.94
C LYS B 136 12.96 -18.38 -34.47
N ILE B 137 11.77 -18.04 -34.00
CA ILE B 137 11.45 -18.19 -32.58
C ILE B 137 11.43 -19.66 -32.20
N VAL B 138 11.93 -19.98 -31.01
CA VAL B 138 11.99 -21.34 -30.50
C VAL B 138 11.10 -21.44 -29.26
N TYR B 139 10.22 -22.45 -29.25
CA TYR B 139 9.43 -22.82 -28.10
C TYR B 139 9.94 -24.17 -27.59
N THR B 140 10.16 -24.30 -26.29
CA THR B 140 10.65 -25.56 -25.72
C THR B 140 9.59 -26.13 -24.78
N VAL B 141 9.15 -27.35 -25.06
CA VAL B 141 8.18 -28.06 -24.22
C VAL B 141 8.89 -29.25 -23.59
N LYS B 142 8.53 -29.55 -22.34
CA LYS B 142 9.13 -30.66 -21.61
C LYS B 142 8.03 -31.57 -21.07
N VAL B 143 8.37 -32.86 -20.99
CA VAL B 143 7.44 -33.91 -20.56
C VAL B 143 8.13 -34.81 -19.55
N GLU B 144 7.39 -35.20 -18.51
CA GLU B 144 7.93 -36.01 -17.42
C GLU B 144 6.93 -37.10 -17.01
N PRO B 145 7.37 -38.36 -16.88
CA PRO B 145 6.46 -39.42 -16.45
C PRO B 145 6.44 -39.59 -14.94
N HIS B 146 5.29 -40.01 -14.42
CA HIS B 146 5.13 -40.25 -12.99
C HIS B 146 5.74 -41.60 -12.58
N THR B 147 7.07 -41.62 -12.49
CA THR B 147 7.70 -42.74 -11.83
C THR B 147 7.39 -42.67 -10.34
N GLY B 148 7.66 -43.77 -9.64
CA GLY B 148 7.40 -43.82 -8.21
C GLY B 148 8.46 -43.12 -7.37
N ASP B 149 9.22 -42.20 -7.96
CA ASP B 149 10.32 -41.54 -7.28
C ASP B 149 10.09 -40.03 -7.23
N TYR B 150 10.74 -39.39 -6.26
CA TYR B 150 10.62 -37.95 -6.03
C TYR B 150 12.00 -37.32 -5.97
N VAL B 151 12.12 -36.12 -6.55
CA VAL B 151 13.38 -35.39 -6.59
C VAL B 151 13.11 -33.91 -6.38
N ALA B 152 14.03 -33.25 -5.67
CA ALA B 152 13.86 -31.85 -5.32
C ALA B 152 14.06 -30.95 -6.54
N ALA B 153 13.82 -29.66 -6.33
CA ALA B 153 13.88 -28.71 -7.44
C ALA B 153 15.29 -28.51 -7.99
N ASN B 154 16.34 -28.88 -7.25
CA ASN B 154 17.69 -28.70 -7.75
C ASN B 154 18.32 -30.02 -8.20
N GLU B 155 17.50 -31.02 -8.47
CA GLU B 155 17.97 -32.35 -8.78
C GLU B 155 17.51 -32.76 -10.17
N THR B 156 18.35 -33.54 -10.84
CA THR B 156 18.13 -33.95 -12.23
C THR B 156 17.26 -35.19 -12.26
N HIS B 157 16.06 -35.07 -12.82
CA HIS B 157 15.17 -36.22 -12.99
C HIS B 157 15.58 -36.98 -14.25
N SER B 158 15.76 -38.30 -14.11
CA SER B 158 16.26 -39.10 -15.23
C SER B 158 15.25 -39.27 -16.35
N GLY B 159 13.96 -39.12 -16.07
CA GLY B 159 12.93 -39.29 -17.07
C GLY B 159 12.51 -38.05 -17.81
N ARG B 160 13.18 -36.93 -17.60
CA ARG B 160 12.77 -35.66 -18.22
C ARG B 160 13.09 -35.69 -19.71
N LYS B 161 12.12 -35.33 -20.55
CA LYS B 161 12.35 -35.30 -22.00
C LYS B 161 11.97 -33.93 -22.56
N THR B 162 12.69 -33.55 -23.63
CA THR B 162 12.64 -32.22 -24.19
C THR B 162 12.25 -32.27 -25.66
N ALA B 163 11.39 -31.34 -26.10
CA ALA B 163 11.06 -31.18 -27.51
C ALA B 163 11.06 -29.70 -27.84
N SER B 164 11.81 -29.33 -28.89
CA SER B 164 11.94 -27.94 -29.31
C SER B 164 11.23 -27.73 -30.64
N PHE B 165 10.37 -26.71 -30.67
CA PHE B 165 9.49 -26.43 -31.79
C PHE B 165 9.84 -25.08 -32.42
N THR B 166 9.81 -25.04 -33.75
CA THR B 166 9.92 -23.81 -34.51
C THR B 166 8.73 -23.77 -35.46
N VAL B 167 8.68 -22.80 -36.37
CA VAL B 167 7.58 -22.83 -37.34
C VAL B 167 7.75 -24.04 -38.24
N SER B 168 8.98 -24.40 -38.57
CA SER B 168 9.28 -25.71 -39.12
C SER B 168 9.37 -26.73 -37.98
N SER B 169 9.16 -28.00 -38.30
CA SER B 169 9.20 -29.07 -37.31
C SER B 169 8.13 -28.88 -36.24
N GLU B 170 6.87 -28.91 -36.69
CA GLU B 170 5.74 -28.67 -35.81
C GLU B 170 5.33 -29.89 -34.98
N LYS B 171 5.86 -31.07 -35.29
CA LYS B 171 5.37 -32.30 -34.67
C LYS B 171 6.56 -33.20 -34.30
N THR B 172 6.46 -33.87 -33.14
CA THR B 172 7.57 -34.69 -32.68
C THR B 172 7.05 -35.86 -31.85
N ILE B 173 7.86 -36.91 -31.76
CA ILE B 173 7.60 -38.11 -30.97
C ILE B 173 8.69 -38.25 -29.92
N LEU B 174 8.29 -38.44 -28.67
CA LEU B 174 9.23 -38.65 -27.57
C LEU B 174 9.13 -40.08 -27.05
N THR B 175 10.28 -40.71 -26.82
CA THR B 175 10.37 -42.06 -26.30
C THR B 175 10.82 -42.00 -24.86
N MET B 176 10.19 -42.80 -24.00
CA MET B 176 10.25 -42.63 -22.55
C MET B 176 10.59 -43.94 -21.85
N GLY B 177 11.48 -44.73 -22.41
CA GLY B 177 11.82 -45.99 -21.78
C GLY B 177 10.64 -46.94 -21.74
N GLU B 178 10.46 -47.60 -20.60
CA GLU B 178 9.44 -48.64 -20.48
C GLU B 178 8.03 -48.10 -20.68
N TYR B 179 7.80 -46.81 -20.45
CA TYR B 179 6.46 -46.25 -20.55
C TYR B 179 5.99 -46.02 -21.97
N GLY B 180 6.85 -46.21 -22.97
CA GLY B 180 6.43 -46.10 -24.36
C GLY B 180 6.72 -44.78 -25.03
N ASP B 181 5.83 -44.35 -25.93
CA ASP B 181 6.04 -43.16 -26.74
C ASP B 181 4.84 -42.21 -26.62
N VAL B 182 5.11 -40.91 -26.71
CA VAL B 182 4.08 -39.89 -26.66
C VAL B 182 4.28 -38.93 -27.83
N SER B 183 3.18 -38.42 -28.38
CA SER B 183 3.23 -37.57 -29.56
C SER B 183 2.83 -36.14 -29.22
N LEU B 184 3.59 -35.17 -29.71
CA LEU B 184 3.33 -33.75 -29.47
C LEU B 184 3.18 -33.01 -30.79
N LEU B 185 2.12 -32.23 -30.91
CA LEU B 185 1.92 -31.32 -32.05
C LEU B 185 1.69 -29.92 -31.50
N CYS B 186 2.53 -28.96 -31.87
CA CYS B 186 2.45 -27.59 -31.34
C CYS B 186 2.75 -26.60 -32.47
N ARG B 187 1.72 -25.96 -32.99
CA ARG B 187 1.88 -24.97 -34.05
C ARG B 187 2.17 -23.60 -33.45
N VAL B 188 3.31 -23.03 -33.80
CA VAL B 188 3.75 -21.76 -33.23
C VAL B 188 2.84 -20.61 -33.63
N ALA B 189 2.11 -20.73 -34.74
CA ALA B 189 1.24 -19.65 -35.18
C ALA B 189 0.14 -19.35 -34.18
N SER B 190 -0.12 -20.24 -33.23
CA SER B 190 -1.14 -20.02 -32.22
C SER B 190 -0.60 -19.31 -30.97
N GLY B 191 0.70 -19.09 -30.89
CA GLY B 191 1.33 -18.55 -29.69
C GLY B 191 1.25 -17.04 -29.55
N VAL B 192 2.28 -16.49 -28.90
CA VAL B 192 2.30 -15.06 -28.62
C VAL B 192 2.18 -14.27 -29.91
N ASP B 193 1.50 -13.12 -29.83
CA ASP B 193 1.32 -12.22 -30.97
C ASP B 193 2.59 -11.39 -31.14
N LEU B 194 3.53 -11.95 -31.89
CA LEU B 194 4.86 -11.36 -31.99
C LEU B 194 4.86 -9.98 -32.65
N ALA B 195 3.82 -9.63 -33.38
CA ALA B 195 3.83 -8.35 -34.10
C ALA B 195 3.76 -7.17 -33.14
N GLN B 196 3.26 -7.38 -31.93
CA GLN B 196 2.98 -6.30 -31.01
C GLN B 196 3.94 -6.22 -29.82
N THR B 197 4.94 -7.09 -29.73
CA THR B 197 5.86 -7.11 -28.61
C THR B 197 7.23 -6.60 -29.02
N VAL B 198 7.82 -5.74 -28.17
CA VAL B 198 9.17 -5.26 -28.34
C VAL B 198 9.94 -5.54 -27.05
N ILE B 199 11.22 -5.90 -27.18
CA ILE B 199 12.07 -6.17 -26.04
C ILE B 199 13.01 -4.98 -25.84
N LEU B 200 12.98 -4.39 -24.66
CA LEU B 200 13.68 -3.13 -24.38
C LEU B 200 14.85 -3.42 -23.45
N GLU B 201 16.05 -2.99 -23.84
CA GLU B 201 17.27 -3.47 -23.18
C GLU B 201 17.87 -2.53 -22.14
N LEU B 202 17.94 -1.22 -22.40
CA LEU B 202 18.76 -0.30 -21.60
C LEU B 202 20.16 -0.90 -21.46
N ASP B 203 20.71 -0.99 -20.25
CA ASP B 203 22.07 -1.48 -20.02
C ASP B 203 21.98 -2.76 -19.18
N LYS B 204 22.51 -3.85 -19.72
CA LYS B 204 22.32 -5.16 -19.10
C LYS B 204 23.37 -5.52 -18.06
N THR B 205 24.41 -4.72 -17.86
CA THR B 205 25.38 -4.99 -16.80
C THR B 205 25.07 -4.24 -15.51
N VAL B 206 23.99 -3.48 -15.46
CA VAL B 206 23.61 -2.75 -14.25
C VAL B 206 22.98 -3.73 -13.27
N GLU B 207 23.61 -3.93 -12.12
CA GLU B 207 23.05 -4.80 -11.10
C GLU B 207 21.82 -4.16 -10.46
N HIS B 208 20.97 -5.01 -9.87
CA HIS B 208 19.74 -4.56 -9.21
C HIS B 208 18.77 -3.92 -10.19
N LEU B 209 18.81 -4.31 -11.45
CA LEU B 209 17.76 -3.99 -12.40
C LEU B 209 17.47 -5.22 -13.23
N PRO B 210 16.25 -5.37 -13.74
CA PRO B 210 15.98 -6.46 -14.69
C PRO B 210 16.78 -6.25 -15.96
N THR B 211 17.03 -7.34 -16.67
CA THR B 211 17.86 -7.27 -17.86
C THR B 211 17.11 -6.82 -19.10
N ALA B 212 15.77 -6.89 -19.11
CA ALA B 212 15.01 -6.39 -20.24
C ALA B 212 13.53 -6.31 -19.89
N TRP B 213 12.79 -5.53 -20.67
CA TRP B 213 11.36 -5.36 -20.52
C TRP B 213 10.64 -5.69 -21.83
N GLN B 214 9.40 -6.17 -21.69
CA GLN B 214 8.55 -6.53 -22.82
C GLN B 214 7.48 -5.47 -23.03
N VAL B 215 7.85 -4.41 -23.74
CA VAL B 215 6.95 -3.26 -23.91
C VAL B 215 6.10 -3.44 -25.18
N HIS B 216 5.02 -2.65 -25.25
CA HIS B 216 4.10 -2.68 -26.38
C HIS B 216 4.64 -1.83 -27.53
N ARG B 217 4.37 -2.27 -28.76
CA ARG B 217 4.98 -1.66 -29.94
C ARG B 217 4.44 -0.24 -30.19
N ASP B 218 3.13 -0.05 -30.08
CA ASP B 218 2.57 1.28 -30.28
C ASP B 218 3.12 2.25 -29.24
N TRP B 219 3.18 1.82 -27.98
CA TRP B 219 3.74 2.68 -26.95
C TRP B 219 5.20 3.01 -27.24
N PHE B 220 5.97 2.01 -27.69
CA PHE B 220 7.39 2.24 -27.92
C PHE B 220 7.63 3.23 -29.04
N ASN B 221 6.76 3.26 -30.05
CA ASN B 221 7.00 4.15 -31.18
C ASN B 221 6.60 5.61 -30.92
N ASP B 222 5.97 5.92 -29.78
CA ASP B 222 5.48 7.28 -29.53
C ASP B 222 6.34 8.09 -28.57
N LEU B 223 7.45 7.55 -28.07
CA LEU B 223 8.24 8.28 -27.07
C LEU B 223 8.87 9.53 -27.66
N ALA B 224 8.80 10.63 -26.91
CA ALA B 224 9.43 11.89 -27.27
C ALA B 224 10.86 11.93 -26.72
N LEU B 225 11.78 11.33 -27.47
CA LEU B 225 13.19 11.38 -27.11
C LEU B 225 14.06 11.37 -28.36
N PRO B 226 15.36 11.66 -28.25
CA PRO B 226 16.24 11.50 -29.41
C PRO B 226 16.40 10.03 -29.79
N TRP B 227 16.53 9.78 -31.08
CA TRP B 227 16.53 8.43 -31.59
C TRP B 227 17.28 8.32 -32.91
N LYS B 228 17.78 7.12 -33.19
CA LYS B 228 18.40 6.83 -34.48
C LYS B 228 18.29 5.34 -34.72
N HIS B 229 18.64 4.93 -35.95
CA HIS B 229 18.76 3.53 -36.27
C HIS B 229 20.22 3.09 -36.16
N GLU B 230 20.42 1.78 -36.18
CA GLU B 230 21.74 1.23 -35.92
C GLU B 230 22.77 1.78 -36.89
N GLY B 231 24.00 1.96 -36.40
CA GLY B 231 25.13 2.35 -37.22
C GLY B 231 25.22 3.82 -37.56
N ALA B 232 24.11 4.55 -37.55
CA ALA B 232 24.15 5.97 -37.87
C ALA B 232 24.91 6.74 -36.79
N GLN B 233 25.47 7.88 -37.17
CA GLN B 233 26.35 8.64 -36.28
C GLN B 233 25.67 9.84 -35.63
N ASN B 234 24.61 10.38 -36.24
CA ASN B 234 24.03 11.65 -35.79
C ASN B 234 22.60 11.43 -35.33
N TRP B 235 22.29 11.91 -34.12
CA TRP B 235 20.97 11.71 -33.53
C TRP B 235 19.93 12.65 -34.11
N ASN B 236 18.73 12.14 -34.28
CA ASN B 236 17.61 12.99 -34.62
C ASN B 236 17.03 13.65 -33.37
N ASN B 237 16.68 14.93 -33.51
CA ASN B 237 15.90 15.64 -32.50
C ASN B 237 16.59 15.69 -31.14
N ALA B 238 17.85 16.14 -31.14
CA ALA B 238 18.48 16.48 -29.86
C ALA B 238 17.72 17.61 -29.17
N GLU B 239 16.89 18.32 -29.95
CA GLU B 239 16.11 19.42 -29.40
C GLU B 239 15.29 19.01 -28.19
N ARG B 240 14.80 17.77 -28.14
CA ARG B 240 13.94 17.39 -27.02
C ARG B 240 14.70 17.40 -25.70
N LEU B 241 16.02 17.20 -25.72
CA LEU B 241 16.80 17.22 -24.49
C LEU B 241 17.72 18.41 -24.33
N VAL B 242 17.86 19.28 -25.33
CA VAL B 242 18.59 20.54 -25.15
C VAL B 242 17.59 21.69 -25.20
N GLU B 243 17.67 22.56 -24.19
CA GLU B 243 16.77 23.70 -24.04
C GLU B 243 17.60 24.97 -23.84
N PHE B 244 17.08 26.09 -24.33
CA PHE B 244 17.82 27.35 -24.39
C PHE B 244 17.21 28.39 -23.47
N GLY B 245 18.08 29.14 -22.79
CA GLY B 245 17.62 30.24 -21.97
C GLY B 245 17.40 31.51 -22.76
N ALA B 246 16.74 32.47 -22.13
CA ALA B 246 16.54 33.77 -22.76
C ALA B 246 17.87 34.47 -22.94
N PRO B 247 18.04 35.25 -24.00
CA PRO B 247 19.36 35.81 -24.31
C PRO B 247 19.65 37.12 -23.59
N HIS B 248 20.93 37.32 -23.29
CA HIS B 248 21.44 38.63 -22.91
C HIS B 248 21.72 39.42 -24.17
N ALA B 249 22.43 40.54 -24.04
CA ALA B 249 22.77 41.34 -25.21
C ALA B 249 23.59 40.53 -26.20
N VAL B 250 24.68 39.91 -25.75
CA VAL B 250 25.61 39.25 -26.66
C VAL B 250 25.95 37.84 -26.20
N LYS B 251 25.20 37.28 -25.25
CA LYS B 251 25.46 35.94 -24.77
C LYS B 251 24.15 35.20 -24.54
N MET B 252 24.21 33.87 -24.69
CA MET B 252 23.03 33.02 -24.59
C MET B 252 23.43 31.70 -23.95
N ASP B 253 22.52 31.13 -23.16
CA ASP B 253 22.82 29.98 -22.32
C ASP B 253 22.21 28.69 -22.88
N VAL B 254 22.96 27.60 -22.75
CA VAL B 254 22.53 26.27 -23.17
C VAL B 254 22.36 25.41 -21.92
N TYR B 255 21.17 24.84 -21.73
CA TYR B 255 20.86 24.02 -20.57
C TYR B 255 20.57 22.58 -20.98
N ASN B 256 20.97 21.65 -20.13
CA ASN B 256 20.83 20.22 -20.35
C ASN B 256 19.78 19.68 -19.38
N LEU B 257 18.75 19.03 -19.90
CA LEU B 257 17.64 18.59 -19.07
C LEU B 257 17.94 17.36 -18.23
N GLY B 258 19.11 16.76 -18.35
CA GLY B 258 19.51 15.69 -17.45
C GLY B 258 18.97 14.32 -17.80
N ASP B 259 19.43 13.33 -17.04
CA ASP B 259 19.14 11.92 -17.28
C ASP B 259 17.66 11.60 -17.05
N GLN B 260 17.07 10.84 -17.98
CA GLN B 260 15.65 10.52 -17.95
C GLN B 260 15.34 9.12 -17.42
N THR B 261 16.35 8.36 -17.00
CA THR B 261 16.14 6.97 -16.60
C THR B 261 15.02 6.84 -15.58
N GLY B 262 14.99 7.73 -14.59
CA GLY B 262 13.98 7.65 -13.55
C GLY B 262 12.57 7.92 -14.02
N VAL B 263 12.42 8.74 -15.08
CA VAL B 263 11.10 8.95 -15.66
C VAL B 263 10.68 7.72 -16.45
N LEU B 264 11.63 7.16 -17.22
CA LEU B 264 11.31 5.99 -18.03
C LEU B 264 10.88 4.81 -17.16
N LEU B 265 11.68 4.48 -16.15
CA LEU B 265 11.37 3.31 -15.32
C LEU B 265 10.06 3.49 -14.57
N LYS B 266 9.65 4.74 -14.30
CA LYS B 266 8.34 4.93 -13.68
C LYS B 266 7.23 4.73 -14.69
N ALA B 267 7.45 5.13 -15.94
CA ALA B 267 6.45 4.87 -16.96
C ALA B 267 6.26 3.37 -17.20
N LEU B 268 7.34 2.61 -17.18
CA LEU B 268 7.26 1.16 -17.46
C LEU B 268 6.55 0.35 -16.37
N ALA B 269 5.92 1.00 -15.39
CA ALA B 269 5.48 0.31 -14.18
C ALA B 269 4.87 -1.06 -14.45
N GLY B 270 3.79 -1.13 -15.21
CA GLY B 270 3.02 -2.37 -15.35
C GLY B 270 3.57 -3.40 -16.31
N VAL B 271 4.71 -3.17 -16.95
CA VAL B 271 5.16 -4.03 -18.05
C VAL B 271 5.73 -5.33 -17.48
N PRO B 272 5.49 -6.48 -18.12
CA PRO B 272 6.14 -7.73 -17.68
C PRO B 272 7.65 -7.71 -17.93
N VAL B 273 8.37 -8.49 -17.12
CA VAL B 273 9.82 -8.56 -17.25
C VAL B 273 10.21 -9.58 -18.33
N ALA B 274 11.38 -9.39 -18.92
CA ALA B 274 11.98 -10.31 -19.87
C ALA B 274 13.42 -10.53 -19.43
N HIS B 275 14.15 -11.42 -20.13
CA HIS B 275 15.49 -11.76 -19.67
C HIS B 275 16.43 -11.94 -20.86
N ILE B 276 17.72 -11.83 -20.58
CA ILE B 276 18.78 -12.05 -21.57
C ILE B 276 19.86 -12.88 -20.90
N GLU B 277 20.39 -13.88 -21.61
CA GLU B 277 21.44 -14.70 -21.02
C GLU B 277 22.63 -14.88 -21.95
N GLY B 278 22.83 -13.95 -22.89
CA GLY B 278 23.94 -14.06 -23.81
C GLY B 278 23.46 -13.71 -25.21
N THR B 279 23.63 -14.64 -26.14
CA THR B 279 23.01 -14.49 -27.45
C THR B 279 21.51 -14.70 -27.39
N LYS B 280 20.98 -15.15 -26.27
CA LYS B 280 19.58 -15.59 -26.17
C LYS B 280 18.73 -14.55 -25.44
N TYR B 281 17.59 -14.21 -26.05
CA TYR B 281 16.63 -13.24 -25.52
C TYR B 281 15.35 -14.00 -25.16
N HIS B 282 15.09 -14.14 -23.87
CA HIS B 282 13.98 -14.94 -23.37
C HIS B 282 12.78 -14.08 -23.01
N LEU B 283 11.61 -14.45 -23.52
CA LEU B 283 10.38 -14.02 -22.87
C LEU B 283 10.17 -14.84 -21.61
N LYS B 284 9.50 -14.23 -20.62
CA LYS B 284 9.14 -14.93 -19.39
C LYS B 284 7.63 -14.93 -19.19
N SER B 285 6.87 -14.76 -20.27
CA SER B 285 5.41 -14.75 -20.18
C SER B 285 4.84 -14.99 -21.57
N GLY B 286 4.10 -16.08 -21.73
CA GLY B 286 3.53 -16.42 -23.01
C GLY B 286 2.82 -17.76 -22.93
N HIS B 287 2.32 -18.21 -24.07
CA HIS B 287 1.58 -19.46 -24.09
C HIS B 287 1.64 -20.09 -25.48
N VAL B 288 1.30 -21.38 -25.53
CA VAL B 288 1.30 -22.16 -26.76
C VAL B 288 0.08 -23.08 -26.73
N THR B 289 -0.39 -23.50 -27.91
CA THR B 289 -1.44 -24.51 -28.01
C THR B 289 -0.85 -25.79 -28.58
N CYS B 290 -1.23 -26.93 -27.99
CA CYS B 290 -0.69 -28.22 -28.39
C CYS B 290 -1.76 -29.30 -28.36
N GLU B 291 -1.50 -30.37 -29.10
CA GLU B 291 -2.25 -31.62 -29.00
C GLU B 291 -1.30 -32.73 -28.61
N VAL B 292 -1.69 -33.52 -27.62
CA VAL B 292 -0.89 -34.61 -27.09
C VAL B 292 -1.59 -35.93 -27.41
N GLY B 293 -0.86 -36.84 -28.02
CA GLY B 293 -1.36 -38.15 -28.39
C GLY B 293 -0.74 -39.22 -27.49
N LEU B 294 -1.62 -40.04 -26.90
CA LEU B 294 -1.31 -40.95 -25.80
C LEU B 294 -1.34 -42.42 -26.19
N GLU B 295 -1.74 -42.75 -27.43
CA GLU B 295 -2.04 -44.13 -27.75
C GLU B 295 -0.86 -45.07 -27.53
N LYS B 296 0.36 -44.57 -27.68
CA LYS B 296 1.55 -45.41 -27.62
C LYS B 296 2.09 -45.57 -26.21
N LEU B 297 1.32 -45.19 -25.19
CA LEU B 297 1.74 -45.30 -23.80
C LEU B 297 1.29 -46.62 -23.20
N LYS B 298 2.09 -47.16 -22.28
CA LYS B 298 1.80 -48.43 -21.64
C LYS B 298 2.30 -48.42 -20.21
N MET B 299 1.68 -49.27 -19.39
CA MET B 299 1.96 -49.33 -17.96
C MET B 299 3.24 -50.11 -17.69
N LYS B 300 3.77 -49.94 -16.48
CA LYS B 300 4.97 -50.64 -16.03
C LYS B 300 4.64 -51.56 -14.87
N GLY B 301 5.20 -52.76 -14.89
CA GLY B 301 5.08 -53.69 -13.77
C GLY B 301 3.69 -54.20 -13.50
N LEU B 302 2.80 -54.13 -14.49
CA LEU B 302 1.41 -54.50 -14.26
C LEU B 302 1.23 -55.96 -13.88
N THR B 303 2.23 -56.80 -14.12
CA THR B 303 2.13 -58.23 -13.82
C THR B 303 2.80 -58.63 -12.51
N TYR B 304 3.36 -57.68 -11.77
CA TYR B 304 4.08 -58.01 -10.54
C TYR B 304 3.15 -58.62 -9.49
N THR B 305 3.76 -59.27 -8.51
CA THR B 305 3.05 -59.76 -7.33
C THR B 305 2.88 -58.64 -6.31
N MET B 306 1.96 -58.86 -5.38
CA MET B 306 1.73 -57.90 -4.31
C MET B 306 2.88 -57.89 -3.31
N CYS B 307 3.03 -56.77 -2.61
CA CYS B 307 4.04 -56.63 -1.58
C CYS B 307 3.70 -57.50 -0.36
N ASP B 308 4.72 -57.71 0.48
CA ASP B 308 4.50 -58.35 1.77
C ASP B 308 3.91 -57.33 2.73
N LYS B 309 2.65 -57.54 3.12
CA LYS B 309 1.88 -56.50 3.79
C LYS B 309 2.49 -56.05 5.11
N THR B 310 3.34 -56.88 5.74
CA THR B 310 3.84 -56.54 7.05
C THR B 310 5.14 -55.72 7.03
N LYS B 311 5.75 -55.53 5.86
CA LYS B 311 7.11 -55.00 5.80
C LYS B 311 7.19 -53.47 5.66
N PHE B 312 6.07 -52.77 5.42
CA PHE B 312 6.14 -51.36 5.08
C PHE B 312 6.52 -50.48 6.27
N THR B 313 6.96 -49.26 5.95
CA THR B 313 7.25 -48.23 6.94
C THR B 313 7.10 -46.87 6.26
N TRP B 314 6.71 -45.87 7.04
CA TRP B 314 6.66 -44.49 6.54
C TRP B 314 8.05 -43.89 6.50
N LYS B 315 8.35 -43.17 5.42
CA LYS B 315 9.54 -42.32 5.37
C LYS B 315 9.17 -40.85 5.46
N ARG B 316 8.01 -40.48 4.93
CA ARG B 316 7.35 -39.22 5.24
C ARG B 316 5.87 -39.51 5.41
N ALA B 317 5.26 -38.97 6.46
CA ALA B 317 3.86 -39.20 6.72
C ALA B 317 3.00 -38.44 5.71
N PRO B 318 1.74 -38.84 5.53
CA PRO B 318 0.89 -38.16 4.57
C PRO B 318 0.78 -36.67 4.88
N THR B 319 0.81 -35.85 3.82
CA THR B 319 0.66 -34.42 4.00
C THR B 319 -0.11 -33.82 2.84
N ASP B 320 -0.74 -32.68 3.10
CA ASP B 320 -1.54 -31.97 2.12
C ASP B 320 -0.64 -31.17 1.19
N SER B 321 -0.92 -31.23 -0.12
CA SER B 321 -0.10 -30.56 -1.11
C SER B 321 -0.54 -29.13 -1.38
N GLY B 322 -1.76 -28.77 -1.00
CA GLY B 322 -2.32 -27.48 -1.36
C GLY B 322 -3.08 -27.46 -2.66
N HIS B 323 -3.06 -28.56 -3.42
CA HIS B 323 -3.84 -28.70 -4.64
C HIS B 323 -5.04 -29.63 -4.44
N ASP B 324 -5.43 -29.86 -3.18
CA ASP B 324 -6.48 -30.81 -2.83
C ASP B 324 -6.02 -32.25 -3.09
N THR B 325 -4.78 -32.54 -2.72
CA THR B 325 -4.22 -33.88 -2.87
C THR B 325 -3.32 -34.18 -1.68
N VAL B 326 -3.14 -35.48 -1.42
CA VAL B 326 -2.31 -35.96 -0.33
C VAL B 326 -1.08 -36.67 -0.91
N VAL B 327 0.07 -36.44 -0.31
CA VAL B 327 1.34 -37.00 -0.77
C VAL B 327 1.94 -37.84 0.35
N MET B 328 2.61 -38.93 -0.05
CA MET B 328 3.09 -39.96 0.86
C MET B 328 4.39 -40.54 0.33
N GLU B 329 5.19 -41.10 1.25
CA GLU B 329 6.42 -41.80 0.87
C GLU B 329 6.62 -43.01 1.78
N VAL B 330 6.75 -44.18 1.16
CA VAL B 330 6.83 -45.46 1.87
C VAL B 330 8.17 -46.11 1.58
N THR B 331 8.65 -46.91 2.53
CA THR B 331 9.85 -47.72 2.38
C THR B 331 9.52 -49.17 2.72
N PHE B 332 10.29 -50.09 2.15
CA PHE B 332 9.93 -51.50 2.12
C PHE B 332 11.19 -52.36 2.15
N SER B 333 11.06 -53.59 2.65
CA SER B 333 12.22 -54.44 2.90
C SER B 333 12.10 -55.86 2.36
N GLY B 334 10.97 -56.25 1.78
CA GLY B 334 10.80 -57.59 1.26
C GLY B 334 11.45 -57.78 -0.10
N THR B 335 11.01 -58.81 -0.82
CA THR B 335 11.53 -59.08 -2.15
C THR B 335 11.25 -57.86 -3.02
N LYS B 336 12.27 -57.37 -3.69
CA LYS B 336 12.28 -55.99 -4.14
C LYS B 336 11.21 -55.64 -5.18
N PRO B 337 11.23 -56.21 -6.39
CA PRO B 337 10.26 -55.75 -7.40
C PRO B 337 8.83 -56.19 -7.07
N CYS B 338 7.97 -55.26 -6.71
CA CYS B 338 6.60 -55.64 -6.37
C CYS B 338 5.66 -54.44 -6.41
N ARG B 339 4.38 -54.74 -6.28
CA ARG B 339 3.29 -53.78 -6.45
C ARG B 339 2.69 -53.41 -5.09
N ILE B 340 2.48 -52.12 -4.86
CA ILE B 340 2.07 -51.65 -3.52
C ILE B 340 0.55 -51.71 -3.42
N PRO B 341 -0.01 -52.26 -2.32
CA PRO B 341 -1.47 -52.34 -2.19
C PRO B 341 -2.14 -51.15 -1.49
N VAL B 342 -1.88 -49.92 -1.93
CA VAL B 342 -2.42 -48.76 -1.23
C VAL B 342 -3.94 -48.68 -1.39
N ARG B 343 -4.62 -48.24 -0.33
CA ARG B 343 -6.06 -48.03 -0.38
C ARG B 343 -6.47 -47.03 0.70
N ALA B 344 -7.70 -46.52 0.60
CA ALA B 344 -8.22 -45.57 1.57
C ALA B 344 -9.71 -45.82 1.78
N VAL B 345 -10.17 -45.57 3.01
CA VAL B 345 -11.51 -45.95 3.46
C VAL B 345 -12.23 -44.74 4.03
N ALA B 346 -13.49 -44.55 3.62
CA ALA B 346 -14.33 -43.50 4.17
C ALA B 346 -15.01 -43.96 5.46
N HIS B 347 -15.14 -43.04 6.41
CA HIS B 347 -15.81 -43.35 7.67
C HIS B 347 -17.31 -43.48 7.45
N GLY B 348 -17.92 -44.44 8.15
CA GLY B 348 -19.35 -44.65 8.02
C GLY B 348 -19.78 -45.40 6.80
N SER B 349 -18.88 -46.12 6.16
CA SER B 349 -19.18 -46.87 4.95
C SER B 349 -18.48 -48.22 5.03
N PRO B 350 -18.92 -49.21 4.25
CA PRO B 350 -18.38 -50.58 4.39
C PRO B 350 -17.05 -50.80 3.69
N ASP B 351 -16.00 -50.18 4.23
CA ASP B 351 -14.61 -50.47 3.86
C ASP B 351 -14.32 -50.31 2.36
N VAL B 352 -15.17 -49.61 1.61
CA VAL B 352 -14.93 -49.43 0.18
C VAL B 352 -13.70 -48.57 -0.04
N ASN B 353 -12.87 -48.95 -1.01
CA ASN B 353 -11.72 -48.13 -1.40
C ASN B 353 -12.21 -46.94 -2.22
N VAL B 354 -11.96 -45.73 -1.72
CA VAL B 354 -12.48 -44.51 -2.33
C VAL B 354 -11.38 -43.60 -2.88
N ALA B 355 -10.11 -43.96 -2.69
CA ALA B 355 -9.01 -43.13 -3.17
C ALA B 355 -8.96 -43.10 -4.70
N MET B 356 -8.64 -41.94 -5.25
CA MET B 356 -8.32 -41.81 -6.67
C MET B 356 -6.85 -41.47 -6.79
N LEU B 357 -6.09 -42.29 -7.52
CA LEU B 357 -4.64 -42.19 -7.54
C LEU B 357 -4.18 -41.36 -8.72
N ILE B 358 -3.26 -40.42 -8.47
CA ILE B 358 -2.68 -39.67 -9.58
C ILE B 358 -1.53 -40.46 -10.19
N THR B 359 -0.75 -41.15 -9.35
CA THR B 359 0.29 -42.04 -9.85
C THR B 359 -0.27 -43.45 -9.91
N PRO B 360 -0.48 -44.03 -11.09
CA PRO B 360 -1.16 -45.32 -11.17
C PRO B 360 -0.26 -46.52 -10.90
N ASN B 361 -0.89 -47.56 -10.34
CA ASN B 361 -0.26 -48.84 -10.04
C ASN B 361 1.13 -48.65 -9.45
N PRO B 362 1.24 -48.14 -8.22
CA PRO B 362 2.55 -47.89 -7.64
C PRO B 362 3.35 -49.16 -7.45
N THR B 363 4.67 -49.02 -7.63
CA THR B 363 5.59 -50.15 -7.54
C THR B 363 6.76 -49.77 -6.65
N ILE B 364 7.43 -50.79 -6.14
CA ILE B 364 8.74 -50.67 -5.52
C ILE B 364 9.71 -51.50 -6.32
N GLU B 365 10.87 -50.93 -6.62
CA GLU B 365 11.83 -51.50 -7.54
C GLU B 365 13.23 -51.34 -6.96
N ASN B 366 14.19 -52.01 -7.57
CA ASN B 366 15.58 -51.92 -7.11
C ASN B 366 16.02 -50.47 -7.10
N ASN B 367 16.26 -49.93 -5.91
CA ASN B 367 16.73 -48.55 -5.77
C ASN B 367 15.78 -47.55 -6.42
N GLY B 368 14.49 -47.68 -6.13
CA GLY B 368 13.52 -46.73 -6.64
C GLY B 368 12.15 -46.98 -6.08
N GLY B 369 11.25 -46.02 -6.33
CA GLY B 369 9.87 -46.14 -5.95
C GLY B 369 9.59 -45.75 -4.51
N GLY B 370 8.30 -45.56 -4.21
CA GLY B 370 7.84 -45.27 -2.87
C GLY B 370 6.98 -44.02 -2.74
N PHE B 371 6.96 -43.14 -3.73
CA PHE B 371 6.17 -41.91 -3.65
C PHE B 371 4.75 -42.16 -4.14
N ILE B 372 3.78 -41.54 -3.47
CA ILE B 372 2.37 -41.70 -3.82
C ILE B 372 1.66 -40.34 -3.73
N GLU B 373 0.73 -40.09 -4.64
CA GLU B 373 -0.12 -38.91 -4.62
C GLU B 373 -1.54 -39.33 -4.95
N MET B 374 -2.50 -38.86 -4.14
CA MET B 374 -3.87 -39.33 -4.30
C MET B 374 -4.86 -38.26 -3.86
N GLN B 375 -6.10 -38.43 -4.29
CA GLN B 375 -7.21 -37.58 -3.94
C GLN B 375 -8.25 -38.38 -3.18
N LEU B 376 -8.80 -37.75 -2.13
CA LEU B 376 -9.79 -38.35 -1.27
C LEU B 376 -11.03 -37.45 -1.20
N PRO B 377 -12.20 -38.01 -0.94
CA PRO B 377 -13.41 -37.19 -0.82
C PRO B 377 -13.45 -36.45 0.49
N PRO B 378 -14.29 -35.43 0.61
CA PRO B 378 -14.35 -34.66 1.86
C PRO B 378 -14.68 -35.53 3.06
N GLY B 379 -14.26 -35.07 4.24
CA GLY B 379 -14.64 -35.73 5.48
C GLY B 379 -13.53 -36.56 6.10
N ASP B 380 -13.93 -37.45 7.01
CA ASP B 380 -13.00 -38.24 7.79
C ASP B 380 -12.69 -39.55 7.07
N ASN B 381 -11.39 -39.86 6.92
CA ASN B 381 -10.94 -41.01 6.15
C ASN B 381 -9.73 -41.65 6.81
N ILE B 382 -9.47 -42.89 6.42
CA ILE B 382 -8.31 -43.65 6.88
C ILE B 382 -7.53 -44.09 5.65
N ILE B 383 -6.20 -44.11 5.76
CA ILE B 383 -5.31 -44.52 4.68
C ILE B 383 -4.60 -45.80 5.11
N TYR B 384 -4.54 -46.78 4.21
CA TYR B 384 -3.94 -48.07 4.48
C TYR B 384 -2.90 -48.39 3.41
N VAL B 385 -1.72 -48.81 3.87
CA VAL B 385 -0.67 -49.36 3.03
C VAL B 385 -0.25 -50.66 3.69
N GLY B 386 -0.80 -51.79 3.22
CA GLY B 386 -0.55 -53.05 3.88
C GLY B 386 -1.10 -53.03 5.29
N GLU B 387 -0.28 -53.43 6.26
CA GLU B 387 -0.67 -53.33 7.66
C GLU B 387 -0.50 -51.92 8.20
N LEU B 388 0.28 -51.09 7.52
CA LEU B 388 0.54 -49.73 8.01
C LEU B 388 -0.69 -48.86 7.75
N SER B 389 -0.99 -47.97 8.68
CA SER B 389 -2.21 -47.16 8.56
C SER B 389 -1.97 -45.76 9.09
N HIS B 390 -2.85 -44.85 8.67
CA HIS B 390 -2.80 -43.45 9.07
C HIS B 390 -4.21 -42.90 8.92
N GLN B 391 -4.45 -41.71 9.49
CA GLN B 391 -5.76 -41.08 9.45
C GLN B 391 -5.69 -39.70 8.80
N TRP B 392 -6.81 -39.24 8.26
CA TRP B 392 -6.83 -38.00 7.49
C TRP B 392 -8.22 -37.38 7.48
N PHE B 393 -8.33 -36.14 7.96
CA PHE B 393 -9.54 -35.35 7.81
C PHE B 393 -9.38 -34.44 6.59
N GLN B 394 -10.06 -34.78 5.50
CA GLN B 394 -10.02 -34.00 4.27
C GLN B 394 -10.96 -32.81 4.40
N LYS B 395 -10.38 -31.63 4.53
CA LYS B 395 -11.14 -30.39 4.63
C LYS B 395 -11.74 -30.01 3.27
N GLY B 396 -12.69 -29.09 3.31
CA GLY B 396 -13.37 -28.65 2.11
C GLY B 396 -14.70 -29.34 1.89
N SER B 397 -15.27 -29.10 0.72
CA SER B 397 -16.57 -29.64 0.37
C SER B 397 -16.70 -29.70 -1.14
N SER B 398 -17.70 -30.47 -1.61
CA SER B 398 -17.89 -30.64 -3.05
C SER B 398 -18.24 -29.33 -3.73
N ILE B 399 -19.17 -28.58 -3.15
CA ILE B 399 -19.53 -27.28 -3.73
C ILE B 399 -18.33 -26.35 -3.70
N GLY B 400 -17.53 -26.44 -2.64
CA GLY B 400 -16.30 -25.66 -2.58
C GLY B 400 -15.35 -25.99 -3.70
N ARG B 401 -15.18 -27.28 -4.00
CA ARG B 401 -14.31 -27.67 -5.11
C ARG B 401 -14.85 -27.15 -6.44
N VAL B 402 -16.16 -27.25 -6.64
CA VAL B 402 -16.73 -26.75 -7.90
C VAL B 402 -16.45 -25.27 -8.04
N PHE B 403 -16.66 -24.51 -6.96
CA PHE B 403 -16.43 -23.07 -7.00
C PHE B 403 -14.97 -22.76 -7.24
N GLN B 404 -14.07 -23.50 -6.58
CA GLN B 404 -12.64 -23.27 -6.73
C GLN B 404 -12.22 -23.44 -8.19
N LYS B 405 -12.65 -24.54 -8.81
CA LYS B 405 -12.28 -24.81 -10.18
C LYS B 405 -12.93 -23.82 -11.14
N THR B 406 -14.15 -23.37 -10.85
CA THR B 406 -14.78 -22.34 -11.67
C THR B 406 -14.00 -21.04 -11.60
N LYS B 407 -13.56 -20.65 -10.39
CA LYS B 407 -12.75 -19.45 -10.26
C LYS B 407 -11.47 -19.56 -11.07
N LYS B 408 -10.81 -20.73 -10.99
CA LYS B 408 -9.62 -20.95 -11.80
C LYS B 408 -9.94 -20.77 -13.27
N GLY B 409 -11.10 -21.27 -13.71
CA GLY B 409 -11.47 -21.12 -15.10
C GLY B 409 -11.66 -19.67 -15.51
N ILE B 410 -12.31 -18.87 -14.66
CA ILE B 410 -12.51 -17.46 -14.97
C ILE B 410 -11.16 -16.75 -15.05
N GLU B 411 -10.25 -17.06 -14.12
CA GLU B 411 -8.93 -16.46 -14.15
C GLU B 411 -8.21 -16.79 -15.47
N ARG B 412 -8.24 -18.06 -15.86
CA ARG B 412 -7.62 -18.44 -17.13
C ARG B 412 -8.25 -17.69 -18.29
N LEU B 413 -9.58 -17.58 -18.31
CA LEU B 413 -10.24 -16.90 -19.41
C LEU B 413 -9.77 -15.46 -19.49
N THR B 414 -9.71 -14.76 -18.35
CA THR B 414 -9.33 -13.35 -18.38
C THR B 414 -7.84 -13.16 -18.66
N VAL B 415 -7.00 -14.15 -18.42
CA VAL B 415 -5.57 -13.99 -18.67
C VAL B 415 -5.20 -14.37 -20.10
N ILE B 416 -5.81 -15.42 -20.66
CA ILE B 416 -5.40 -15.93 -21.96
C ILE B 416 -6.34 -15.52 -23.10
N GLY B 417 -7.55 -15.05 -22.80
CA GLY B 417 -8.42 -14.58 -23.86
C GLY B 417 -9.10 -15.72 -24.62
N GLU B 418 -9.26 -15.50 -25.93
CA GLU B 418 -10.03 -16.42 -26.75
C GLU B 418 -9.45 -17.82 -26.78
N HIS B 419 -8.15 -17.98 -26.58
CA HIS B 419 -7.54 -19.30 -26.66
C HIS B 419 -7.91 -20.19 -25.49
N ALA B 420 -8.55 -19.65 -24.46
CA ALA B 420 -8.94 -20.48 -23.32
C ALA B 420 -9.95 -21.54 -23.72
N TRP B 421 -10.78 -21.25 -24.72
CA TRP B 421 -11.81 -22.21 -25.12
C TRP B 421 -11.23 -23.51 -25.66
N ASP B 422 -9.95 -23.53 -26.01
CA ASP B 422 -9.32 -24.73 -26.53
C ASP B 422 -8.74 -25.63 -25.45
N PHE B 423 -8.87 -25.25 -24.18
CA PHE B 423 -8.28 -26.03 -23.09
C PHE B 423 -9.12 -27.26 -22.78
N GLY B 424 -8.53 -28.44 -22.96
CA GLY B 424 -9.13 -29.68 -22.51
C GLY B 424 -10.38 -30.10 -23.25
N SER B 425 -10.74 -29.39 -24.31
CA SER B 425 -11.94 -29.77 -25.06
C SER B 425 -11.64 -30.92 -26.01
N ALA B 426 -12.69 -31.68 -26.32
CA ALA B 426 -12.63 -32.69 -27.36
C ALA B 426 -12.90 -32.11 -28.74
N GLY B 427 -12.70 -30.80 -28.89
CA GLY B 427 -13.09 -30.11 -30.09
C GLY B 427 -14.60 -30.03 -30.19
N GLY B 428 -15.07 -29.68 -31.37
CA GLY B 428 -16.49 -29.73 -31.65
C GLY B 428 -17.27 -28.46 -31.39
N PHE B 429 -18.57 -28.68 -31.15
CA PHE B 429 -19.58 -27.64 -31.34
C PHE B 429 -19.52 -26.57 -30.26
N LEU B 430 -19.58 -26.98 -28.99
CA LEU B 430 -19.60 -26.00 -27.90
C LEU B 430 -18.33 -25.15 -27.91
N SER B 431 -17.17 -25.80 -27.99
CA SER B 431 -15.91 -25.07 -27.98
C SER B 431 -15.81 -24.12 -29.17
N SER B 432 -16.18 -24.61 -30.36
CA SER B 432 -16.07 -23.76 -31.55
C SER B 432 -16.99 -22.54 -31.43
N ILE B 433 -18.23 -22.75 -30.98
CA ILE B 433 -19.15 -21.63 -30.86
C ILE B 433 -18.66 -20.63 -29.83
N GLY B 434 -18.18 -21.13 -28.68
CA GLY B 434 -17.65 -20.24 -27.67
C GLY B 434 -16.52 -19.38 -28.20
N LYS B 435 -15.56 -20.02 -28.89
CA LYS B 435 -14.43 -19.27 -29.40
C LYS B 435 -14.87 -18.24 -30.44
N ALA B 436 -15.79 -18.62 -31.33
CA ALA B 436 -16.23 -17.68 -32.36
C ALA B 436 -16.90 -16.46 -31.73
N VAL B 437 -17.85 -16.69 -30.82
CA VAL B 437 -18.53 -15.55 -30.20
C VAL B 437 -17.54 -14.68 -29.45
N HIS B 438 -16.65 -15.32 -28.69
CA HIS B 438 -15.68 -14.57 -27.90
C HIS B 438 -14.80 -13.71 -28.79
N THR B 439 -14.27 -14.28 -29.87
CA THR B 439 -13.35 -13.52 -30.71
C THR B 439 -14.08 -12.37 -31.41
N VAL B 440 -15.29 -12.61 -31.91
CA VAL B 440 -15.96 -11.56 -32.66
C VAL B 440 -16.34 -10.41 -31.74
N LEU B 441 -16.73 -10.71 -30.49
CA LEU B 441 -17.06 -9.62 -29.57
C LEU B 441 -15.81 -8.90 -29.08
N GLY B 442 -14.76 -9.67 -28.75
CA GLY B 442 -13.54 -9.08 -28.24
C GLY B 442 -12.86 -8.19 -29.25
N GLY B 443 -12.94 -8.54 -30.54
CA GLY B 443 -12.35 -7.69 -31.55
C GLY B 443 -12.93 -6.28 -31.53
N ALA B 444 -14.26 -6.19 -31.48
CA ALA B 444 -14.91 -4.88 -31.44
C ALA B 444 -14.57 -4.13 -30.17
N PHE B 445 -14.61 -4.82 -29.03
CA PHE B 445 -14.30 -4.13 -27.77
C PHE B 445 -12.88 -3.59 -27.77
N ASN B 446 -11.93 -4.42 -28.23
CA ASN B 446 -10.53 -3.98 -28.31
C ASN B 446 -10.37 -2.85 -29.32
N SER B 447 -11.12 -2.88 -30.41
CA SER B 447 -11.01 -1.83 -31.41
C SER B 447 -11.46 -0.49 -30.83
N ILE B 448 -12.52 -0.50 -30.03
CA ILE B 448 -13.03 0.78 -29.53
C ILE B 448 -12.27 1.27 -28.31
N PHE B 449 -11.74 0.37 -27.46
CA PHE B 449 -11.12 0.79 -26.21
C PHE B 449 -9.67 0.33 -26.03
N GLY B 450 -9.00 -0.12 -27.08
CA GLY B 450 -7.59 -0.46 -26.97
C GLY B 450 -6.73 0.72 -26.58
N GLY B 451 -5.96 0.58 -25.51
CA GLY B 451 -5.03 1.60 -25.07
C GLY B 451 -5.61 2.67 -24.16
N VAL B 452 -6.91 2.64 -23.89
CA VAL B 452 -7.53 3.66 -23.05
C VAL B 452 -7.35 3.30 -21.58
N GLY B 453 -7.28 4.32 -20.74
CA GLY B 453 -7.10 4.10 -19.31
C GLY B 453 -8.31 3.48 -18.64
N PHE B 454 -8.01 2.79 -17.53
CA PHE B 454 -9.07 2.15 -16.75
C PHE B 454 -10.06 3.17 -16.21
N LEU B 455 -9.55 4.31 -15.69
CA LEU B 455 -10.44 5.31 -15.14
C LEU B 455 -11.35 5.91 -16.20
N PRO B 456 -10.86 6.36 -17.36
CA PRO B 456 -11.79 6.81 -18.40
C PRO B 456 -12.72 5.73 -18.87
N LYS B 457 -12.28 4.46 -18.91
CA LYS B 457 -13.20 3.39 -19.30
C LYS B 457 -14.35 3.28 -18.32
N LEU B 458 -14.04 3.29 -17.02
CA LEU B 458 -15.09 3.24 -16.00
C LEU B 458 -15.99 4.45 -16.08
N LEU B 459 -15.41 5.63 -16.30
CA LEU B 459 -16.21 6.85 -16.38
C LEU B 459 -17.19 6.79 -17.54
N LEU B 460 -16.72 6.34 -18.71
CA LEU B 460 -17.64 6.18 -19.84
C LEU B 460 -18.70 5.14 -19.53
N GLY B 461 -18.34 4.07 -18.84
CA GLY B 461 -19.34 3.09 -18.46
C GLY B 461 -20.44 3.70 -17.61
N VAL B 462 -20.06 4.48 -16.60
CA VAL B 462 -21.04 5.11 -15.74
C VAL B 462 -21.90 6.09 -16.54
N ALA B 463 -21.27 6.85 -17.43
CA ALA B 463 -22.03 7.79 -18.24
C ALA B 463 -23.05 7.08 -19.09
N LEU B 464 -22.65 5.96 -19.71
CA LEU B 464 -23.58 5.21 -20.54
C LEU B 464 -24.71 4.63 -19.71
N ALA B 465 -24.39 4.12 -18.50
CA ALA B 465 -25.43 3.59 -17.65
C ALA B 465 -26.47 4.67 -17.33
N TRP B 466 -26.01 5.84 -16.90
CA TRP B 466 -26.94 6.92 -16.57
C TRP B 466 -27.76 7.33 -17.80
N LEU B 467 -27.10 7.49 -18.94
CA LEU B 467 -27.78 7.98 -20.12
C LEU B 467 -28.81 6.98 -20.62
N GLY B 468 -28.49 5.69 -20.54
CA GLY B 468 -29.47 4.68 -20.90
C GLY B 468 -30.65 4.67 -19.94
N LEU B 469 -30.38 4.82 -18.65
CA LEU B 469 -31.47 4.89 -17.69
C LEU B 469 -32.38 6.08 -17.98
N ASN B 470 -31.78 7.20 -18.42
CA ASN B 470 -32.53 8.40 -18.76
C ASN B 470 -33.08 8.40 -20.19
N MET B 471 -32.76 7.38 -20.99
CA MET B 471 -33.11 7.39 -22.41
C MET B 471 -34.61 7.49 -22.60
N ARG B 472 -35.00 8.06 -23.74
CA ARG B 472 -36.40 8.41 -23.99
C ARG B 472 -37.28 7.23 -24.43
N ASN B 473 -36.71 6.12 -24.88
CA ASN B 473 -37.52 4.98 -25.29
C ASN B 473 -36.86 3.67 -24.87
N PRO B 474 -37.64 2.58 -24.80
CA PRO B 474 -37.10 1.34 -24.23
C PRO B 474 -35.95 0.73 -25.01
N THR B 475 -36.03 0.68 -26.34
CA THR B 475 -34.99 -0.01 -27.10
C THR B 475 -33.64 0.68 -26.93
N MET B 476 -33.60 2.00 -27.09
CA MET B 476 -32.35 2.72 -26.91
C MET B 476 -31.91 2.70 -25.45
N SER B 477 -32.87 2.77 -24.52
CA SER B 477 -32.52 2.67 -23.10
C SER B 477 -31.77 1.37 -22.83
N MET B 478 -32.32 0.25 -23.29
CA MET B 478 -31.67 -1.03 -23.06
C MET B 478 -30.34 -1.13 -23.79
N SER B 479 -30.25 -0.59 -25.01
CA SER B 479 -28.99 -0.63 -25.74
C SER B 479 -27.89 0.11 -24.98
N PHE B 480 -28.20 1.32 -24.51
CA PHE B 480 -27.20 2.09 -23.77
C PHE B 480 -26.85 1.41 -22.46
N LEU B 481 -27.85 0.87 -21.76
CA LEU B 481 -27.59 0.18 -20.51
C LEU B 481 -26.68 -1.02 -20.74
N LEU B 482 -26.93 -1.77 -21.80
CA LEU B 482 -26.09 -2.93 -22.11
C LEU B 482 -24.67 -2.52 -22.43
N ALA B 483 -24.50 -1.46 -23.22
CA ALA B 483 -23.15 -1.00 -23.56
C ALA B 483 -22.39 -0.59 -22.30
N GLY B 484 -23.03 0.21 -21.45
CA GLY B 484 -22.38 0.61 -20.21
C GLY B 484 -22.05 -0.57 -19.33
N GLY B 485 -23.01 -1.50 -19.19
CA GLY B 485 -22.75 -2.69 -18.39
C GLY B 485 -21.59 -3.50 -18.92
N LEU B 486 -21.50 -3.64 -20.25
CA LEU B 486 -20.42 -4.41 -20.83
C LEU B 486 -19.06 -3.76 -20.53
N VAL B 487 -18.95 -2.44 -20.75
CA VAL B 487 -17.67 -1.81 -20.52
C VAL B 487 -17.30 -1.90 -19.04
N LEU B 488 -18.26 -1.66 -18.15
CA LEU B 488 -17.98 -1.73 -16.72
C LEU B 488 -17.55 -3.13 -16.33
N ALA B 489 -18.28 -4.14 -16.80
CA ALA B 489 -17.98 -5.52 -16.44
C ALA B 489 -16.58 -5.92 -16.89
N MET B 490 -16.24 -5.61 -18.14
CA MET B 490 -14.93 -6.03 -18.63
C MET B 490 -13.80 -5.24 -17.97
N THR B 491 -13.99 -3.94 -17.75
CA THR B 491 -12.95 -3.16 -17.10
C THR B 491 -12.73 -3.64 -15.68
N LEU B 492 -13.80 -3.94 -14.95
CA LEU B 492 -13.67 -4.42 -13.58
C LEU B 492 -13.14 -5.85 -13.53
N GLY B 493 -13.40 -6.65 -14.56
CA GLY B 493 -12.92 -8.02 -14.55
C GLY B 493 -11.43 -8.11 -14.87
N VAL B 494 -10.99 -7.40 -15.91
CA VAL B 494 -9.59 -7.44 -16.30
C VAL B 494 -8.75 -6.76 -15.23
N SER C 1 -15.59 -50.61 40.25
CA SER C 1 -16.31 -49.76 39.26
C SER C 1 -15.99 -48.29 39.51
N ARG C 2 -15.04 -47.76 38.75
CA ARG C 2 -14.63 -46.38 38.97
C ARG C 2 -15.79 -45.40 38.78
N CYS C 3 -16.81 -45.79 38.02
CA CYS C 3 -17.93 -44.89 37.78
C CYS C 3 -18.57 -44.42 39.07
N THR C 4 -18.40 -45.19 40.15
CA THR C 4 -18.98 -44.83 41.43
C THR C 4 -18.24 -43.67 42.08
N HIS C 5 -16.98 -43.42 41.71
CA HIS C 5 -16.15 -42.43 42.36
C HIS C 5 -16.40 -41.01 41.91
N LEU C 6 -17.22 -40.77 40.89
CA LEU C 6 -17.30 -39.47 40.26
C LEU C 6 -18.68 -38.84 40.41
N GLU C 7 -18.69 -37.51 40.41
CA GLU C 7 -19.94 -36.76 40.46
C GLU C 7 -20.76 -36.99 39.21
N ASN C 8 -20.10 -37.06 38.05
CA ASN C 8 -20.76 -37.15 36.76
C ASN C 8 -20.63 -38.57 36.21
N ARG C 9 -21.74 -39.13 35.77
CA ARG C 9 -21.80 -40.51 35.29
C ARG C 9 -22.96 -40.62 34.32
N ASP C 10 -22.82 -41.51 33.34
CA ASP C 10 -23.91 -41.76 32.42
C ASP C 10 -24.00 -43.23 32.06
N PHE C 11 -25.22 -43.72 31.89
CA PHE C 11 -25.50 -45.11 31.53
C PHE C 11 -26.01 -45.18 30.11
N VAL C 12 -25.50 -46.14 29.32
CA VAL C 12 -26.02 -46.40 27.99
C VAL C 12 -26.25 -47.90 27.84
N THR C 13 -27.39 -48.26 27.26
CA THR C 13 -27.81 -49.65 27.14
C THR C 13 -27.84 -50.07 25.68
N GLY C 14 -27.20 -51.20 25.37
CA GLY C 14 -27.25 -51.78 24.05
C GLY C 14 -28.38 -52.79 23.92
N THR C 15 -29.38 -52.49 23.10
CA THR C 15 -30.44 -53.44 22.86
C THR C 15 -29.87 -54.71 22.25
N GLN C 16 -30.55 -55.83 22.50
CA GLN C 16 -29.99 -57.12 22.12
C GLN C 16 -29.73 -57.23 20.61
N GLY C 17 -30.42 -56.42 19.80
CA GLY C 17 -30.22 -56.46 18.36
C GLY C 17 -28.97 -55.75 17.89
N THR C 18 -28.10 -55.35 18.83
CA THR C 18 -26.92 -54.56 18.51
C THR C 18 -25.70 -55.14 19.23
N THR C 19 -24.51 -54.92 18.65
CA THR C 19 -23.28 -55.42 19.23
C THR C 19 -22.17 -54.36 19.32
N ARG C 20 -22.35 -53.20 18.70
CA ARG C 20 -21.41 -52.10 18.79
C ARG C 20 -22.16 -50.83 19.12
N VAL C 21 -21.51 -49.92 19.86
CA VAL C 21 -22.18 -48.70 20.28
C VAL C 21 -21.24 -47.51 20.17
N THR C 22 -21.83 -46.34 19.93
CA THR C 22 -21.10 -45.09 19.74
C THR C 22 -21.10 -44.28 21.04
N LEU C 23 -19.91 -43.85 21.45
CA LEU C 23 -19.74 -43.00 22.63
C LEU C 23 -19.00 -41.74 22.24
N VAL C 24 -19.21 -40.67 23.00
CA VAL C 24 -18.32 -39.51 22.97
C VAL C 24 -17.83 -39.31 24.40
N LEU C 25 -16.61 -39.74 24.65
CA LEU C 25 -16.03 -39.66 25.99
C LEU C 25 -15.55 -38.25 26.27
N GLU C 26 -15.81 -37.78 27.48
CA GLU C 26 -15.44 -36.45 27.92
C GLU C 26 -14.41 -36.56 29.04
N LEU C 27 -13.33 -35.79 28.93
CA LEU C 27 -12.32 -35.79 29.97
C LEU C 27 -12.95 -35.26 31.26
N GLY C 28 -12.86 -36.05 32.32
CA GLY C 28 -13.55 -35.75 33.56
C GLY C 28 -14.95 -36.35 33.68
N GLY C 29 -15.46 -36.97 32.62
CA GLY C 29 -16.73 -37.67 32.67
C GLY C 29 -16.54 -39.15 32.89
N CYS C 30 -17.64 -39.90 32.76
CA CYS C 30 -17.51 -41.36 32.88
C CYS C 30 -18.80 -42.02 32.42
N VAL C 31 -18.67 -43.18 31.80
CA VAL C 31 -19.79 -43.87 31.17
C VAL C 31 -19.77 -45.36 31.51
N THR C 32 -20.95 -45.90 31.81
CA THR C 32 -21.16 -47.34 31.92
C THR C 32 -21.99 -47.81 30.73
N ILE C 33 -21.47 -48.78 29.99
CA ILE C 33 -22.17 -49.39 28.86
C ILE C 33 -22.59 -50.79 29.28
N THR C 34 -23.85 -51.12 29.03
CA THR C 34 -24.31 -52.44 29.43
C THR C 34 -25.29 -52.99 28.40
N ALA C 35 -25.22 -54.31 28.21
CA ALA C 35 -26.13 -55.03 27.35
C ALA C 35 -26.59 -56.27 28.08
N GLU C 36 -27.86 -56.64 27.90
CA GLU C 36 -28.43 -57.71 28.70
C GLU C 36 -27.63 -59.01 28.56
N GLY C 37 -27.16 -59.31 27.36
CA GLY C 37 -26.43 -60.53 27.12
C GLY C 37 -24.95 -60.49 27.40
N LYS C 38 -24.40 -59.38 27.86
CA LYS C 38 -22.96 -59.20 27.99
C LYS C 38 -22.61 -58.68 29.37
N PRO C 39 -21.39 -58.94 29.84
CA PRO C 39 -20.94 -58.29 31.08
C PRO C 39 -20.76 -56.80 30.85
N SER C 40 -21.11 -56.01 31.87
CA SER C 40 -21.02 -54.56 31.77
C SER C 40 -19.58 -54.11 31.90
N MET C 41 -19.30 -52.93 31.34
CA MET C 41 -17.95 -52.39 31.27
C MET C 41 -17.94 -50.93 31.71
N ASP C 42 -16.82 -50.47 32.27
CA ASP C 42 -16.65 -49.06 32.60
C ASP C 42 -15.52 -48.48 31.77
N VAL C 43 -15.81 -47.46 30.97
CA VAL C 43 -14.83 -46.90 30.03
C VAL C 43 -14.77 -45.39 30.22
N TRP C 44 -13.56 -44.83 30.26
CA TRP C 44 -13.42 -43.39 30.42
C TRP C 44 -12.14 -42.89 29.77
N LEU C 45 -12.18 -41.60 29.39
CA LEU C 45 -11.06 -40.91 28.78
C LEU C 45 -10.19 -40.33 29.89
N ASP C 46 -8.94 -40.79 29.96
CA ASP C 46 -8.08 -40.42 31.08
C ASP C 46 -7.23 -39.18 30.80
N ALA C 47 -6.68 -39.02 29.61
CA ALA C 47 -5.75 -37.92 29.39
C ALA C 47 -5.61 -37.59 27.91
N ILE C 48 -5.38 -36.30 27.64
CA ILE C 48 -5.03 -35.79 26.33
C ILE C 48 -3.73 -35.02 26.53
N TYR C 49 -2.65 -35.46 25.87
CA TYR C 49 -1.37 -34.85 26.16
C TYR C 49 -0.40 -34.97 25.00
N GLN C 50 0.64 -34.13 25.06
CA GLN C 50 1.74 -34.18 24.12
C GLN C 50 3.05 -33.95 24.85
N GLU C 51 4.14 -34.42 24.27
CA GLU C 51 5.46 -34.25 24.86
C GLU C 51 6.25 -33.22 24.06
N ASN C 52 6.71 -32.18 24.74
CA ASN C 52 7.49 -31.10 24.13
C ASN C 52 6.79 -30.50 22.90
N PRO C 53 5.63 -29.87 23.08
CA PRO C 53 4.93 -29.24 21.96
C PRO C 53 5.71 -28.05 21.42
N ALA C 54 5.18 -27.45 20.35
CA ALA C 54 5.87 -26.37 19.67
C ALA C 54 5.63 -25.04 20.38
N LYS C 55 6.56 -24.10 20.22
CA LYS C 55 6.45 -22.76 20.80
C LYS C 55 6.10 -21.77 19.71
N THR C 56 5.02 -21.02 19.90
CA THR C 56 4.56 -20.06 18.91
C THR C 56 5.11 -18.66 19.14
N ARG C 57 5.13 -18.20 20.39
CA ARG C 57 5.50 -16.82 20.70
C ARG C 57 5.78 -16.72 22.19
N GLU C 58 6.51 -15.68 22.58
CA GLU C 58 6.68 -15.39 24.00
C GLU C 58 6.58 -13.90 24.24
N TYR C 59 5.74 -13.53 25.20
CA TYR C 59 5.54 -12.15 25.63
C TYR C 59 6.37 -11.88 26.87
N CYS C 60 6.50 -10.61 27.20
CA CYS C 60 7.25 -10.17 28.38
C CYS C 60 6.32 -9.36 29.28
N LEU C 61 6.46 -9.53 30.60
CA LEU C 61 5.53 -8.90 31.53
C LEU C 61 6.17 -7.92 32.50
N HIS C 62 7.51 -7.80 32.52
CA HIS C 62 8.13 -6.85 33.44
C HIS C 62 9.43 -6.36 32.80
N ALA C 63 9.37 -5.18 32.17
CA ALA C 63 10.52 -4.63 31.48
C ALA C 63 11.62 -4.19 32.43
N LYS C 64 12.86 -4.42 32.03
CA LYS C 64 14.05 -3.91 32.71
C LYS C 64 14.69 -2.85 31.84
N LEU C 65 15.02 -1.70 32.43
CA LEU C 65 15.57 -0.56 31.70
C LEU C 65 16.98 -0.27 32.17
N SER C 66 17.83 0.20 31.26
CA SER C 66 19.20 0.51 31.63
C SER C 66 19.81 1.53 30.68
N ASP C 67 20.90 2.13 31.14
CA ASP C 67 21.75 3.02 30.36
C ASP C 67 20.94 4.05 29.57
N THR C 68 20.26 4.92 30.32
CA THR C 68 19.50 6.00 29.70
C THR C 68 20.44 7.04 29.09
N LYS C 69 20.05 7.58 27.94
CA LYS C 69 20.83 8.59 27.23
C LYS C 69 19.89 9.69 26.74
N VAL C 70 20.42 10.91 26.64
CA VAL C 70 19.64 12.04 26.17
C VAL C 70 20.56 13.06 25.50
N ALA C 71 20.02 13.79 24.52
CA ALA C 71 20.75 14.84 23.84
C ALA C 71 19.76 15.89 23.34
N ALA C 72 20.26 17.11 23.10
CA ALA C 72 19.39 18.21 22.70
C ALA C 72 20.13 19.16 21.76
N ARG C 73 19.35 19.93 21.01
CA ARG C 73 19.84 20.88 20.03
C ARG C 73 18.98 22.14 20.03
N CYS C 74 19.60 23.26 19.69
CA CYS C 74 18.97 24.56 19.69
C CYS C 74 18.02 24.73 18.50
N PRO C 75 17.15 25.75 18.54
CA PRO C 75 16.14 25.91 17.48
C PRO C 75 16.71 26.08 16.08
N THR C 76 17.81 26.80 15.91
CA THR C 76 18.29 27.15 14.58
C THR C 76 19.05 26.02 13.90
N MET C 77 19.10 24.83 14.50
CA MET C 77 19.98 23.77 14.04
C MET C 77 19.20 22.47 13.88
N GLY C 78 19.86 21.51 13.23
CA GLY C 78 19.26 20.23 12.94
C GLY C 78 18.94 19.43 14.19
N PRO C 79 17.95 18.54 14.08
CA PRO C 79 17.55 17.76 15.25
C PRO C 79 18.66 16.85 15.75
N ALA C 80 18.63 16.57 17.05
CA ALA C 80 19.63 15.76 17.69
C ALA C 80 19.54 14.30 17.27
N THR C 81 20.63 13.56 17.50
CA THR C 81 20.67 12.14 17.18
C THR C 81 21.57 11.42 18.18
N LEU C 82 21.28 10.14 18.38
CA LEU C 82 22.07 9.29 19.25
C LEU C 82 22.36 7.96 18.55
N ALA C 83 23.54 7.40 18.82
CA ALA C 83 23.91 6.12 18.21
C ALA C 83 22.94 5.01 18.62
N GLU C 84 22.38 5.09 19.82
CA GLU C 84 21.46 4.06 20.28
C GLU C 84 20.20 3.98 19.44
N GLU C 85 19.91 5.00 18.63
CA GLU C 85 18.75 4.95 17.75
C GLU C 85 18.88 3.87 16.70
N HIS C 86 20.08 3.39 16.43
CA HIS C 86 20.35 2.44 15.36
C HIS C 86 21.07 1.22 15.90
N GLN C 87 20.56 0.68 17.01
CA GLN C 87 21.09 -0.53 17.62
C GLN C 87 19.93 -1.39 18.09
N GLY C 88 20.25 -2.64 18.41
CA GLY C 88 19.23 -3.55 18.89
C GLY C 88 19.03 -3.46 20.39
N GLY C 89 17.79 -3.70 20.81
CA GLY C 89 17.45 -3.68 22.22
C GLY C 89 17.31 -2.32 22.86
N THR C 90 17.04 -1.29 22.06
CA THR C 90 16.87 0.07 22.57
C THR C 90 15.53 0.64 22.12
N VAL C 91 14.96 1.49 22.97
CA VAL C 91 13.73 2.21 22.65
C VAL C 91 14.00 3.70 22.83
N CYS C 92 13.50 4.51 21.91
CA CYS C 92 13.88 5.90 21.81
C CYS C 92 12.68 6.78 21.47
N LYS C 93 12.78 8.05 21.82
CA LYS C 93 11.78 9.04 21.42
C LYS C 93 12.43 10.41 21.26
N ARG C 94 11.90 11.17 20.31
CA ARG C 94 12.36 12.54 20.06
C ARG C 94 11.17 13.50 20.12
N ASP C 95 11.42 14.71 20.59
CA ASP C 95 10.36 15.69 20.81
C ASP C 95 10.98 17.09 20.82
N GLN C 96 10.11 18.09 21.01
CA GLN C 96 10.50 19.49 21.01
C GLN C 96 10.37 20.07 22.41
N SER C 97 11.40 20.80 22.86
CA SER C 97 11.42 21.46 24.15
C SER C 97 11.72 22.94 23.98
N ASP C 98 11.14 23.75 24.87
CA ASP C 98 11.35 25.20 24.84
C ASP C 98 12.71 25.55 25.43
N ARG C 99 13.41 26.50 24.80
CA ARG C 99 14.75 26.87 25.25
C ARG C 99 14.98 28.36 25.00
N GLY C 100 16.04 28.89 25.60
CA GLY C 100 16.40 30.27 25.43
C GLY C 100 17.72 30.60 26.07
N TRP C 101 17.93 31.90 26.30
CA TRP C 101 19.13 32.35 27.00
C TRP C 101 19.28 31.67 28.35
N GLY C 102 18.17 31.35 29.01
CA GLY C 102 18.26 30.70 30.30
C GLY C 102 18.94 29.35 30.26
N ASN C 103 19.13 28.78 29.06
CA ASN C 103 19.76 27.47 28.92
C ASN C 103 20.94 27.53 27.96
N HIS C 104 21.50 28.72 27.75
CA HIS C 104 22.65 28.89 26.85
C HIS C 104 22.30 28.56 25.41
N CYS C 105 21.05 28.78 25.04
CA CYS C 105 20.55 28.35 23.74
C CYS C 105 20.80 29.35 22.62
N GLY C 106 20.99 30.63 22.93
CA GLY C 106 21.28 31.64 21.92
C GLY C 106 20.09 32.25 21.24
N LEU C 107 18.94 31.58 21.22
CA LEU C 107 17.74 32.14 20.61
C LEU C 107 16.53 31.49 21.26
N PHE C 108 15.45 32.27 21.39
CA PHE C 108 14.23 31.78 22.02
C PHE C 108 13.40 31.01 21.01
N GLY C 109 12.92 29.84 21.41
CA GLY C 109 12.07 29.04 20.56
C GLY C 109 12.10 27.59 20.98
N LYS C 110 11.54 26.74 20.12
CA LYS C 110 11.48 25.31 20.35
C LYS C 110 12.65 24.62 19.67
N GLY C 111 13.47 23.93 20.45
CA GLY C 111 14.57 23.15 19.93
C GLY C 111 14.18 21.71 19.69
N SER C 112 15.18 20.83 19.80
CA SER C 112 14.97 19.39 19.60
C SER C 112 15.63 18.64 20.75
N ILE C 113 15.02 17.53 21.15
CA ILE C 113 15.57 16.68 22.20
C ILE C 113 15.27 15.23 21.84
N VAL C 114 16.19 14.32 22.17
CA VAL C 114 16.01 12.90 21.91
C VAL C 114 16.54 12.10 23.09
N ALA C 115 15.82 11.03 23.46
CA ALA C 115 16.19 10.19 24.59
C ALA C 115 16.06 8.73 24.20
N CYS C 116 16.88 7.89 24.84
CA CYS C 116 16.97 6.47 24.52
C CYS C 116 17.24 5.66 25.78
N VAL C 117 16.83 4.39 25.77
CA VAL C 117 17.11 3.49 26.89
C VAL C 117 17.15 2.05 26.40
N LYS C 118 18.04 1.26 26.99
CA LYS C 118 18.11 -0.17 26.68
C LYS C 118 17.05 -0.92 27.45
N ALA C 119 16.39 -1.87 26.77
CA ALA C 119 15.27 -2.60 27.32
C ALA C 119 15.52 -4.10 27.26
N ALA C 120 15.13 -4.80 28.33
CA ALA C 120 15.22 -6.25 28.42
C ALA C 120 14.08 -6.73 29.31
N CYS C 121 14.15 -7.99 29.74
CA CYS C 121 13.11 -8.55 30.59
C CYS C 121 13.73 -9.31 31.76
N GLU C 122 13.05 -9.28 32.90
CA GLU C 122 13.57 -9.94 34.09
C GLU C 122 13.59 -11.46 33.91
N ALA C 123 14.37 -12.12 34.75
CA ALA C 123 14.69 -13.53 34.52
C ALA C 123 13.45 -14.42 34.47
N LYS C 124 12.43 -14.15 35.27
CA LYS C 124 11.30 -15.07 35.40
C LYS C 124 9.97 -14.51 34.94
N LYS C 125 9.92 -13.34 34.30
CA LYS C 125 8.67 -12.65 34.05
C LYS C 125 8.20 -12.79 32.60
N LYS C 126 8.55 -13.89 31.95
CA LYS C 126 8.12 -14.18 30.58
C LYS C 126 6.76 -14.89 30.58
N ALA C 127 6.18 -14.98 29.38
CA ALA C 127 4.95 -15.74 29.16
C ALA C 127 5.09 -16.46 27.83
N THR C 128 5.02 -17.78 27.83
CA THR C 128 5.29 -18.58 26.64
C THR C 128 4.01 -19.22 26.14
N GLY C 129 3.79 -19.18 24.83
CA GLY C 129 2.66 -19.86 24.21
C GLY C 129 3.13 -21.10 23.46
N HIS C 130 2.44 -22.20 23.72
CA HIS C 130 2.71 -23.48 23.07
C HIS C 130 1.50 -23.91 22.26
N VAL C 131 1.77 -24.68 21.20
CA VAL C 131 0.75 -25.22 20.32
C VAL C 131 1.05 -26.71 20.10
N TYR C 132 -0.03 -27.48 19.93
CA TYR C 132 0.04 -28.92 19.76
C TYR C 132 0.23 -29.29 18.30
N ASP C 133 0.77 -30.49 18.07
CA ASP C 133 0.93 -31.06 16.73
C ASP C 133 -0.04 -32.22 16.57
N ALA C 134 -0.89 -32.15 15.53
CA ALA C 134 -1.90 -33.17 15.35
C ALA C 134 -1.31 -34.55 15.12
N ASN C 135 -0.08 -34.61 14.61
CA ASN C 135 0.55 -35.90 14.32
C ASN C 135 1.28 -36.50 15.51
N LYS C 136 1.28 -35.82 16.66
CA LYS C 136 1.99 -36.32 17.83
C LYS C 136 1.11 -36.42 19.08
N ILE C 137 -0.12 -35.91 19.04
CA ILE C 137 -0.97 -35.89 20.23
C ILE C 137 -1.32 -37.31 20.64
N VAL C 138 -1.55 -37.52 21.93
CA VAL C 138 -1.90 -38.84 22.46
C VAL C 138 -3.18 -38.72 23.27
N TYR C 139 -4.12 -39.62 23.01
CA TYR C 139 -5.34 -39.76 23.79
C TYR C 139 -5.30 -41.11 24.51
N THR C 140 -5.57 -41.12 25.82
CA THR C 140 -5.58 -42.36 26.58
C THR C 140 -7.00 -42.71 27.00
N VAL C 141 -7.44 -43.92 26.65
CA VAL C 141 -8.74 -44.44 27.07
C VAL C 141 -8.50 -45.64 27.97
N LYS C 142 -9.30 -45.77 29.02
CA LYS C 142 -9.17 -46.88 29.95
C LYS C 142 -10.49 -47.62 30.08
N VAL C 143 -10.39 -48.94 30.28
CA VAL C 143 -11.55 -49.82 30.41
C VAL C 143 -11.37 -50.71 31.64
N GLU C 144 -12.45 -50.90 32.38
CA GLU C 144 -12.45 -51.65 33.62
C GLU C 144 -13.54 -52.72 33.54
N PRO C 145 -13.26 -53.96 33.95
CA PRO C 145 -14.20 -55.06 33.72
C PRO C 145 -15.48 -54.98 34.52
N HIS C 146 -15.57 -54.16 35.57
CA HIS C 146 -16.77 -54.20 36.44
C HIS C 146 -16.62 -55.57 37.05
N THR C 147 -15.54 -55.79 37.81
CA THR C 147 -15.23 -57.14 38.27
C THR C 147 -16.19 -57.68 39.31
N GLY C 148 -16.86 -56.82 40.08
CA GLY C 148 -17.59 -57.26 41.25
C GLY C 148 -16.81 -57.14 42.54
N ASP C 149 -15.49 -56.98 42.47
CA ASP C 149 -14.71 -56.54 43.62
C ASP C 149 -14.75 -55.02 43.70
N TYR C 150 -14.25 -54.47 44.81
CA TYR C 150 -14.30 -53.03 45.00
C TYR C 150 -13.01 -52.55 45.63
N VAL C 151 -12.55 -51.36 45.20
CA VAL C 151 -11.32 -50.76 45.71
C VAL C 151 -11.48 -49.24 45.69
N ALA C 152 -10.81 -48.59 46.65
CA ALA C 152 -10.94 -47.15 46.81
C ALA C 152 -10.20 -46.40 45.71
N ALA C 153 -10.30 -45.07 45.76
CA ALA C 153 -9.76 -44.25 44.69
C ALA C 153 -8.24 -44.21 44.68
N ASN C 154 -7.56 -44.50 45.79
CA ASN C 154 -6.10 -44.45 45.80
C ASN C 154 -5.50 -45.84 45.64
N GLU C 155 -6.26 -46.78 45.08
CA GLU C 155 -5.82 -48.15 44.95
C GLU C 155 -5.86 -48.57 43.48
N THR C 156 -5.03 -49.53 43.14
CA THR C 156 -4.89 -50.02 41.76
C THR C 156 -5.73 -51.28 41.59
N HIS C 157 -6.51 -51.33 40.51
CA HIS C 157 -7.41 -52.43 40.22
C HIS C 157 -6.79 -53.30 39.13
N SER C 158 -6.63 -54.59 39.42
CA SER C 158 -5.87 -55.47 38.54
C SER C 158 -6.49 -55.63 37.16
N GLY C 159 -7.81 -55.51 37.03
CA GLY C 159 -8.45 -55.73 35.75
C GLY C 159 -8.45 -54.55 34.79
N ARG C 160 -7.92 -53.40 35.21
CA ARG C 160 -8.01 -52.19 34.41
C ARG C 160 -7.00 -52.23 33.26
N LYS C 161 -7.46 -51.89 32.05
CA LYS C 161 -6.64 -51.92 30.85
C LYS C 161 -6.63 -50.56 30.16
N THR C 162 -5.58 -50.32 29.38
CA THR C 162 -5.29 -49.03 28.78
C THR C 162 -5.14 -49.14 27.26
N ALA C 163 -5.53 -48.06 26.57
CA ALA C 163 -5.30 -47.92 25.14
C ALA C 163 -4.81 -46.50 24.86
N SER C 164 -3.77 -46.37 24.04
CA SER C 164 -3.14 -45.09 23.74
C SER C 164 -3.33 -44.78 22.25
N PHE C 165 -4.44 -44.12 21.92
CA PHE C 165 -4.72 -43.75 20.54
C PHE C 165 -3.89 -42.56 20.09
N THR C 166 -3.49 -42.61 18.82
CA THR C 166 -2.82 -41.52 18.12
C THR C 166 -3.33 -41.56 16.68
N VAL C 167 -2.79 -40.68 15.84
CA VAL C 167 -3.15 -40.74 14.43
C VAL C 167 -2.72 -42.07 13.83
N SER C 168 -1.63 -42.64 14.34
CA SER C 168 -1.14 -43.93 13.85
C SER C 168 -2.10 -45.07 14.18
N SER C 169 -2.87 -44.94 15.27
CA SER C 169 -3.64 -46.05 15.78
C SER C 169 -4.86 -46.36 14.91
N GLU C 170 -5.33 -47.60 15.02
CA GLU C 170 -6.55 -48.07 14.37
C GLU C 170 -7.32 -48.88 15.42
N LYS C 171 -8.36 -49.59 14.98
CA LYS C 171 -9.18 -50.35 15.93
C LYS C 171 -8.32 -51.33 16.71
N THR C 172 -8.38 -51.23 18.04
CA THR C 172 -7.49 -51.96 18.94
C THR C 172 -8.29 -52.93 19.78
N ILE C 173 -7.66 -54.07 20.09
CA ILE C 173 -8.27 -55.14 20.87
C ILE C 173 -7.63 -55.17 22.25
N LEU C 174 -8.45 -55.06 23.30
CA LEU C 174 -7.99 -55.19 24.67
C LEU C 174 -8.48 -56.52 25.23
N THR C 175 -7.56 -57.32 25.75
CA THR C 175 -7.87 -58.61 26.35
C THR C 175 -7.98 -58.44 27.86
N MET C 176 -9.05 -58.99 28.43
CA MET C 176 -9.43 -58.68 29.80
C MET C 176 -9.49 -59.93 30.68
N GLY C 177 -8.54 -60.83 30.53
CA GLY C 177 -8.54 -62.04 31.33
C GLY C 177 -9.69 -62.95 30.94
N GLU C 178 -10.33 -63.54 31.96
CA GLU C 178 -11.37 -64.52 31.70
C GLU C 178 -12.60 -63.92 31.05
N TYR C 179 -12.79 -62.60 31.13
CA TYR C 179 -13.97 -61.98 30.53
C TYR C 179 -13.90 -61.89 29.01
N GLY C 180 -12.72 -62.06 28.41
CA GLY C 180 -12.59 -61.99 26.97
C GLY C 180 -11.98 -60.70 26.45
N ASP C 181 -12.35 -60.30 25.23
CA ASP C 181 -11.74 -59.15 24.56
C ASP C 181 -12.79 -58.15 24.11
N VAL C 182 -12.40 -56.88 24.09
CA VAL C 182 -13.27 -55.76 23.70
C VAL C 182 -12.52 -54.93 22.65
N SER C 183 -13.27 -54.34 21.71
CA SER C 183 -12.67 -53.59 20.62
C SER C 183 -12.97 -52.10 20.73
N LEU C 184 -11.97 -51.25 20.48
CA LEU C 184 -12.13 -49.80 20.54
C LEU C 184 -11.61 -49.16 19.25
N LEU C 185 -12.42 -48.29 18.65
CA LEU C 185 -11.97 -47.45 17.55
C LEU C 185 -12.24 -45.99 17.90
N CYS C 186 -11.17 -45.23 18.07
CA CYS C 186 -11.28 -43.81 18.40
C CYS C 186 -10.77 -42.98 17.25
N ARG C 187 -11.50 -41.94 16.88
CA ARG C 187 -11.15 -41.10 15.74
C ARG C 187 -10.46 -39.82 16.22
N VAL C 188 -9.14 -39.92 16.40
CA VAL C 188 -8.35 -38.75 16.71
C VAL C 188 -8.65 -37.66 15.69
N ALA C 189 -8.43 -36.41 16.07
CA ALA C 189 -8.69 -35.24 15.23
C ALA C 189 -10.17 -34.99 15.00
N SER C 190 -11.04 -35.78 15.60
CA SER C 190 -12.45 -35.49 15.64
C SER C 190 -12.88 -34.84 16.95
N GLY C 191 -11.93 -34.61 17.86
CA GLY C 191 -12.22 -34.01 19.15
C GLY C 191 -11.98 -32.52 19.18
N VAL C 192 -11.28 -32.05 20.22
CA VAL C 192 -11.04 -30.61 20.36
C VAL C 192 -10.27 -30.11 19.16
N ASP C 193 -10.63 -28.92 18.69
CA ASP C 193 -10.02 -28.31 17.51
C ASP C 193 -8.65 -27.78 17.88
N LEU C 194 -7.61 -28.53 17.51
CA LEU C 194 -6.25 -28.15 17.88
C LEU C 194 -5.78 -26.87 17.20
N ALA C 195 -6.51 -26.37 16.21
CA ALA C 195 -6.11 -25.15 15.53
C ALA C 195 -6.52 -23.89 16.29
N GLN C 196 -7.37 -24.02 17.30
CA GLN C 196 -7.91 -22.86 18.01
C GLN C 196 -7.34 -22.64 19.40
N THR C 197 -6.67 -23.64 19.98
CA THR C 197 -6.26 -23.59 21.37
C THR C 197 -4.75 -23.40 21.50
N VAL C 198 -4.35 -22.57 22.46
CA VAL C 198 -2.96 -22.33 22.80
C VAL C 198 -2.78 -22.61 24.28
N ILE C 199 -1.68 -23.25 24.64
CA ILE C 199 -1.36 -23.56 26.04
C ILE C 199 -0.40 -22.49 26.53
N LEU C 200 -0.80 -21.74 27.56
CA LEU C 200 -0.07 -20.56 27.99
C LEU C 200 0.64 -20.87 29.31
N GLU C 201 1.96 -20.76 29.31
CA GLU C 201 2.80 -21.08 30.45
C GLU C 201 3.37 -19.78 31.01
N LEU C 202 3.08 -19.51 32.27
CA LEU C 202 3.58 -18.31 32.95
C LEU C 202 4.84 -18.61 33.73
N ASP C 203 4.79 -19.55 34.66
CA ASP C 203 5.97 -20.01 35.36
C ASP C 203 5.65 -21.34 36.03
N LYS C 204 6.69 -22.19 36.15
CA LYS C 204 6.48 -23.52 36.71
C LYS C 204 6.61 -23.54 38.22
N THR C 205 7.53 -22.76 38.78
CA THR C 205 7.93 -22.92 40.17
C THR C 205 7.19 -22.01 41.14
N VAL C 206 6.23 -21.21 40.68
CA VAL C 206 5.40 -20.45 41.61
C VAL C 206 4.48 -21.42 42.33
N GLU C 207 4.54 -21.42 43.66
CA GLU C 207 3.88 -22.47 44.42
C GLU C 207 2.36 -22.37 44.39
N HIS C 208 1.82 -21.17 44.25
CA HIS C 208 0.40 -20.93 44.45
C HIS C 208 -0.27 -20.38 43.19
N LEU C 209 0.10 -20.90 42.03
CA LEU C 209 -0.59 -20.61 40.79
C LEU C 209 -0.66 -21.88 39.94
N PRO C 210 -1.66 -22.01 39.08
CA PRO C 210 -1.71 -23.16 38.18
C PRO C 210 -0.52 -23.15 37.24
N THR C 211 -0.13 -24.34 36.81
CA THR C 211 1.07 -24.46 35.98
C THR C 211 0.83 -24.01 34.54
N ALA C 212 -0.41 -24.06 34.05
CA ALA C 212 -0.66 -23.66 32.68
C ALA C 212 -2.13 -23.32 32.50
N TRP C 213 -2.40 -22.48 31.49
CA TRP C 213 -3.74 -22.10 31.09
C TRP C 213 -3.99 -22.47 29.63
N GLN C 214 -5.25 -22.66 29.30
CA GLN C 214 -5.70 -22.83 27.92
C GLN C 214 -6.40 -21.57 27.47
N VAL C 215 -5.97 -21.01 26.34
CA VAL C 215 -6.49 -19.75 25.84
C VAL C 215 -6.73 -19.84 24.34
N HIS C 216 -7.58 -18.95 23.85
CA HIS C 216 -7.97 -18.95 22.43
C HIS C 216 -6.91 -18.26 21.58
N ARG C 217 -6.67 -18.79 20.38
CA ARG C 217 -5.59 -18.29 19.53
C ARG C 217 -5.81 -16.85 19.10
N ASP C 218 -7.05 -16.51 18.71
CA ASP C 218 -7.32 -15.14 18.30
C ASP C 218 -7.04 -14.16 19.43
N TRP C 219 -7.32 -14.55 20.66
CA TRP C 219 -7.02 -13.69 21.80
C TRP C 219 -5.53 -13.62 22.04
N PHE C 220 -4.84 -14.75 21.95
CA PHE C 220 -3.41 -14.78 22.28
C PHE C 220 -2.59 -13.97 21.28
N ASN C 221 -3.04 -13.88 20.04
CA ASN C 221 -2.27 -13.11 19.05
C ASN C 221 -2.36 -11.60 19.25
N ASP C 222 -3.33 -11.12 20.02
CA ASP C 222 -3.56 -9.68 20.19
C ASP C 222 -3.30 -9.20 21.61
N LEU C 223 -2.28 -9.75 22.27
CA LEU C 223 -2.07 -9.46 23.68
C LEU C 223 -1.44 -8.10 23.96
N ALA C 224 -0.98 -7.38 22.93
CA ALA C 224 -0.50 -6.00 23.09
C ALA C 224 0.61 -5.87 24.13
N LEU C 225 1.62 -6.71 24.02
CA LEU C 225 2.80 -6.66 24.88
C LEU C 225 4.05 -6.88 24.04
N PRO C 226 5.23 -6.64 24.61
CA PRO C 226 6.47 -6.98 23.89
C PRO C 226 6.56 -8.48 23.67
N TRP C 227 7.00 -8.85 22.46
CA TRP C 227 6.94 -10.23 22.01
C TRP C 227 8.18 -10.62 21.21
N LYS C 228 8.46 -11.92 21.23
CA LYS C 228 9.70 -12.48 20.73
C LYS C 228 9.47 -13.95 20.39
N HIS C 229 10.46 -14.55 19.73
CA HIS C 229 10.48 -15.98 19.47
C HIS C 229 11.76 -16.59 20.05
N GLU C 230 11.68 -17.88 20.35
CA GLU C 230 12.79 -18.58 20.99
C GLU C 230 14.07 -18.40 20.18
N GLY C 231 15.17 -18.16 20.89
CA GLY C 231 16.46 -17.96 20.27
C GLY C 231 16.72 -16.55 19.77
N ALA C 232 15.68 -15.80 19.41
CA ALA C 232 15.89 -14.41 19.00
C ALA C 232 16.35 -13.60 20.20
N GLN C 233 17.18 -12.59 19.93
CA GLN C 233 17.87 -11.88 21.00
C GLN C 233 17.23 -10.56 21.40
N ASN C 234 16.52 -9.88 20.51
CA ASN C 234 16.01 -8.54 20.76
C ASN C 234 14.49 -8.50 20.70
N TRP C 235 13.89 -7.81 21.66
CA TRP C 235 12.43 -7.75 21.76
C TRP C 235 11.84 -6.76 20.75
N ASN C 236 10.64 -7.08 20.29
CA ASN C 236 9.88 -6.15 19.46
C ASN C 236 8.88 -5.38 20.31
N ASN C 237 8.76 -4.08 20.04
CA ASN C 237 7.75 -3.23 20.67
C ASN C 237 7.91 -3.10 22.18
N ALA C 238 9.15 -2.85 22.64
CA ALA C 238 9.33 -2.46 24.04
C ALA C 238 8.70 -1.11 24.35
N GLU C 239 8.33 -0.36 23.31
CA GLU C 239 7.61 0.90 23.46
C GLU C 239 6.28 0.71 24.15
N ARG C 240 5.76 -0.52 24.18
CA ARG C 240 4.49 -0.78 24.85
C ARG C 240 4.62 -0.79 26.36
N LEU C 241 5.83 -0.94 26.89
CA LEU C 241 6.05 -0.87 28.33
C LEU C 241 6.86 0.33 28.77
N VAL C 242 7.73 0.87 27.93
CA VAL C 242 8.41 2.10 28.30
C VAL C 242 7.54 3.31 27.97
N GLU C 243 7.55 4.31 28.83
CA GLU C 243 6.76 5.52 28.66
C GLU C 243 7.63 6.74 28.94
N PHE C 244 7.41 7.82 28.20
CA PHE C 244 8.25 9.01 28.25
C PHE C 244 7.44 10.22 28.73
N GLY C 245 8.02 10.96 29.68
CA GLY C 245 7.37 12.17 30.14
C GLY C 245 7.68 13.37 29.27
N ALA C 246 6.96 14.46 29.53
CA ALA C 246 7.21 15.69 28.80
C ALA C 246 8.59 16.25 29.16
N PRO C 247 9.25 16.94 28.24
CA PRO C 247 10.65 17.33 28.48
C PRO C 247 10.81 18.69 29.14
N HIS C 248 11.91 18.79 29.90
CA HIS C 248 12.43 20.08 30.33
C HIS C 248 13.31 20.63 29.21
N ALA C 249 14.12 21.65 29.51
CA ALA C 249 14.99 22.23 28.50
C ALA C 249 15.93 21.19 27.92
N VAL C 250 16.71 20.51 28.77
CA VAL C 250 17.68 19.54 28.30
C VAL C 250 17.60 18.23 29.05
N LYS C 251 16.45 17.93 29.65
CA LYS C 251 16.26 16.65 30.33
C LYS C 251 14.88 16.10 30.00
N MET C 252 14.82 14.77 29.91
CA MET C 252 13.58 14.05 29.68
C MET C 252 13.60 12.80 30.56
N ASP C 253 12.44 12.45 31.11
CA ASP C 253 12.33 11.34 32.05
C ASP C 253 11.75 10.11 31.35
N VAL C 254 12.30 8.94 31.71
CA VAL C 254 11.87 7.66 31.17
C VAL C 254 11.22 6.87 32.29
N TYR C 255 9.98 6.45 32.08
CA TYR C 255 9.20 5.76 33.10
C TYR C 255 8.92 4.32 32.71
N ASN C 256 8.79 3.47 33.73
CA ASN C 256 8.54 2.04 33.59
C ASN C 256 7.19 1.73 34.20
N LEU C 257 6.31 1.10 33.42
CA LEU C 257 4.96 0.79 33.90
C LEU C 257 4.87 -0.51 34.68
N GLY C 258 5.99 -1.20 34.92
CA GLY C 258 6.03 -2.27 35.88
C GLY C 258 5.29 -3.55 35.49
N ASP C 259 5.18 -4.43 36.49
CA ASP C 259 4.65 -5.77 36.31
C ASP C 259 3.22 -5.77 35.75
N GLN C 260 2.94 -6.71 34.86
CA GLN C 260 1.63 -6.89 34.27
C GLN C 260 0.96 -8.19 34.69
N THR C 261 1.62 -9.01 35.51
CA THR C 261 1.07 -10.32 35.84
C THR C 261 -0.34 -10.19 36.42
N GLY C 262 -0.56 -9.17 37.25
CA GLY C 262 -1.87 -9.02 37.86
C GLY C 262 -2.96 -8.79 36.83
N VAL C 263 -2.73 -7.86 35.91
CA VAL C 263 -3.77 -7.58 34.92
C VAL C 263 -3.96 -8.77 34.00
N LEU C 264 -2.89 -9.50 33.69
CA LEU C 264 -3.03 -10.69 32.86
C LEU C 264 -3.90 -11.74 33.54
N LEU C 265 -3.59 -12.04 34.81
CA LEU C 265 -4.35 -13.03 35.55
C LEU C 265 -5.79 -12.59 35.73
N LYS C 266 -6.03 -11.28 35.81
CA LYS C 266 -7.40 -10.79 35.94
C LYS C 266 -8.14 -10.90 34.61
N ALA C 267 -7.43 -10.72 33.50
CA ALA C 267 -8.06 -10.85 32.19
C ALA C 267 -8.40 -12.30 31.87
N LEU C 268 -7.60 -13.24 32.36
CA LEU C 268 -7.85 -14.66 32.07
C LEU C 268 -9.08 -15.23 32.77
N ALA C 269 -9.90 -14.42 33.41
CA ALA C 269 -11.05 -14.93 34.16
C ALA C 269 -11.99 -15.71 33.24
N GLY C 270 -12.18 -17.00 33.53
CA GLY C 270 -13.14 -17.83 32.84
C GLY C 270 -12.58 -18.89 31.92
N VAL C 271 -11.26 -18.98 31.76
CA VAL C 271 -10.67 -19.94 30.84
C VAL C 271 -10.37 -21.27 31.54
N PRO C 272 -10.42 -22.40 30.84
CA PRO C 272 -10.10 -23.67 31.49
C PRO C 272 -8.62 -23.75 31.88
N VAL C 273 -8.35 -24.52 32.92
CA VAL C 273 -6.98 -24.73 33.38
C VAL C 273 -6.36 -25.90 32.63
N ALA C 274 -5.05 -25.85 32.46
CA ALA C 274 -4.27 -26.92 31.83
C ALA C 274 -3.26 -27.43 32.86
N HIS C 275 -2.39 -28.36 32.46
CA HIS C 275 -1.44 -28.89 33.43
C HIS C 275 -0.12 -29.24 32.73
N ILE C 276 0.94 -29.26 33.51
CA ILE C 276 2.28 -29.62 33.04
C ILE C 276 2.88 -30.63 34.00
N GLU C 277 3.55 -31.64 33.44
CA GLU C 277 4.12 -32.73 34.23
C GLU C 277 5.42 -33.14 33.57
N GLY C 278 6.55 -32.62 34.07
CA GLY C 278 7.83 -32.90 33.46
C GLY C 278 7.88 -32.41 32.03
N THR C 279 8.00 -33.33 31.08
CA THR C 279 8.00 -32.99 29.67
C THR C 279 6.62 -33.02 29.04
N LYS C 280 5.61 -33.50 29.76
CA LYS C 280 4.27 -33.67 29.22
C LYS C 280 3.41 -32.44 29.46
N TYR C 281 2.62 -32.09 28.46
CA TYR C 281 1.64 -31.02 28.54
C TYR C 281 0.26 -31.66 28.41
N HIS C 282 -0.57 -31.46 29.43
CA HIS C 282 -1.88 -32.07 29.54
C HIS C 282 -2.98 -31.03 29.37
N LEU C 283 -3.96 -31.36 28.53
CA LEU C 283 -5.23 -30.66 28.65
C LEU C 283 -6.03 -31.27 29.80
N LYS C 284 -7.02 -30.52 30.26
CA LYS C 284 -7.96 -31.01 31.27
C LYS C 284 -9.40 -30.83 30.84
N SER C 285 -9.63 -30.65 29.54
CA SER C 285 -10.97 -30.59 28.98
C SER C 285 -10.88 -31.00 27.52
N GLY C 286 -11.94 -31.65 27.04
CA GLY C 286 -11.96 -32.17 25.68
C GLY C 286 -12.71 -33.48 25.57
N HIS C 287 -12.82 -34.02 24.37
CA HIS C 287 -13.63 -35.21 24.16
C HIS C 287 -13.17 -35.94 22.91
N VAL C 288 -13.56 -37.22 22.83
CA VAL C 288 -13.24 -38.07 21.69
C VAL C 288 -14.46 -38.92 21.35
N THR C 289 -14.78 -39.01 20.07
CA THR C 289 -15.81 -39.93 19.61
C THR C 289 -15.20 -41.30 19.33
N CYS C 290 -15.78 -42.34 19.92
CA CYS C 290 -15.29 -43.70 19.77
C CYS C 290 -16.45 -44.64 19.48
N GLU C 291 -16.15 -45.74 18.82
CA GLU C 291 -17.07 -46.87 18.66
C GLU C 291 -16.48 -48.06 19.40
N VAL C 292 -17.28 -48.67 20.27
CA VAL C 292 -16.83 -49.78 21.09
C VAL C 292 -17.60 -51.02 20.67
N GLY C 293 -16.85 -52.10 20.42
CA GLY C 293 -17.40 -53.38 20.01
C GLY C 293 -17.33 -54.38 21.14
N LEU C 294 -18.49 -54.95 21.46
CA LEU C 294 -18.71 -55.82 22.61
C LEU C 294 -18.58 -57.30 22.30
N GLU C 295 -18.54 -57.67 21.02
CA GLU C 295 -18.48 -59.09 20.68
C GLU C 295 -17.21 -59.73 21.24
N LYS C 296 -17.31 -61.01 21.55
CA LYS C 296 -16.26 -61.80 22.20
C LYS C 296 -16.04 -61.42 23.66
N LEU C 297 -16.98 -60.72 24.28
CA LEU C 297 -17.05 -60.64 25.73
C LEU C 297 -17.94 -61.76 26.23
N LYS C 298 -17.57 -62.37 27.36
CA LYS C 298 -18.31 -63.52 27.86
C LYS C 298 -18.37 -63.47 29.38
N MET C 299 -19.40 -64.12 29.92
CA MET C 299 -19.65 -64.11 31.36
C MET C 299 -18.62 -64.95 32.09
N LYS C 300 -18.41 -64.63 33.36
CA LYS C 300 -17.53 -65.37 34.25
C LYS C 300 -18.34 -66.22 35.21
N GLY C 301 -17.94 -67.48 35.37
CA GLY C 301 -18.47 -68.31 36.42
C GLY C 301 -19.90 -68.77 36.25
N LEU C 302 -20.43 -68.78 35.03
CA LEU C 302 -21.78 -69.31 34.85
C LEU C 302 -21.87 -70.78 35.25
N THR C 303 -20.74 -71.49 35.26
CA THR C 303 -20.76 -72.92 35.55
C THR C 303 -20.99 -73.19 37.04
N TYR C 304 -20.65 -72.25 37.91
CA TYR C 304 -20.71 -72.50 39.35
C TYR C 304 -22.13 -72.80 39.82
N THR C 305 -22.20 -73.50 40.95
CA THR C 305 -23.46 -73.74 41.64
C THR C 305 -23.78 -72.57 42.57
N MET C 306 -24.99 -72.58 43.13
CA MET C 306 -25.44 -71.51 44.00
C MET C 306 -24.87 -71.66 45.40
N CYS C 307 -24.75 -70.53 46.09
CA CYS C 307 -24.13 -70.45 47.40
C CYS C 307 -25.04 -71.04 48.47
N ASP C 308 -24.46 -71.29 49.64
CA ASP C 308 -25.22 -71.74 50.81
C ASP C 308 -26.03 -70.56 51.33
N LYS C 309 -27.34 -70.59 51.11
CA LYS C 309 -28.18 -69.44 51.44
C LYS C 309 -28.14 -68.92 52.85
N THR C 310 -27.73 -69.74 53.80
CA THR C 310 -27.82 -69.31 55.19
C THR C 310 -26.57 -68.60 55.72
N LYS C 311 -25.47 -68.61 54.98
CA LYS C 311 -24.19 -68.16 55.53
C LYS C 311 -23.92 -66.66 55.37
N PHE C 312 -24.68 -65.95 54.55
CA PHE C 312 -24.32 -64.57 54.20
C PHE C 312 -24.41 -63.63 55.40
N THR C 313 -23.62 -62.55 55.34
CA THR C 313 -23.69 -61.46 56.30
C THR C 313 -23.29 -60.18 55.59
N TRP C 314 -23.67 -59.03 56.16
CA TRP C 314 -23.36 -57.74 55.54
C TRP C 314 -21.97 -57.28 55.92
N LYS C 315 -21.24 -56.69 54.98
CA LYS C 315 -20.02 -55.97 55.30
C LYS C 315 -20.22 -54.47 55.20
N ARG C 316 -21.08 -54.02 54.29
CA ARG C 316 -21.48 -52.63 54.16
C ARG C 316 -22.97 -52.64 53.80
N ALA C 317 -23.81 -52.20 54.73
CA ALA C 317 -25.24 -52.27 54.49
C ALA C 317 -25.63 -51.38 53.30
N PRO C 318 -26.76 -51.67 52.67
CA PRO C 318 -27.16 -50.92 51.48
C PRO C 318 -27.11 -49.41 51.71
N THR C 319 -26.64 -48.71 50.69
CA THR C 319 -26.58 -47.25 50.72
C THR C 319 -27.01 -46.71 49.37
N ASP C 320 -27.49 -45.47 49.40
CA ASP C 320 -27.95 -44.78 48.20
C ASP C 320 -26.77 -44.19 47.44
N SER C 321 -26.64 -44.56 46.17
CA SER C 321 -25.62 -44.01 45.31
C SER C 321 -25.99 -42.58 44.90
N GLY C 322 -25.00 -41.87 44.37
CA GLY C 322 -25.25 -40.53 43.86
C GLY C 322 -26.04 -40.50 42.57
N HIS C 323 -26.25 -41.66 41.94
CA HIS C 323 -26.79 -41.73 40.58
C HIS C 323 -28.09 -42.51 40.52
N ASP C 324 -28.86 -42.52 41.60
CA ASP C 324 -30.17 -43.19 41.66
C ASP C 324 -29.96 -44.70 41.49
N THR C 325 -29.17 -45.27 42.40
CA THR C 325 -28.96 -46.71 42.49
C THR C 325 -28.69 -47.07 43.94
N VAL C 326 -28.62 -48.36 44.23
CA VAL C 326 -28.30 -48.84 45.57
C VAL C 326 -27.05 -49.71 45.50
N VAL C 327 -26.20 -49.58 46.52
CA VAL C 327 -24.88 -50.21 46.52
C VAL C 327 -24.68 -50.95 47.83
N MET C 328 -24.10 -52.16 47.75
CA MET C 328 -23.98 -53.02 48.92
C MET C 328 -22.82 -53.98 48.78
N GLU C 329 -22.39 -54.54 49.92
CA GLU C 329 -21.28 -55.49 49.96
C GLU C 329 -21.57 -56.61 50.95
N VAL C 330 -21.36 -57.86 50.51
CA VAL C 330 -21.72 -59.04 51.26
C VAL C 330 -20.47 -59.86 51.58
N THR C 331 -20.52 -60.62 52.67
CA THR C 331 -19.49 -61.56 53.04
C THR C 331 -20.10 -62.95 53.23
N PHE C 332 -19.30 -63.96 52.90
CA PHE C 332 -19.75 -65.35 52.84
C PHE C 332 -18.65 -66.24 53.41
N SER C 333 -19.03 -67.41 53.92
CA SER C 333 -18.09 -68.28 54.62
C SER C 333 -18.19 -69.74 54.24
N GLY C 334 -19.06 -70.10 53.29
CA GLY C 334 -19.19 -71.47 52.85
C GLY C 334 -18.11 -71.85 51.85
N THR C 335 -18.39 -72.91 51.09
CA THR C 335 -17.49 -73.32 50.01
C THR C 335 -17.39 -72.17 49.01
N LYS C 336 -16.21 -71.56 48.92
CA LYS C 336 -16.09 -70.21 48.37
C LYS C 336 -16.66 -70.05 46.96
N PRO C 337 -16.33 -70.89 45.97
CA PRO C 337 -16.75 -70.57 44.61
C PRO C 337 -18.23 -70.82 44.38
N CYS C 338 -19.02 -69.75 44.32
CA CYS C 338 -20.47 -69.94 44.15
C CYS C 338 -21.16 -68.63 43.82
N ARG C 339 -22.35 -68.77 43.21
CA ARG C 339 -23.13 -67.63 42.74
C ARG C 339 -24.00 -67.07 43.85
N ILE C 340 -24.19 -65.76 43.84
CA ILE C 340 -24.97 -65.09 44.89
C ILE C 340 -26.45 -65.16 44.53
N PRO C 341 -27.31 -65.67 45.41
CA PRO C 341 -28.77 -65.58 45.20
C PRO C 341 -29.35 -64.26 45.67
N VAL C 342 -29.25 -63.23 44.82
CA VAL C 342 -29.67 -61.87 45.16
C VAL C 342 -30.97 -61.56 44.43
N ARG C 343 -31.92 -60.96 45.14
CA ARG C 343 -33.21 -60.63 44.56
C ARG C 343 -33.85 -59.51 45.36
N ALA C 344 -34.91 -58.93 44.80
CA ALA C 344 -35.64 -57.87 45.49
C ALA C 344 -37.10 -57.94 45.08
N VAL C 345 -37.98 -57.52 46.00
CA VAL C 345 -39.43 -57.63 45.77
C VAL C 345 -40.12 -56.35 46.23
N ALA C 346 -41.10 -55.91 45.44
CA ALA C 346 -41.94 -54.78 45.82
C ALA C 346 -42.92 -55.22 46.90
N HIS C 347 -43.22 -54.30 47.82
CA HIS C 347 -44.04 -54.64 48.98
C HIS C 347 -45.47 -55.02 48.58
N GLY C 348 -45.96 -54.50 47.47
CA GLY C 348 -47.34 -54.76 47.07
C GLY C 348 -47.57 -56.08 46.34
N SER C 349 -46.49 -56.76 45.93
CA SER C 349 -46.61 -57.99 45.14
C SER C 349 -45.43 -58.91 45.50
N PRO C 350 -45.68 -60.01 46.21
CA PRO C 350 -44.56 -60.82 46.71
C PRO C 350 -44.01 -61.84 45.73
N ASP C 351 -44.58 -61.97 44.53
CA ASP C 351 -44.14 -63.00 43.59
C ASP C 351 -43.10 -62.49 42.59
N VAL C 352 -43.36 -61.34 41.97
CA VAL C 352 -42.50 -60.87 40.89
C VAL C 352 -41.19 -60.34 41.45
N ASN C 353 -40.08 -60.74 40.82
CA ASN C 353 -38.77 -60.16 41.13
C ASN C 353 -38.61 -58.84 40.38
N VAL C 354 -38.02 -57.86 41.04
CA VAL C 354 -38.00 -56.48 40.53
C VAL C 354 -36.60 -55.94 40.28
N ALA C 355 -35.56 -56.48 40.91
CA ALA C 355 -34.23 -55.89 40.82
C ALA C 355 -33.71 -55.86 39.39
N MET C 356 -32.98 -54.79 39.05
CA MET C 356 -32.16 -54.76 37.84
C MET C 356 -30.72 -54.56 38.27
N LEU C 357 -29.83 -55.46 37.85
CA LEU C 357 -28.47 -55.45 38.36
C LEU C 357 -27.51 -54.83 37.35
N ILE C 358 -26.61 -53.97 37.85
CA ILE C 358 -25.53 -53.50 37.00
C ILE C 358 -24.42 -54.55 36.95
N THR C 359 -24.18 -55.23 38.07
CA THR C 359 -23.29 -56.38 38.06
C THR C 359 -24.00 -57.50 37.28
N PRO C 360 -23.33 -58.13 36.32
CA PRO C 360 -24.04 -59.04 35.41
C PRO C 360 -24.51 -60.33 36.08
N ASN C 361 -23.66 -60.94 36.89
CA ASN C 361 -23.98 -62.23 37.49
C ASN C 361 -23.09 -62.43 38.71
N PRO C 362 -23.49 -61.93 39.87
CA PRO C 362 -22.55 -61.88 41.01
C PRO C 362 -22.17 -63.25 41.52
N THR C 363 -20.86 -63.40 41.81
CA THR C 363 -20.31 -64.63 42.34
C THR C 363 -19.25 -64.29 43.36
N ILE C 364 -18.96 -65.25 44.23
CA ILE C 364 -17.86 -65.15 45.18
C ILE C 364 -16.85 -66.24 44.85
N GLU C 365 -15.57 -65.88 44.95
CA GLU C 365 -14.45 -66.73 44.56
C GLU C 365 -13.42 -66.72 45.68
N ASN C 366 -12.35 -67.50 45.49
CA ASN C 366 -11.36 -67.65 46.55
C ASN C 366 -10.81 -66.32 47.02
N ASN C 367 -10.70 -65.33 46.12
CA ASN C 367 -10.35 -63.98 46.50
C ASN C 367 -11.32 -63.00 45.86
N GLY C 368 -11.62 -61.93 46.59
CA GLY C 368 -12.56 -60.92 46.13
C GLY C 368 -13.97 -61.21 46.59
N GLY C 369 -14.54 -60.32 47.41
CA GLY C 369 -15.88 -60.50 47.93
C GLY C 369 -16.94 -60.07 46.93
N GLY C 370 -18.15 -59.87 47.45
CA GLY C 370 -19.27 -59.50 46.61
C GLY C 370 -19.74 -58.07 46.75
N PHE C 371 -19.38 -57.23 45.78
CA PHE C 371 -19.95 -55.90 45.64
C PHE C 371 -21.10 -55.97 44.65
N ILE C 372 -22.19 -55.27 44.96
CA ILE C 372 -23.37 -55.27 44.10
C ILE C 372 -23.91 -53.85 43.97
N GLU C 373 -24.25 -53.48 42.74
CA GLU C 373 -24.95 -52.24 42.44
C GLU C 373 -26.22 -52.59 41.67
N MET C 374 -27.35 -52.06 42.10
CA MET C 374 -28.61 -52.45 41.48
C MET C 374 -29.60 -51.29 41.52
N GLN C 375 -30.62 -51.39 40.67
CA GLN C 375 -31.63 -50.38 40.51
C GLN C 375 -33.01 -50.98 40.79
N LEU C 376 -33.85 -50.15 41.40
CA LEU C 376 -35.17 -50.52 41.88
C LEU C 376 -36.17 -49.44 41.49
N PRO C 377 -37.45 -49.77 41.36
CA PRO C 377 -38.46 -48.76 41.05
C PRO C 377 -38.76 -47.91 42.28
N PRO C 378 -39.34 -46.73 42.10
CA PRO C 378 -39.66 -45.89 43.25
C PRO C 378 -40.67 -46.55 44.15
N GLY C 379 -40.56 -46.29 45.46
CA GLY C 379 -41.50 -46.86 46.41
C GLY C 379 -40.88 -47.73 47.48
N ASP C 380 -41.67 -48.64 48.06
CA ASP C 380 -41.21 -49.46 49.17
C ASP C 380 -40.83 -50.85 48.66
N ASN C 381 -39.68 -51.36 49.11
CA ASN C 381 -39.14 -52.60 48.58
C ASN C 381 -38.35 -53.35 49.66
N ILE C 382 -38.14 -54.64 49.43
CA ILE C 382 -37.33 -55.47 50.31
C ILE C 382 -36.26 -56.17 49.48
N ILE C 383 -35.03 -56.17 49.99
CA ILE C 383 -33.88 -56.77 49.33
C ILE C 383 -33.51 -58.06 50.06
N TYR C 384 -33.26 -59.12 49.31
CA TYR C 384 -32.89 -60.41 49.86
C TYR C 384 -31.58 -60.89 49.25
N VAL C 385 -30.69 -61.40 50.09
CA VAL C 385 -29.53 -62.18 49.69
C VAL C 385 -29.63 -63.47 50.52
N GLY C 386 -30.23 -64.50 49.93
CA GLY C 386 -30.47 -65.73 50.68
C GLY C 386 -31.37 -65.45 51.88
N GLU C 387 -30.94 -65.91 53.05
CA GLU C 387 -31.67 -65.63 54.28
C GLU C 387 -31.53 -64.18 54.71
N LEU C 388 -30.44 -63.54 54.34
CA LEU C 388 -30.17 -62.19 54.79
C LEU C 388 -31.11 -61.22 54.08
N SER C 389 -31.65 -60.25 54.82
CA SER C 389 -32.65 -59.36 54.25
C SER C 389 -32.46 -57.95 54.77
N HIS C 390 -32.96 -57.00 53.98
CA HIS C 390 -32.89 -55.59 54.36
C HIS C 390 -34.07 -54.90 53.69
N GLN C 391 -34.44 -53.74 54.22
CA GLN C 391 -35.65 -53.03 53.79
C GLN C 391 -35.27 -51.66 53.23
N TRP C 392 -35.89 -51.28 52.11
CA TRP C 392 -35.49 -50.07 51.39
C TRP C 392 -36.68 -49.25 50.91
N PHE C 393 -36.51 -47.94 50.89
CA PHE C 393 -37.47 -47.01 50.31
C PHE C 393 -36.75 -46.18 49.27
N GLN C 394 -37.26 -46.22 48.03
CA GLN C 394 -36.63 -45.55 46.90
C GLN C 394 -37.37 -44.25 46.61
N LYS C 395 -36.63 -43.14 46.64
CA LYS C 395 -37.16 -41.80 46.44
C LYS C 395 -37.52 -41.58 44.97
N GLY C 396 -38.12 -40.43 44.71
CA GLY C 396 -38.37 -39.98 43.35
C GLY C 396 -39.54 -40.68 42.68
N SER C 397 -39.60 -40.51 41.37
CA SER C 397 -40.71 -41.03 40.58
C SER C 397 -40.24 -41.18 39.13
N SER C 398 -41.03 -41.92 38.35
CA SER C 398 -40.69 -42.14 36.95
C SER C 398 -40.65 -40.83 36.17
N ILE C 399 -41.61 -39.93 36.45
CA ILE C 399 -41.59 -38.63 35.81
C ILE C 399 -40.31 -37.88 36.18
N GLY C 400 -39.90 -37.97 37.45
CA GLY C 400 -38.66 -37.35 37.86
C GLY C 400 -37.45 -37.91 37.13
N ARG C 401 -37.42 -39.23 36.92
CA ARG C 401 -36.31 -39.82 36.21
C ARG C 401 -36.25 -39.34 34.77
N VAL C 402 -37.40 -39.29 34.10
CA VAL C 402 -37.44 -38.79 32.73
C VAL C 402 -36.95 -37.34 32.69
N PHE C 403 -37.43 -36.53 33.62
CA PHE C 403 -37.04 -35.12 33.66
C PHE C 403 -35.55 -34.97 33.92
N GLN C 404 -35.00 -35.78 34.82
CA GLN C 404 -33.58 -35.68 35.12
C GLN C 404 -32.73 -36.08 33.91
N LYS C 405 -33.14 -37.12 33.18
CA LYS C 405 -32.42 -37.45 31.96
C LYS C 405 -32.51 -36.31 30.95
N THR C 406 -33.66 -35.65 30.85
CA THR C 406 -33.77 -34.52 29.94
C THR C 406 -32.81 -33.41 30.35
N LYS C 407 -32.72 -33.11 31.64
CA LYS C 407 -31.76 -32.12 32.11
C LYS C 407 -30.33 -32.51 31.75
N LYS C 408 -29.98 -33.78 31.99
CA LYS C 408 -28.66 -34.25 31.65
C LYS C 408 -28.37 -34.05 30.17
N GLY C 409 -29.33 -34.40 29.32
CA GLY C 409 -29.19 -34.24 27.89
C GLY C 409 -28.97 -32.81 27.47
N ILE C 410 -29.80 -31.90 28.00
CA ILE C 410 -29.65 -30.49 27.64
C ILE C 410 -28.28 -29.98 28.09
N GLU C 411 -27.86 -30.34 29.31
CA GLU C 411 -26.56 -29.87 29.79
C GLU C 411 -25.43 -30.37 28.91
N ARG C 412 -25.43 -31.66 28.58
CA ARG C 412 -24.39 -32.20 27.71
C ARG C 412 -24.41 -31.53 26.35
N LEU C 413 -25.60 -31.31 25.79
CA LEU C 413 -25.69 -30.68 24.48
C LEU C 413 -25.11 -29.28 24.53
N THR C 414 -25.42 -28.53 25.60
CA THR C 414 -24.87 -27.19 25.73
C THR C 414 -23.36 -27.22 25.85
N VAL C 415 -22.82 -28.18 26.60
CA VAL C 415 -21.38 -28.20 26.84
C VAL C 415 -20.61 -28.61 25.59
N ILE C 416 -21.05 -29.68 24.92
CA ILE C 416 -20.22 -30.29 23.87
C ILE C 416 -20.62 -29.89 22.46
N GLY C 417 -21.87 -29.49 22.24
CA GLY C 417 -22.27 -29.03 20.92
C GLY C 417 -22.70 -30.13 19.96
N GLU C 418 -22.21 -30.05 18.72
CA GLU C 418 -22.63 -30.97 17.67
C GLU C 418 -22.50 -32.43 18.10
N HIS C 419 -21.40 -32.78 18.78
CA HIS C 419 -21.12 -34.18 19.05
C HIS C 419 -22.18 -34.81 19.93
N ALA C 420 -23.03 -34.00 20.57
CA ALA C 420 -24.08 -34.56 21.42
C ALA C 420 -24.97 -35.53 20.66
N TRP C 421 -25.23 -35.26 19.38
CA TRP C 421 -26.10 -36.14 18.61
C TRP C 421 -25.48 -37.50 18.32
N ASP C 422 -24.19 -37.67 18.54
CA ASP C 422 -23.55 -38.96 18.33
C ASP C 422 -23.59 -39.86 19.56
N PHE C 423 -23.87 -39.31 20.74
CA PHE C 423 -23.86 -40.10 21.96
C PHE C 423 -24.97 -41.15 21.89
N GLY C 424 -24.60 -42.42 22.00
CA GLY C 424 -25.58 -43.49 21.90
C GLY C 424 -26.23 -43.62 20.55
N SER C 425 -25.69 -42.96 19.53
CA SER C 425 -26.29 -42.99 18.21
C SER C 425 -26.05 -44.34 17.52
N ALA C 426 -27.02 -44.75 16.73
CA ALA C 426 -26.93 -45.94 15.88
C ALA C 426 -27.48 -45.59 14.51
N GLY C 427 -27.17 -44.39 14.04
CA GLY C 427 -27.76 -43.86 12.82
C GLY C 427 -29.19 -43.42 13.06
N GLY C 428 -29.93 -43.31 11.96
CA GLY C 428 -31.34 -42.99 12.00
C GLY C 428 -31.65 -41.53 11.67
N PHE C 429 -32.90 -41.33 11.27
CA PHE C 429 -33.36 -40.03 10.78
C PHE C 429 -33.23 -38.95 11.85
N LEU C 430 -33.70 -39.23 13.06
CA LEU C 430 -33.70 -38.17 14.06
C LEU C 430 -32.28 -37.71 14.37
N SER C 431 -31.37 -38.67 14.57
CA SER C 431 -29.99 -38.29 14.88
C SER C 431 -29.35 -37.53 13.71
N SER C 432 -29.51 -38.04 12.49
CA SER C 432 -28.89 -37.40 11.34
C SER C 432 -29.44 -36.00 11.13
N ILE C 433 -30.77 -35.86 11.21
CA ILE C 433 -31.40 -34.56 11.01
C ILE C 433 -30.96 -33.58 12.09
N GLY C 434 -30.94 -34.04 13.35
CA GLY C 434 -30.49 -33.18 14.42
C GLY C 434 -29.09 -32.67 14.19
N LYS C 435 -28.17 -33.56 13.82
CA LYS C 435 -26.80 -33.11 13.61
C LYS C 435 -26.71 -32.13 12.45
N ALA C 436 -27.43 -32.40 11.35
CA ALA C 436 -27.36 -31.51 10.19
C ALA C 436 -27.89 -30.13 10.53
N VAL C 437 -29.10 -30.06 11.08
CA VAL C 437 -29.71 -28.77 11.37
C VAL C 437 -28.89 -28.02 12.42
N HIS C 438 -28.43 -28.72 13.45
CA HIS C 438 -27.62 -28.08 14.47
C HIS C 438 -26.35 -27.50 13.86
N THR C 439 -25.69 -28.27 12.99
CA THR C 439 -24.50 -27.74 12.34
C THR C 439 -24.80 -26.46 11.58
N VAL C 440 -25.85 -26.48 10.75
CA VAL C 440 -26.11 -25.33 9.89
C VAL C 440 -26.43 -24.10 10.73
N LEU C 441 -27.42 -24.20 11.61
CA LEU C 441 -27.86 -23.04 12.37
C LEU C 441 -26.78 -22.57 13.34
N GLY C 442 -26.10 -23.50 14.00
CA GLY C 442 -25.05 -23.11 14.93
C GLY C 442 -23.91 -22.39 14.23
N GLY C 443 -23.49 -22.89 13.06
CA GLY C 443 -22.45 -22.20 12.32
C GLY C 443 -22.88 -20.81 11.90
N ALA C 444 -24.11 -20.69 11.41
CA ALA C 444 -24.61 -19.39 10.99
C ALA C 444 -24.61 -18.40 12.15
N PHE C 445 -25.10 -18.84 13.31
CA PHE C 445 -25.14 -17.96 14.48
C PHE C 445 -23.73 -17.61 14.95
N ASN C 446 -22.83 -18.60 14.98
CA ASN C 446 -21.48 -18.35 15.44
C ASN C 446 -20.76 -17.34 14.54
N SER C 447 -20.94 -17.46 13.24
CA SER C 447 -20.26 -16.53 12.32
C SER C 447 -20.65 -15.09 12.61
N ILE C 448 -21.87 -14.86 13.09
CA ILE C 448 -22.34 -13.50 13.35
C ILE C 448 -21.91 -13.03 14.74
N PHE C 449 -22.16 -13.83 15.77
CA PHE C 449 -21.99 -13.36 17.15
C PHE C 449 -20.79 -13.95 17.86
N GLY C 450 -19.94 -14.71 17.16
CA GLY C 450 -18.75 -15.24 17.80
C GLY C 450 -17.86 -14.16 18.37
N GLY C 451 -17.45 -14.32 19.62
CA GLY C 451 -16.57 -13.38 20.28
C GLY C 451 -17.21 -12.13 20.85
N VAL C 452 -18.53 -11.98 20.71
CA VAL C 452 -19.23 -10.79 21.19
C VAL C 452 -19.68 -11.02 22.63
N GLY C 453 -19.62 -9.95 23.43
CA GLY C 453 -19.97 -10.06 24.83
C GLY C 453 -21.46 -10.23 25.07
N PHE C 454 -21.78 -10.72 26.28
CA PHE C 454 -23.17 -10.96 26.64
C PHE C 454 -23.96 -9.66 26.66
N LEU C 455 -23.37 -8.57 27.16
CA LEU C 455 -24.12 -7.32 27.22
C LEU C 455 -24.40 -6.78 25.83
N PRO C 456 -23.43 -6.70 24.92
CA PRO C 456 -23.79 -6.31 23.54
C PRO C 456 -24.82 -7.24 22.92
N LYS C 457 -24.75 -8.55 23.21
CA LYS C 457 -25.71 -9.47 22.62
C LYS C 457 -27.12 -9.18 23.13
N LEU C 458 -27.26 -9.01 24.44
CA LEU C 458 -28.55 -8.68 25.05
C LEU C 458 -29.07 -7.35 24.51
N LEU C 459 -28.18 -6.35 24.41
CA LEU C 459 -28.60 -5.05 23.92
C LEU C 459 -29.07 -5.12 22.48
N LEU C 460 -28.38 -5.88 21.63
CA LEU C 460 -28.84 -6.05 20.26
C LEU C 460 -30.19 -6.74 20.22
N GLY C 461 -30.40 -7.76 21.05
CA GLY C 461 -31.70 -8.41 21.08
C GLY C 461 -32.81 -7.45 21.45
N VAL C 462 -32.60 -6.68 22.52
CA VAL C 462 -33.62 -5.75 22.98
C VAL C 462 -33.87 -4.67 21.92
N ALA C 463 -32.80 -4.17 21.32
CA ALA C 463 -32.94 -3.14 20.29
C ALA C 463 -33.68 -3.67 19.09
N LEU C 464 -33.41 -4.91 18.69
CA LEU C 464 -34.13 -5.49 17.55
C LEU C 464 -35.61 -5.64 17.88
N ALA C 465 -35.93 -6.07 19.10
CA ALA C 465 -37.34 -6.17 19.49
C ALA C 465 -38.02 -4.80 19.46
N TRP C 466 -37.37 -3.79 20.05
CA TRP C 466 -37.93 -2.45 20.07
C TRP C 466 -38.12 -1.91 18.66
N LEU C 467 -37.13 -2.10 17.79
CA LEU C 467 -37.24 -1.61 16.42
C LEU C 467 -38.32 -2.36 15.66
N GLY C 468 -38.53 -3.64 15.98
CA GLY C 468 -39.65 -4.36 15.40
C GLY C 468 -40.98 -3.75 15.79
N LEU C 469 -41.12 -3.42 17.08
CA LEU C 469 -42.33 -2.71 17.52
C LEU C 469 -42.47 -1.36 16.82
N ASN C 470 -41.35 -0.70 16.55
CA ASN C 470 -41.33 0.59 15.89
C ASN C 470 -41.37 0.49 14.37
N MET C 471 -41.45 -0.72 13.83
CA MET C 471 -41.22 -0.93 12.40
C MET C 471 -42.49 -0.65 11.58
N ARG C 472 -42.27 -0.52 10.27
CA ARG C 472 -43.30 -0.22 9.30
C ARG C 472 -44.40 -1.29 9.28
N ASN C 473 -45.40 -1.03 8.45
CA ASN C 473 -46.62 -1.83 8.42
C ASN C 473 -46.44 -3.30 8.05
N PRO C 474 -45.67 -3.69 7.02
CA PRO C 474 -45.76 -5.05 6.51
C PRO C 474 -45.46 -6.12 7.56
N THR C 475 -45.94 -7.34 7.27
CA THR C 475 -45.88 -8.44 8.22
C THR C 475 -44.45 -8.77 8.66
N MET C 476 -43.46 -8.44 7.84
CA MET C 476 -42.07 -8.73 8.18
C MET C 476 -41.67 -8.13 9.53
N SER C 477 -42.49 -7.21 10.06
CA SER C 477 -42.29 -6.70 11.41
C SER C 477 -42.21 -7.82 12.45
N MET C 478 -43.13 -8.79 12.37
CA MET C 478 -43.13 -9.89 13.33
C MET C 478 -41.84 -10.70 13.22
N SER C 479 -41.36 -10.94 12.01
CA SER C 479 -40.08 -11.64 11.83
C SER C 479 -38.94 -10.84 12.43
N PHE C 480 -38.97 -9.52 12.29
CA PHE C 480 -37.90 -8.70 12.87
C PHE C 480 -37.89 -8.81 14.39
N LEU C 481 -39.06 -8.67 15.01
CA LEU C 481 -39.19 -8.82 16.45
C LEU C 481 -38.76 -10.23 16.88
N LEU C 482 -39.13 -11.23 16.10
CA LEU C 482 -38.75 -12.61 16.40
C LEU C 482 -37.25 -12.81 16.31
N ALA C 483 -36.59 -12.14 15.36
CA ALA C 483 -35.13 -12.24 15.28
C ALA C 483 -34.49 -11.68 16.53
N GLY C 484 -34.98 -10.52 16.98
CA GLY C 484 -34.46 -9.97 18.23
C GLY C 484 -34.69 -10.93 19.40
N GLY C 485 -35.89 -11.48 19.49
CA GLY C 485 -36.18 -12.44 20.55
C GLY C 485 -35.30 -13.67 20.47
N LEU C 486 -35.03 -14.16 19.25
CA LEU C 486 -34.22 -15.34 19.07
C LEU C 486 -32.79 -15.10 19.54
N VAL C 487 -32.20 -13.97 19.17
CA VAL C 487 -30.84 -13.70 19.62
C VAL C 487 -30.81 -13.58 21.14
N LEU C 488 -31.81 -12.90 21.72
CA LEU C 488 -31.84 -12.77 23.17
C LEU C 488 -31.94 -14.14 23.84
N ALA C 489 -32.83 -15.00 23.34
CA ALA C 489 -33.03 -16.31 23.94
C ALA C 489 -31.78 -17.17 23.82
N MET C 490 -31.13 -17.15 22.66
CA MET C 490 -29.94 -17.98 22.48
C MET C 490 -28.76 -17.45 23.28
N THR C 491 -28.76 -16.16 23.62
CA THR C 491 -27.76 -15.64 24.54
C THR C 491 -28.07 -16.04 25.98
N LEU C 492 -29.34 -16.00 26.37
CA LEU C 492 -29.73 -16.25 27.76
C LEU C 492 -29.67 -17.73 28.12
N GLY C 493 -30.01 -18.63 27.19
CA GLY C 493 -30.15 -20.03 27.53
C GLY C 493 -28.86 -20.74 27.83
N VAL C 494 -27.74 -20.27 27.29
CA VAL C 494 -26.47 -20.95 27.50
C VAL C 494 -25.98 -20.72 28.92
N SER D 1 -13.01 -10.08 43.37
CA SER D 1 -11.72 -9.74 42.69
C SER D 1 -11.40 -8.26 42.87
N VAL D 2 -10.10 -7.95 42.93
CA VAL D 2 -9.66 -6.57 43.07
C VAL D 2 -10.01 -5.79 41.81
N LEU D 3 -10.62 -4.61 42.00
CA LEU D 3 -11.04 -3.78 40.87
C LEU D 3 -10.90 -2.31 41.30
N ILE D 4 -9.75 -1.72 40.98
CA ILE D 4 -9.47 -0.32 41.31
C ILE D 4 -10.16 0.57 40.28
N PRO D 5 -11.09 1.45 40.67
CA PRO D 5 -11.72 2.33 39.70
C PRO D 5 -10.75 3.37 39.17
N SER D 6 -11.01 3.83 37.94
CA SER D 6 -10.18 4.86 37.34
C SER D 6 -10.39 6.19 38.05
N HIS D 7 -9.28 6.85 38.39
CA HIS D 7 -9.34 8.12 39.10
C HIS D 7 -10.13 9.16 38.29
N ALA D 8 -10.98 9.90 38.97
CA ALA D 8 -11.71 10.98 38.32
C ALA D 8 -10.72 12.03 37.81
N GLN D 9 -11.04 12.62 36.66
CA GLN D 9 -10.12 13.56 36.00
C GLN D 9 -10.35 15.00 36.41
N GLY D 10 -11.59 15.44 36.56
CA GLY D 10 -11.88 16.85 36.74
C GLY D 10 -11.67 17.41 38.13
N GLU D 11 -11.33 16.58 39.11
CA GLU D 11 -11.27 17.03 40.50
C GLU D 11 -9.90 17.59 40.91
N LEU D 12 -8.87 17.43 40.09
CA LEU D 12 -7.57 18.00 40.39
C LEU D 12 -7.01 18.70 39.16
N THR D 13 -6.26 19.77 39.41
CA THR D 13 -5.74 20.60 38.32
C THR D 13 -4.41 21.20 38.75
N GLY D 14 -3.67 21.69 37.76
CA GLY D 14 -2.40 22.34 38.04
C GLY D 14 -1.64 22.59 36.76
N ARG D 15 -0.39 23.02 36.93
CA ARG D 15 0.52 23.24 35.80
C ARG D 15 1.78 22.40 35.87
N GLY D 16 1.96 21.58 36.89
CA GLY D 16 3.08 20.67 36.95
C GLY D 16 2.87 19.46 36.07
N HIS D 17 3.89 18.61 36.02
CA HIS D 17 3.83 17.42 35.19
C HIS D 17 2.81 16.43 35.71
N LYS D 18 1.94 15.96 34.83
CA LYS D 18 1.03 14.88 35.17
C LYS D 18 1.65 13.52 34.83
N TRP D 19 1.16 12.49 35.51
CA TRP D 19 1.72 11.15 35.38
C TRP D 19 1.54 10.62 33.97
N LEU D 20 0.32 10.63 33.46
CA LEU D 20 0.01 10.04 32.16
C LEU D 20 -1.38 10.47 31.73
N GLU D 21 -1.52 10.95 30.50
CA GLU D 21 -2.77 11.56 30.07
C GLU D 21 -3.95 10.60 30.19
N GLY D 22 -5.05 11.09 30.77
CA GLY D 22 -6.25 10.31 30.93
C GLY D 22 -7.30 10.60 29.86
N ASP D 23 -8.47 10.00 30.04
CA ASP D 23 -9.55 10.13 29.07
C ASP D 23 -10.05 11.57 28.98
N SER D 24 -10.64 11.90 27.83
CA SER D 24 -11.23 13.21 27.59
C SER D 24 -12.18 13.11 26.43
N LEU D 25 -12.98 14.16 26.24
CA LEU D 25 -13.96 14.18 25.16
C LEU D 25 -13.28 14.03 23.80
N ARG D 26 -12.21 14.79 23.59
CA ARG D 26 -11.49 14.70 22.31
C ARG D 26 -10.90 13.31 22.11
N THR D 27 -10.38 12.71 23.19
CA THR D 27 -9.84 11.36 23.07
C THR D 27 -10.92 10.37 22.67
N HIS D 28 -12.10 10.46 23.29
CA HIS D 28 -13.18 9.56 22.93
C HIS D 28 -13.61 9.77 21.49
N LEU D 29 -13.70 11.03 21.04
CA LEU D 29 -14.07 11.28 19.66
C LEU D 29 -13.02 10.72 18.70
N THR D 30 -11.75 10.81 19.08
CA THR D 30 -10.69 10.19 18.28
C THR D 30 -10.90 8.69 18.17
N ARG D 31 -11.22 8.04 19.30
CA ARG D 31 -11.48 6.60 19.25
C ARG D 31 -12.69 6.28 18.39
N VAL D 32 -13.73 7.09 18.47
CA VAL D 32 -14.92 6.89 17.64
C VAL D 32 -14.55 6.93 16.16
N GLU D 33 -13.82 7.98 15.77
CA GLU D 33 -13.44 8.11 14.35
C GLU D 33 -12.56 6.95 13.91
N GLY D 34 -11.61 6.54 14.76
CA GLY D 34 -10.77 5.41 14.41
C GLY D 34 -11.58 4.13 14.24
N TRP D 35 -12.54 3.89 15.13
CA TRP D 35 -13.38 2.71 15.02
C TRP D 35 -14.20 2.73 13.73
N VAL D 36 -14.76 3.89 13.40
CA VAL D 36 -15.60 3.99 12.22
C VAL D 36 -14.78 3.64 10.99
N TRP D 37 -13.56 4.18 10.88
CA TRP D 37 -12.63 3.91 9.77
C TRP D 37 -12.21 2.44 9.70
N LYS D 38 -12.19 1.78 10.90
CA LYS D 38 -11.83 0.38 10.96
C LYS D 38 -12.97 -0.49 10.47
N ASN D 39 -14.18 -0.14 10.86
CA ASN D 39 -15.39 -0.90 10.48
C ASN D 39 -16.34 -0.09 9.62
N LYS D 40 -15.90 0.36 8.44
CA LYS D 40 -16.74 1.27 7.62
C LYS D 40 -18.06 0.70 7.30
N LEU D 41 -18.06 -0.55 6.93
CA LEU D 41 -19.28 -1.22 6.51
C LEU D 41 -20.33 -1.20 7.62
N LEU D 42 -19.95 -1.65 8.82
CA LEU D 42 -20.90 -1.69 9.92
C LEU D 42 -21.44 -0.30 10.24
N ALA D 43 -20.59 0.72 10.15
CA ALA D 43 -21.04 2.09 10.36
C ALA D 43 -22.16 2.45 9.38
N LEU D 44 -21.96 2.17 8.09
CA LEU D 44 -23.00 2.48 7.10
C LEU D 44 -24.25 1.67 7.36
N ALA D 45 -24.12 0.41 7.77
CA ALA D 45 -25.29 -0.39 8.09
C ALA D 45 -26.10 0.27 9.20
N MET D 46 -25.43 0.65 10.30
CA MET D 46 -26.14 1.31 11.40
C MET D 46 -26.78 2.59 10.94
N VAL D 47 -26.08 3.38 10.13
CA VAL D 47 -26.63 4.66 9.66
C VAL D 47 -27.87 4.42 8.82
N THR D 48 -27.77 3.51 7.84
CA THR D 48 -28.86 3.33 6.88
C THR D 48 -30.11 2.75 7.55
N VAL D 49 -29.95 1.80 8.48
CA VAL D 49 -31.12 1.22 9.11
C VAL D 49 -31.96 2.30 9.76
N VAL D 50 -31.33 3.17 10.55
CA VAL D 50 -32.06 4.21 11.26
C VAL D 50 -32.57 5.27 10.28
N TRP D 51 -31.75 5.65 9.30
CA TRP D 51 -32.21 6.62 8.30
C TRP D 51 -33.48 6.12 7.61
N LEU D 52 -33.59 4.80 7.42
CA LEU D 52 -34.76 4.25 6.75
C LEU D 52 -35.95 4.12 7.69
N THR D 53 -35.72 3.80 8.96
CA THR D 53 -36.83 3.48 9.86
C THR D 53 -37.33 4.66 10.69
N LEU D 54 -36.50 5.66 10.97
CA LEU D 54 -36.88 6.81 11.79
C LEU D 54 -37.09 8.03 10.91
N GLU D 55 -38.21 8.71 11.12
CA GLU D 55 -38.60 9.82 10.26
C GLU D 55 -38.11 11.18 10.76
N SER D 56 -37.93 11.34 12.08
CA SER D 56 -37.64 12.65 12.65
C SER D 56 -36.13 12.88 12.70
N VAL D 57 -35.70 14.03 12.17
CA VAL D 57 -34.27 14.34 12.08
C VAL D 57 -33.63 14.36 13.46
N VAL D 58 -34.27 15.02 14.43
CA VAL D 58 -33.69 15.12 15.76
C VAL D 58 -33.53 13.75 16.38
N THR D 59 -34.53 12.88 16.21
CA THR D 59 -34.45 11.52 16.73
C THR D 59 -33.30 10.76 16.09
N ARG D 60 -33.16 10.88 14.76
CA ARG D 60 -32.05 10.21 14.09
C ARG D 60 -30.71 10.72 14.61
N VAL D 61 -30.57 12.04 14.79
CA VAL D 61 -29.32 12.59 15.31
C VAL D 61 -29.03 12.01 16.69
N ALA D 62 -30.03 12.01 17.57
CA ALA D 62 -29.84 11.51 18.93
C ALA D 62 -29.36 10.05 18.91
N VAL D 63 -30.10 9.20 18.19
CA VAL D 63 -29.75 7.77 18.17
C VAL D 63 -28.37 7.56 17.55
N LEU D 64 -28.06 8.29 16.48
CA LEU D 64 -26.74 8.17 15.86
C LEU D 64 -25.65 8.54 16.84
N VAL D 65 -25.82 9.65 17.57
CA VAL D 65 -24.80 10.07 18.53
C VAL D 65 -24.63 9.00 19.60
N VAL D 66 -25.73 8.47 20.13
CA VAL D 66 -25.63 7.45 21.17
C VAL D 66 -24.86 6.25 20.64
N LEU D 67 -25.26 5.75 19.47
CA LEU D 67 -24.62 4.56 18.91
C LEU D 67 -23.13 4.80 18.68
N LEU D 68 -22.78 5.95 18.10
CA LEU D 68 -21.37 6.24 17.83
C LEU D 68 -20.57 6.31 19.11
N CYS D 69 -21.11 6.98 20.14
CA CYS D 69 -20.39 7.08 21.41
C CYS D 69 -20.19 5.71 22.04
N LEU D 70 -21.20 4.83 21.95
CA LEU D 70 -21.06 3.49 22.52
C LEU D 70 -20.22 2.55 21.66
N ALA D 71 -20.01 2.88 20.38
CA ALA D 71 -19.32 1.96 19.48
C ALA D 71 -17.94 1.53 19.99
N PRO D 72 -17.04 2.46 20.34
CA PRO D 72 -15.69 2.01 20.72
C PRO D 72 -15.66 1.06 21.90
N VAL D 73 -16.51 1.29 22.92
CA VAL D 73 -16.52 0.40 24.07
C VAL D 73 -17.13 -0.94 23.70
N TYR D 74 -18.08 -0.95 22.77
CA TYR D 74 -18.70 -2.20 22.31
C TYR D 74 -18.61 -2.31 20.80
N SER E 1 6.88 4.39 -5.18
CA SER E 1 7.50 5.15 -6.30
C SER E 1 7.70 6.61 -5.91
N VAL E 2 8.82 7.19 -6.35
CA VAL E 2 9.08 8.60 -6.08
C VAL E 2 8.11 9.44 -6.88
N LEU E 3 7.41 10.36 -6.19
CA LEU E 3 6.39 11.21 -6.83
C LEU E 3 6.63 12.65 -6.37
N ILE E 4 7.46 13.36 -7.13
CA ILE E 4 7.73 14.77 -6.84
C ILE E 4 6.65 15.61 -7.50
N PRO E 5 5.82 16.31 -6.74
CA PRO E 5 4.78 17.14 -7.37
C PRO E 5 5.35 18.41 -7.97
N SER E 6 4.69 18.88 -9.03
CA SER E 6 5.15 20.06 -9.73
C SER E 6 4.97 21.32 -8.89
N HIS E 7 5.95 22.22 -8.97
CA HIS E 7 5.94 23.43 -8.18
C HIS E 7 4.80 24.36 -8.60
N ALA E 8 4.23 25.05 -7.62
CA ALA E 8 3.18 26.02 -7.90
C ALA E 8 3.73 27.18 -8.70
N GLN E 9 2.85 27.81 -9.49
CA GLN E 9 3.27 28.85 -10.43
C GLN E 9 3.29 30.23 -9.79
N GLY E 10 2.16 30.67 -9.25
CA GLY E 10 1.97 32.07 -8.92
C GLY E 10 2.58 32.57 -7.63
N GLU E 11 3.10 31.69 -6.77
CA GLU E 11 3.53 32.14 -5.46
C GLU E 11 4.86 32.89 -5.47
N LEU E 12 5.70 32.71 -6.49
CA LEU E 12 6.97 33.41 -6.59
C LEU E 12 7.04 34.18 -7.91
N THR E 13 7.58 35.38 -7.84
CA THR E 13 7.65 36.28 -8.98
C THR E 13 8.97 37.04 -8.96
N GLY E 14 9.28 37.64 -10.10
CA GLY E 14 10.50 38.43 -10.21
C GLY E 14 10.68 38.89 -11.64
N ARG E 15 11.89 39.40 -11.91
CA ARG E 15 12.26 39.80 -13.24
C ARG E 15 13.54 39.15 -13.74
N GLY E 16 14.17 38.31 -12.94
CA GLY E 16 15.30 37.53 -13.40
C GLY E 16 14.86 36.36 -14.25
N HIS E 17 15.84 35.61 -14.73
CA HIS E 17 15.55 34.49 -15.62
C HIS E 17 14.84 33.38 -14.86
N LYS E 18 13.84 32.80 -15.50
CA LYS E 18 13.15 31.63 -14.97
C LYS E 18 13.67 30.36 -15.64
N TRP E 19 13.54 29.25 -14.92
CA TRP E 19 14.15 28.00 -15.36
C TRP E 19 13.51 27.49 -16.64
N LEU E 20 12.18 27.37 -16.66
CA LEU E 20 11.48 26.91 -17.85
C LEU E 20 10.10 27.54 -17.90
N GLU E 21 9.50 27.49 -19.09
CA GLU E 21 8.12 27.96 -19.25
C GLU E 21 7.17 27.04 -18.49
N GLY E 22 6.26 27.65 -17.72
CA GLY E 22 5.33 26.89 -16.93
C GLY E 22 4.18 26.31 -17.72
N ASP E 23 3.42 25.44 -17.06
CA ASP E 23 2.23 24.87 -17.68
C ASP E 23 1.22 25.97 -18.01
N SER E 24 0.48 25.78 -19.08
CA SER E 24 -0.43 26.82 -19.55
C SER E 24 -1.59 26.19 -20.32
N LEU E 25 -2.63 27.03 -20.52
CA LEU E 25 -3.81 26.59 -21.26
C LEU E 25 -3.45 26.16 -22.67
N ARG E 26 -2.54 26.88 -23.32
CA ARG E 26 -2.08 26.47 -24.65
C ARG E 26 -1.43 25.10 -24.60
N THR E 27 -0.60 24.85 -23.59
CA THR E 27 -0.01 23.52 -23.44
C THR E 27 -1.09 22.45 -23.27
N HIS E 28 -2.10 22.75 -22.44
CA HIS E 28 -3.20 21.82 -22.24
C HIS E 28 -3.87 21.46 -23.56
N LEU E 29 -4.23 22.49 -24.34
CA LEU E 29 -4.89 22.25 -25.62
C LEU E 29 -3.99 21.47 -26.57
N THR E 30 -2.69 21.77 -26.57
CA THR E 30 -1.76 21.02 -27.41
C THR E 30 -1.75 19.54 -27.04
N ARG E 31 -1.73 19.24 -25.73
CA ARG E 31 -1.76 17.85 -25.29
C ARG E 31 -3.05 17.17 -25.70
N VAL E 32 -4.18 17.88 -25.56
CA VAL E 32 -5.47 17.31 -26.01
C VAL E 32 -5.39 16.97 -27.49
N GLU E 33 -4.86 17.89 -28.31
CA GLU E 33 -4.71 17.63 -29.73
C GLU E 33 -3.87 16.38 -29.97
N GLY E 34 -2.74 16.26 -29.26
CA GLY E 34 -1.91 15.08 -29.42
C GLY E 34 -2.66 13.79 -29.11
N TRP E 35 -3.50 13.82 -28.07
CA TRP E 35 -4.26 12.62 -27.70
C TRP E 35 -5.33 12.29 -28.75
N VAL E 36 -5.99 13.31 -29.29
CA VAL E 36 -7.12 13.07 -30.19
C VAL E 36 -6.69 12.28 -31.42
N TRP E 37 -5.55 12.64 -32.02
CA TRP E 37 -5.12 11.93 -33.21
C TRP E 37 -4.94 10.45 -32.95
N LYS E 38 -4.34 10.10 -31.82
CA LYS E 38 -4.17 8.68 -31.51
C LYS E 38 -5.50 7.99 -31.23
N ASN E 39 -6.47 8.71 -30.64
CA ASN E 39 -7.74 8.10 -30.25
C ASN E 39 -8.93 8.60 -31.07
N LYS E 40 -8.72 8.88 -32.36
CA LYS E 40 -9.77 9.46 -33.18
C LYS E 40 -11.08 8.67 -33.20
N LEU E 41 -11.03 7.36 -33.37
CA LEU E 41 -12.27 6.59 -33.46
C LEU E 41 -13.12 6.78 -32.21
N LEU E 42 -12.50 6.66 -31.04
CA LEU E 42 -13.23 6.91 -29.79
C LEU E 42 -13.66 8.38 -29.72
N ALA E 43 -12.86 9.28 -30.27
CA ALA E 43 -13.25 10.70 -30.30
C ALA E 43 -14.55 10.89 -31.05
N LEU E 44 -14.63 10.35 -32.27
CA LEU E 44 -15.85 10.46 -33.05
C LEU E 44 -17.01 9.79 -32.32
N ALA E 45 -16.78 8.63 -31.71
CA ALA E 45 -17.85 7.96 -30.97
C ALA E 45 -18.39 8.86 -29.86
N MET E 46 -17.49 9.40 -29.03
CA MET E 46 -17.92 10.20 -27.89
C MET E 46 -18.63 11.47 -28.33
N VAL E 47 -18.14 12.12 -29.38
CA VAL E 47 -18.80 13.34 -29.84
C VAL E 47 -20.18 13.02 -30.42
N THR E 48 -20.26 11.99 -31.27
CA THR E 48 -21.53 11.70 -31.94
C THR E 48 -22.60 11.29 -30.94
N VAL E 49 -22.25 10.45 -29.96
CA VAL E 49 -23.29 9.95 -29.05
C VAL E 49 -23.91 11.11 -28.27
N VAL E 50 -23.07 12.00 -27.73
CA VAL E 50 -23.59 13.11 -26.94
C VAL E 50 -24.35 14.09 -27.83
N TRP E 51 -23.80 14.41 -29.00
CA TRP E 51 -24.46 15.35 -29.89
C TRP E 51 -25.83 14.83 -30.32
N LEU E 52 -25.97 13.52 -30.49
CA LEU E 52 -27.26 12.95 -30.84
C LEU E 52 -28.21 12.97 -29.65
N THR E 53 -27.75 12.51 -28.48
CA THR E 53 -28.66 12.26 -27.38
C THR E 53 -29.10 13.53 -26.65
N LEU E 54 -28.20 14.50 -26.46
CA LEU E 54 -28.56 15.68 -25.69
C LEU E 54 -29.31 16.69 -26.55
N GLU E 55 -30.08 17.54 -25.88
CA GLU E 55 -31.06 18.41 -26.53
C GLU E 55 -30.56 19.83 -26.79
N SER E 56 -29.66 20.35 -25.95
CA SER E 56 -29.29 21.76 -25.99
C SER E 56 -27.86 21.96 -26.48
N VAL E 57 -27.68 22.97 -27.33
CA VAL E 57 -26.38 23.24 -27.94
C VAL E 57 -25.35 23.57 -26.86
N VAL E 58 -25.68 24.48 -25.96
CA VAL E 58 -24.72 24.93 -24.95
C VAL E 58 -24.33 23.76 -24.05
N THR E 59 -25.32 22.96 -23.64
CA THR E 59 -25.02 21.82 -22.79
C THR E 59 -24.11 20.83 -23.50
N ARG E 60 -24.40 20.55 -24.78
CA ARG E 60 -23.54 19.63 -25.53
C ARG E 60 -22.11 20.18 -25.63
N VAL E 61 -21.97 21.48 -25.90
CA VAL E 61 -20.64 22.07 -25.97
C VAL E 61 -19.91 21.93 -24.64
N ALA E 62 -20.61 22.20 -23.54
CA ALA E 62 -19.99 22.11 -22.22
C ALA E 62 -19.51 20.68 -21.95
N VAL E 63 -20.36 19.69 -22.21
CA VAL E 63 -19.98 18.30 -21.97
C VAL E 63 -18.80 17.90 -22.83
N LEU E 64 -18.81 18.31 -24.11
CA LEU E 64 -17.68 18.00 -24.98
C LEU E 64 -16.38 18.59 -24.43
N VAL E 65 -16.43 19.86 -24.01
CA VAL E 65 -15.24 20.51 -23.45
C VAL E 65 -14.74 19.71 -22.25
N VAL E 66 -15.64 19.40 -21.32
CA VAL E 66 -15.24 18.70 -20.11
C VAL E 66 -14.61 17.35 -20.45
N LEU E 67 -15.26 16.59 -21.34
CA LEU E 67 -14.74 15.28 -21.71
C LEU E 67 -13.35 15.39 -22.32
N LEU E 68 -13.16 16.32 -23.26
CA LEU E 68 -11.85 16.46 -23.90
C LEU E 68 -10.79 16.83 -22.87
N CYS E 69 -11.10 17.77 -21.97
CA CYS E 69 -10.13 18.15 -20.95
C CYS E 69 -9.78 16.97 -20.05
N LEU E 70 -10.78 16.16 -19.68
CA LEU E 70 -10.54 15.04 -18.78
C LEU E 70 -9.84 13.86 -19.44
N ALA E 71 -9.93 13.74 -20.76
CA ALA E 71 -9.45 12.52 -21.43
C ALA E 71 -7.97 12.26 -21.25
N PRO E 72 -7.06 13.19 -21.56
CA PRO E 72 -5.64 12.80 -21.68
C PRO E 72 -4.91 12.60 -20.36
N VAL E 73 -5.27 13.34 -19.31
CA VAL E 73 -4.44 13.36 -18.10
C VAL E 73 -4.29 11.96 -17.51
N TYR E 74 -5.30 11.11 -17.66
CA TYR E 74 -5.24 9.77 -17.09
C TYR E 74 -4.71 8.76 -18.11
N SER F 1 10.20 20.36 -22.56
CA SER F 1 10.00 19.20 -21.65
C SER F 1 9.65 17.94 -22.43
N VAL F 2 10.09 16.80 -21.92
CA VAL F 2 9.83 15.49 -22.54
C VAL F 2 8.87 14.73 -21.65
N LEU F 3 7.80 14.20 -22.25
CA LEU F 3 6.76 13.49 -21.53
C LEU F 3 6.72 12.05 -22.03
N ILE F 4 7.10 11.12 -21.15
CA ILE F 4 7.03 9.69 -21.47
C ILE F 4 5.73 9.18 -20.86
N PRO F 5 4.67 9.00 -21.64
CA PRO F 5 3.39 8.62 -21.06
C PRO F 5 3.41 7.22 -20.48
N SER F 6 2.59 7.03 -19.44
CA SER F 6 2.53 5.76 -18.74
C SER F 6 1.97 4.67 -19.66
N HIS F 7 2.51 3.46 -19.50
CA HIS F 7 2.09 2.34 -20.32
C HIS F 7 0.65 1.94 -19.99
N ALA F 8 -0.09 1.57 -21.03
CA ALA F 8 -1.45 1.10 -20.84
C ALA F 8 -1.45 -0.17 -19.98
N GLN F 9 -2.50 -0.33 -19.18
CA GLN F 9 -2.49 -1.36 -18.15
C GLN F 9 -2.84 -2.74 -18.70
N GLY F 10 -3.95 -2.86 -19.42
CA GLY F 10 -4.48 -4.14 -19.80
C GLY F 10 -4.13 -4.67 -21.17
N GLU F 11 -3.27 -3.99 -21.92
CA GLU F 11 -3.01 -4.41 -23.30
C GLU F 11 -2.15 -5.67 -23.35
N LEU F 12 -1.31 -5.89 -22.35
CA LEU F 12 -0.33 -6.98 -22.38
C LEU F 12 -0.29 -7.63 -21.01
N THR F 13 -0.30 -8.96 -20.97
CA THR F 13 -0.50 -9.65 -19.69
C THR F 13 0.10 -11.04 -19.76
N GLY F 14 0.04 -11.74 -18.62
CA GLY F 14 0.55 -13.09 -18.47
C GLY F 14 0.67 -13.46 -17.00
N ARG F 15 1.60 -14.37 -16.72
CA ARG F 15 1.83 -14.86 -15.37
C ARG F 15 3.27 -14.74 -14.90
N GLY F 16 4.13 -14.05 -15.65
CA GLY F 16 5.48 -13.80 -15.19
C GLY F 16 5.53 -12.66 -14.19
N HIS F 17 6.75 -12.38 -13.72
CA HIS F 17 6.94 -11.28 -12.79
C HIS F 17 6.70 -9.94 -13.48
N LYS F 18 5.82 -9.13 -12.89
CA LYS F 18 5.65 -7.78 -13.35
C LYS F 18 6.69 -6.87 -12.72
N TRP F 19 6.91 -5.71 -13.36
CA TRP F 19 7.92 -4.78 -12.89
C TRP F 19 7.47 -4.10 -11.60
N LEU F 20 6.33 -3.40 -11.65
CA LEU F 20 5.73 -2.83 -10.47
C LEU F 20 4.22 -2.87 -10.61
N GLU F 21 3.52 -2.75 -9.48
CA GLU F 21 2.06 -2.77 -9.50
C GLU F 21 1.53 -1.49 -10.13
N GLY F 22 0.82 -1.62 -11.25
CA GLY F 22 0.29 -0.48 -11.95
C GLY F 22 -1.02 0.02 -11.35
N ASP F 23 -1.46 1.18 -11.84
CA ASP F 23 -2.71 1.76 -11.37
C ASP F 23 -3.86 0.79 -11.63
N SER F 24 -4.68 0.60 -10.59
CA SER F 24 -5.80 -0.33 -10.68
C SER F 24 -6.89 0.11 -9.72
N LEU F 25 -8.00 -0.64 -9.75
CA LEU F 25 -9.14 -0.33 -8.91
C LEU F 25 -8.76 -0.24 -7.44
N ARG F 26 -7.97 -1.21 -6.95
CA ARG F 26 -7.55 -1.17 -5.57
C ARG F 26 -6.80 0.12 -5.26
N THR F 27 -5.83 0.47 -6.11
CA THR F 27 -5.03 1.66 -5.87
C THR F 27 -5.90 2.92 -5.86
N HIS F 28 -6.84 3.03 -6.81
CA HIS F 28 -7.64 4.25 -6.86
C HIS F 28 -8.62 4.32 -5.69
N LEU F 29 -9.19 3.18 -5.28
CA LEU F 29 -10.02 3.18 -4.08
C LEU F 29 -9.22 3.63 -2.87
N THR F 30 -7.99 3.13 -2.74
CA THR F 30 -7.14 3.55 -1.64
C THR F 30 -6.89 5.05 -1.70
N ARG F 31 -6.57 5.58 -2.88
CA ARG F 31 -6.31 7.02 -3.02
C ARG F 31 -7.51 7.84 -2.62
N VAL F 32 -8.70 7.52 -3.16
CA VAL F 32 -9.88 8.32 -2.85
C VAL F 32 -10.20 8.24 -1.36
N GLU F 33 -10.13 7.04 -0.79
CA GLU F 33 -10.40 6.90 0.64
C GLU F 33 -9.44 7.75 1.47
N GLY F 34 -8.14 7.63 1.21
CA GLY F 34 -7.17 8.42 1.94
C GLY F 34 -7.37 9.91 1.77
N TRP F 35 -7.70 10.34 0.54
CA TRP F 35 -7.92 11.75 0.29
C TRP F 35 -9.12 12.26 1.08
N VAL F 36 -10.19 11.48 1.12
CA VAL F 36 -11.38 11.91 1.83
C VAL F 36 -11.02 12.10 3.29
N TRP F 37 -10.29 11.14 3.88
CA TRP F 37 -9.84 11.17 5.26
C TRP F 37 -8.83 12.29 5.51
N LYS F 38 -8.27 12.83 4.37
CA LYS F 38 -7.35 13.95 4.47
C LYS F 38 -8.17 15.22 4.35
N ASN F 39 -9.10 15.25 3.41
CA ASN F 39 -9.94 16.42 3.19
C ASN F 39 -11.34 16.10 3.63
N LYS F 40 -11.51 15.88 4.93
CA LYS F 40 -12.79 15.50 5.45
C LYS F 40 -13.76 16.60 5.26
N LEU F 41 -13.45 17.68 5.88
CA LEU F 41 -14.36 18.83 5.89
C LEU F 41 -14.84 19.16 4.49
N LEU F 42 -13.90 19.33 3.55
CA LEU F 42 -14.28 19.63 2.17
C LEU F 42 -15.09 18.48 1.57
N ALA F 43 -14.72 17.24 1.88
CA ALA F 43 -15.46 16.10 1.35
C ALA F 43 -16.92 16.14 1.79
N LEU F 44 -17.17 16.30 3.08
CA LEU F 44 -18.53 16.36 3.58
C LEU F 44 -19.26 17.56 3.02
N ALA F 45 -18.56 18.69 2.86
CA ALA F 45 -19.21 19.87 2.30
C ALA F 45 -19.72 19.58 0.89
N MET F 46 -18.86 19.04 0.03
CA MET F 46 -19.27 18.73 -1.34
C MET F 46 -20.41 17.70 -1.34
N VAL F 47 -20.27 16.66 -0.52
CA VAL F 47 -21.27 15.59 -0.51
C VAL F 47 -22.64 16.15 -0.12
N THR F 48 -22.68 16.95 0.95
CA THR F 48 -23.96 17.49 1.40
C THR F 48 -24.53 18.49 0.39
N VAL F 49 -23.66 19.31 -0.22
CA VAL F 49 -24.14 20.24 -1.25
C VAL F 49 -24.85 19.48 -2.36
N VAL F 50 -24.18 18.45 -2.89
CA VAL F 50 -24.77 17.69 -3.99
C VAL F 50 -26.06 17.01 -3.54
N TRP F 51 -26.00 16.31 -2.40
CA TRP F 51 -27.18 15.59 -1.91
C TRP F 51 -28.37 16.54 -1.74
N LEU F 52 -28.12 17.76 -1.27
CA LEU F 52 -29.20 18.71 -1.09
C LEU F 52 -29.73 19.22 -2.42
N THR F 53 -28.83 19.54 -3.36
CA THR F 53 -29.23 20.23 -4.59
C THR F 53 -29.87 19.30 -5.62
N LEU F 54 -29.32 18.12 -5.84
CA LEU F 54 -29.73 17.29 -6.96
C LEU F 54 -30.94 16.45 -6.56
N GLU F 55 -31.91 16.38 -7.47
CA GLU F 55 -33.28 15.99 -7.11
C GLU F 55 -33.53 14.49 -7.02
N SER F 56 -32.70 13.64 -7.63
CA SER F 56 -33.03 12.23 -7.73
C SER F 56 -31.88 11.36 -7.20
N VAL F 57 -32.25 10.20 -6.66
CA VAL F 57 -31.28 9.31 -6.00
C VAL F 57 -30.19 8.88 -6.98
N VAL F 58 -30.60 8.39 -8.16
CA VAL F 58 -29.62 7.83 -9.07
C VAL F 58 -28.67 8.92 -9.56
N THR F 59 -29.17 10.12 -9.84
CA THR F 59 -28.29 11.18 -10.32
C THR F 59 -27.38 11.66 -9.20
N ARG F 60 -27.88 11.74 -7.97
CA ARG F 60 -27.00 12.04 -6.85
C ARG F 60 -25.87 11.04 -6.75
N VAL F 61 -26.21 9.75 -6.84
CA VAL F 61 -25.17 8.71 -6.78
C VAL F 61 -24.16 8.92 -7.89
N ALA F 62 -24.63 9.13 -9.12
CA ALA F 62 -23.71 9.31 -10.24
C ALA F 62 -22.77 10.49 -10.02
N VAL F 63 -23.33 11.65 -9.68
CA VAL F 63 -22.52 12.85 -9.51
C VAL F 63 -21.52 12.67 -8.38
N LEU F 64 -21.98 12.13 -7.24
CA LEU F 64 -21.07 11.90 -6.12
C LEU F 64 -19.94 10.97 -6.50
N VAL F 65 -20.27 9.88 -7.21
CA VAL F 65 -19.24 8.93 -7.63
C VAL F 65 -18.20 9.62 -8.50
N VAL F 66 -18.67 10.36 -9.51
CA VAL F 66 -17.73 11.01 -10.44
C VAL F 66 -16.85 12.01 -9.70
N LEU F 67 -17.46 12.84 -8.84
CA LEU F 67 -16.69 13.85 -8.13
C LEU F 67 -15.67 13.21 -7.20
N LEU F 68 -16.06 12.17 -6.47
CA LEU F 68 -15.11 11.50 -5.58
C LEU F 68 -13.97 10.88 -6.37
N CYS F 69 -14.27 10.28 -7.52
CA CYS F 69 -13.20 9.70 -8.35
C CYS F 69 -12.24 10.79 -8.82
N LEU F 70 -12.74 11.94 -9.25
CA LEU F 70 -11.89 12.99 -9.79
C LEU F 70 -11.26 13.88 -8.72
N ALA F 71 -11.67 13.75 -7.46
CA ALA F 71 -11.23 14.67 -6.41
C ALA F 71 -9.72 14.83 -6.32
N PRO F 72 -8.92 13.76 -6.33
CA PRO F 72 -7.47 13.94 -6.15
C PRO F 72 -6.81 14.81 -7.21
N VAL F 73 -7.47 15.04 -8.35
CA VAL F 73 -6.92 15.83 -9.45
C VAL F 73 -5.44 15.53 -9.66
#